data_2BDT
# 
_entry.id   2BDT 
# 
_audit_conform.dict_name       mmcif_pdbx.dic 
_audit_conform.dict_version    5.398 
_audit_conform.dict_location   http://mmcif.pdb.org/dictionaries/ascii/mmcif_pdbx.dic 
# 
loop_
_database_2.database_id 
_database_2.database_code 
_database_2.pdbx_database_accession 
_database_2.pdbx_DOI 
PDB   2BDT         pdb_00002bdt 10.2210/pdb2bdt/pdb 
RCSB  RCSB034975   ?            ?                   
WWPDB D_1000034975 ?            ?                   
# 
loop_
_pdbx_audit_revision_history.ordinal 
_pdbx_audit_revision_history.data_content_type 
_pdbx_audit_revision_history.major_revision 
_pdbx_audit_revision_history.minor_revision 
_pdbx_audit_revision_history.revision_date 
1 'Structure model' 1 0 2005-11-01 
2 'Structure model' 1 1 2008-05-01 
3 'Structure model' 1 2 2011-07-13 
4 'Structure model' 1 3 2017-10-18 
5 'Structure model' 1 4 2024-11-13 
# 
_pdbx_audit_revision_details.ordinal             1 
_pdbx_audit_revision_details.revision_ordinal    1 
_pdbx_audit_revision_details.data_content_type   'Structure model' 
_pdbx_audit_revision_details.provider            repository 
_pdbx_audit_revision_details.type                'Initial release' 
_pdbx_audit_revision_details.description         ? 
_pdbx_audit_revision_details.details             ? 
# 
loop_
_pdbx_audit_revision_group.ordinal 
_pdbx_audit_revision_group.revision_ordinal 
_pdbx_audit_revision_group.data_content_type 
_pdbx_audit_revision_group.group 
1 2 'Structure model' 'Version format compliance' 
2 3 'Structure model' 'Source and taxonomy'       
3 3 'Structure model' 'Version format compliance' 
4 4 'Structure model' 'Refinement description'    
5 5 'Structure model' 'Data collection'           
6 5 'Structure model' 'Database references'       
7 5 'Structure model' 'Derived calculations'      
8 5 'Structure model' 'Structure summary'         
# 
loop_
_pdbx_audit_revision_category.ordinal 
_pdbx_audit_revision_category.revision_ordinal 
_pdbx_audit_revision_category.data_content_type 
_pdbx_audit_revision_category.category 
1 4 'Structure model' software                  
2 5 'Structure model' chem_comp_atom            
3 5 'Structure model' chem_comp_bond            
4 5 'Structure model' database_2                
5 5 'Structure model' pdbx_entry_details        
6 5 'Structure model' pdbx_modification_feature 
7 5 'Structure model' struct_conn               
8 5 'Structure model' struct_ref_seq_dif        
9 5 'Structure model' struct_site               
# 
loop_
_pdbx_audit_revision_item.ordinal 
_pdbx_audit_revision_item.revision_ordinal 
_pdbx_audit_revision_item.data_content_type 
_pdbx_audit_revision_item.item 
1 4 'Structure model' '_software.name'                      
2 5 'Structure model' '_database_2.pdbx_DOI'                
3 5 'Structure model' '_database_2.pdbx_database_accession' 
4 5 'Structure model' '_struct_conn.pdbx_leaving_atom_flag' 
5 5 'Structure model' '_struct_ref_seq_dif.details'         
6 5 'Structure model' '_struct_site.pdbx_auth_asym_id'      
7 5 'Structure model' '_struct_site.pdbx_auth_comp_id'      
8 5 'Structure model' '_struct_site.pdbx_auth_seq_id'       
# 
_pdbx_database_status.status_code                     REL 
_pdbx_database_status.entry_id                        2BDT 
_pdbx_database_status.recvd_initial_deposition_date   2005-10-20 
_pdbx_database_status.deposit_site                    RCSB 
_pdbx_database_status.process_site                    RCSB 
_pdbx_database_status.status_code_sf                  REL 
_pdbx_database_status.status_code_mr                  ? 
_pdbx_database_status.SG_entry                        Y 
_pdbx_database_status.pdb_format_compatible           Y 
_pdbx_database_status.status_code_cs                  ? 
_pdbx_database_status.methods_development_category    ? 
_pdbx_database_status.status_code_nmr_data            ? 
# 
_pdbx_database_related.db_name        TargetDB 
_pdbx_database_related.db_id          BhR61 
_pdbx_database_related.details        . 
_pdbx_database_related.content_type   unspecified 
# 
loop_
_audit_author.name 
_audit_author.pdbx_ordinal 
'Forouhar, F.'                                    1  
'Abashidze, M.'                                   2  
'Jayaraman, S.'                                   3  
'Janjua, H.'                                      4  
'Cooper, B.'                                      5  
'Xiao, R.'                                        6  
'Acton, T.B.'                                     7  
'Montelione, G.T.'                                8  
'Tong, L.'                                        9  
'Hunt, J.F.'                                      10 
'Northeast Structural Genomics Consortium (NESG)' 11 
# 
_citation.id                        primary 
_citation.title                     
'Crystal Structure of the Putative Gluconate Kinase from Bacillus halodurans, Northeast Structural Genomics Target BhR61' 
_citation.journal_abbrev            'To be Published' 
_citation.journal_volume            ? 
_citation.page_first                ? 
_citation.page_last                 ? 
_citation.year                      ? 
_citation.journal_id_ASTM           ? 
_citation.country                   ? 
_citation.journal_id_ISSN           ? 
_citation.journal_id_CSD            0353 
_citation.book_publisher            ? 
_citation.pdbx_database_id_PubMed   ? 
_citation.pdbx_database_id_DOI      ? 
# 
loop_
_citation_author.citation_id 
_citation_author.name 
_citation_author.ordinal 
_citation_author.identifier_ORCID 
primary 'Forouhar, F.'     1  ? 
primary 'Abashidze, M.'    2  ? 
primary 'Jayaraman, S.'    3  ? 
primary 'Janjua, H.'       4  ? 
primary 'Cooper, B.'       5  ? 
primary 'Xiao, R.'         6  ? 
primary 'Acton, T.B.'      7  ? 
primary 'Montelione, G.T.' 8  ? 
primary 'Tong, L.'         9  ? 
primary 'Hunt, J.F.'       10 ? 
# 
loop_
_entity.id 
_entity.type 
_entity.src_method 
_entity.pdbx_description 
_entity.formula_weight 
_entity.pdbx_number_of_molecules 
_entity.pdbx_ec 
_entity.pdbx_mutation 
_entity.pdbx_fragment 
_entity.details 
1 polymer     man BH3686        22009.365 1  ? ? ? ? 
2 non-polymer syn 'SULFATE ION' 96.063    1  ? ? ? ? 
3 water       nat water         18.015    36 ? ? ? ? 
# 
_entity_poly.entity_id                      1 
_entity_poly.type                           'polypeptide(L)' 
_entity_poly.nstd_linkage                   no 
_entity_poly.nstd_monomer                   yes 
_entity_poly.pdbx_seq_one_letter_code       
;(MSE)KKLYIITGPAGVGKSTTCKRLAAQLDNSAYIEGDIINH(MSE)VVGGYRPPWESDELLALTWKNITDLTVNFLLA
QNDVVLDYIAFPDEAEALAQTVQAKVDDVEIRFIILWTNREELLRRDALRKKDEQ(MSE)GERCLELVEEFESKGIDERY
FYNTSHLQPTNLNDIVKNLKTNPRFIFC(MSE)AGDPLEHHHHHH
;
_entity_poly.pdbx_seq_one_letter_code_can   
;MKKLYIITGPAGVGKSTTCKRLAAQLDNSAYIEGDIINHMVVGGYRPPWESDELLALTWKNITDLTVNFLLAQNDVVLDY
IAFPDEAEALAQTVQAKVDDVEIRFIILWTNREELLRRDALRKKDEQMGERCLELVEEFESKGIDERYFYNTSHLQPTNL
NDIVKNLKTNPRFIFCMAGDPLEHHHHHH
;
_entity_poly.pdbx_strand_id                 A 
_entity_poly.pdbx_target_identifier         BhR61 
# 
loop_
_pdbx_entity_nonpoly.entity_id 
_pdbx_entity_nonpoly.name 
_pdbx_entity_nonpoly.comp_id 
2 'SULFATE ION' SO4 
3 water         HOH 
# 
loop_
_entity_poly_seq.entity_id 
_entity_poly_seq.num 
_entity_poly_seq.mon_id 
_entity_poly_seq.hetero 
1 1   MSE n 
1 2   LYS n 
1 3   LYS n 
1 4   LEU n 
1 5   TYR n 
1 6   ILE n 
1 7   ILE n 
1 8   THR n 
1 9   GLY n 
1 10  PRO n 
1 11  ALA n 
1 12  GLY n 
1 13  VAL n 
1 14  GLY n 
1 15  LYS n 
1 16  SER n 
1 17  THR n 
1 18  THR n 
1 19  CYS n 
1 20  LYS n 
1 21  ARG n 
1 22  LEU n 
1 23  ALA n 
1 24  ALA n 
1 25  GLN n 
1 26  LEU n 
1 27  ASP n 
1 28  ASN n 
1 29  SER n 
1 30  ALA n 
1 31  TYR n 
1 32  ILE n 
1 33  GLU n 
1 34  GLY n 
1 35  ASP n 
1 36  ILE n 
1 37  ILE n 
1 38  ASN n 
1 39  HIS n 
1 40  MSE n 
1 41  VAL n 
1 42  VAL n 
1 43  GLY n 
1 44  GLY n 
1 45  TYR n 
1 46  ARG n 
1 47  PRO n 
1 48  PRO n 
1 49  TRP n 
1 50  GLU n 
1 51  SER n 
1 52  ASP n 
1 53  GLU n 
1 54  LEU n 
1 55  LEU n 
1 56  ALA n 
1 57  LEU n 
1 58  THR n 
1 59  TRP n 
1 60  LYS n 
1 61  ASN n 
1 62  ILE n 
1 63  THR n 
1 64  ASP n 
1 65  LEU n 
1 66  THR n 
1 67  VAL n 
1 68  ASN n 
1 69  PHE n 
1 70  LEU n 
1 71  LEU n 
1 72  ALA n 
1 73  GLN n 
1 74  ASN n 
1 75  ASP n 
1 76  VAL n 
1 77  VAL n 
1 78  LEU n 
1 79  ASP n 
1 80  TYR n 
1 81  ILE n 
1 82  ALA n 
1 83  PHE n 
1 84  PRO n 
1 85  ASP n 
1 86  GLU n 
1 87  ALA n 
1 88  GLU n 
1 89  ALA n 
1 90  LEU n 
1 91  ALA n 
1 92  GLN n 
1 93  THR n 
1 94  VAL n 
1 95  GLN n 
1 96  ALA n 
1 97  LYS n 
1 98  VAL n 
1 99  ASP n 
1 100 ASP n 
1 101 VAL n 
1 102 GLU n 
1 103 ILE n 
1 104 ARG n 
1 105 PHE n 
1 106 ILE n 
1 107 ILE n 
1 108 LEU n 
1 109 TRP n 
1 110 THR n 
1 111 ASN n 
1 112 ARG n 
1 113 GLU n 
1 114 GLU n 
1 115 LEU n 
1 116 LEU n 
1 117 ARG n 
1 118 ARG n 
1 119 ASP n 
1 120 ALA n 
1 121 LEU n 
1 122 ARG n 
1 123 LYS n 
1 124 LYS n 
1 125 ASP n 
1 126 GLU n 
1 127 GLN n 
1 128 MSE n 
1 129 GLY n 
1 130 GLU n 
1 131 ARG n 
1 132 CYS n 
1 133 LEU n 
1 134 GLU n 
1 135 LEU n 
1 136 VAL n 
1 137 GLU n 
1 138 GLU n 
1 139 PHE n 
1 140 GLU n 
1 141 SER n 
1 142 LYS n 
1 143 GLY n 
1 144 ILE n 
1 145 ASP n 
1 146 GLU n 
1 147 ARG n 
1 148 TYR n 
1 149 PHE n 
1 150 TYR n 
1 151 ASN n 
1 152 THR n 
1 153 SER n 
1 154 HIS n 
1 155 LEU n 
1 156 GLN n 
1 157 PRO n 
1 158 THR n 
1 159 ASN n 
1 160 LEU n 
1 161 ASN n 
1 162 ASP n 
1 163 ILE n 
1 164 VAL n 
1 165 LYS n 
1 166 ASN n 
1 167 LEU n 
1 168 LYS n 
1 169 THR n 
1 170 ASN n 
1 171 PRO n 
1 172 ARG n 
1 173 PHE n 
1 174 ILE n 
1 175 PHE n 
1 176 CYS n 
1 177 MSE n 
1 178 ALA n 
1 179 GLY n 
1 180 ASP n 
1 181 PRO n 
1 182 LEU n 
1 183 GLU n 
1 184 HIS n 
1 185 HIS n 
1 186 HIS n 
1 187 HIS n 
1 188 HIS n 
1 189 HIS n 
# 
_entity_src_gen.entity_id                          1 
_entity_src_gen.pdbx_src_id                        1 
_entity_src_gen.pdbx_alt_source_flag               sample 
_entity_src_gen.pdbx_seq_type                      ? 
_entity_src_gen.pdbx_beg_seq_num                   ? 
_entity_src_gen.pdbx_end_seq_num                   ? 
_entity_src_gen.gene_src_common_name               ? 
_entity_src_gen.gene_src_genus                     Bacillus 
_entity_src_gen.pdbx_gene_src_gene                 BH3686 
_entity_src_gen.gene_src_species                   'Bacillus halodurans' 
_entity_src_gen.gene_src_strain                    C-125 
_entity_src_gen.gene_src_tissue                    ? 
_entity_src_gen.gene_src_tissue_fraction           ? 
_entity_src_gen.gene_src_details                   ? 
_entity_src_gen.pdbx_gene_src_fragment             ? 
_entity_src_gen.pdbx_gene_src_scientific_name      'Bacillus halodurans' 
_entity_src_gen.pdbx_gene_src_ncbi_taxonomy_id     272558 
_entity_src_gen.pdbx_gene_src_variant              ? 
_entity_src_gen.pdbx_gene_src_cell_line            ? 
_entity_src_gen.pdbx_gene_src_atcc                 ? 
_entity_src_gen.pdbx_gene_src_organ                ? 
_entity_src_gen.pdbx_gene_src_organelle            ? 
_entity_src_gen.pdbx_gene_src_cell                 ? 
_entity_src_gen.pdbx_gene_src_cellular_location    ? 
_entity_src_gen.host_org_common_name               ? 
_entity_src_gen.pdbx_host_org_scientific_name      'Escherichia coli' 
_entity_src_gen.pdbx_host_org_ncbi_taxonomy_id     562 
_entity_src_gen.host_org_genus                     Escherichia 
_entity_src_gen.pdbx_host_org_gene                 ? 
_entity_src_gen.pdbx_host_org_organ                ? 
_entity_src_gen.host_org_species                   ? 
_entity_src_gen.pdbx_host_org_tissue               ? 
_entity_src_gen.pdbx_host_org_tissue_fraction      ? 
_entity_src_gen.pdbx_host_org_strain               XL-10 
_entity_src_gen.pdbx_host_org_variant              ? 
_entity_src_gen.pdbx_host_org_cell_line            ? 
_entity_src_gen.pdbx_host_org_atcc                 ? 
_entity_src_gen.pdbx_host_org_culture_collection   ? 
_entity_src_gen.pdbx_host_org_cell                 ? 
_entity_src_gen.pdbx_host_org_organelle            ? 
_entity_src_gen.pdbx_host_org_cellular_location    ? 
_entity_src_gen.pdbx_host_org_vector_type          PLASMID 
_entity_src_gen.pdbx_host_org_vector               ? 
_entity_src_gen.host_org_details                   ? 
_entity_src_gen.expression_system_id               ? 
_entity_src_gen.plasmid_name                       pET21 
_entity_src_gen.plasmid_details                    ? 
_entity_src_gen.pdbx_description                   ? 
# 
loop_
_chem_comp.id 
_chem_comp.type 
_chem_comp.mon_nstd_flag 
_chem_comp.name 
_chem_comp.pdbx_synonyms 
_chem_comp.formula 
_chem_comp.formula_weight 
ALA 'L-peptide linking' y ALANINE          ? 'C3 H7 N O2'     89.093  
ARG 'L-peptide linking' y ARGININE         ? 'C6 H15 N4 O2 1' 175.209 
ASN 'L-peptide linking' y ASPARAGINE       ? 'C4 H8 N2 O3'    132.118 
ASP 'L-peptide linking' y 'ASPARTIC ACID'  ? 'C4 H7 N O4'     133.103 
CYS 'L-peptide linking' y CYSTEINE         ? 'C3 H7 N O2 S'   121.158 
GLN 'L-peptide linking' y GLUTAMINE        ? 'C5 H10 N2 O3'   146.144 
GLU 'L-peptide linking' y 'GLUTAMIC ACID'  ? 'C5 H9 N O4'     147.129 
GLY 'peptide linking'   y GLYCINE          ? 'C2 H5 N O2'     75.067  
HIS 'L-peptide linking' y HISTIDINE        ? 'C6 H10 N3 O2 1' 156.162 
HOH non-polymer         . WATER            ? 'H2 O'           18.015  
ILE 'L-peptide linking' y ISOLEUCINE       ? 'C6 H13 N O2'    131.173 
LEU 'L-peptide linking' y LEUCINE          ? 'C6 H13 N O2'    131.173 
LYS 'L-peptide linking' y LYSINE           ? 'C6 H15 N2 O2 1' 147.195 
MET 'L-peptide linking' y METHIONINE       ? 'C5 H11 N O2 S'  149.211 
MSE 'L-peptide linking' n SELENOMETHIONINE ? 'C5 H11 N O2 Se' 196.106 
PHE 'L-peptide linking' y PHENYLALANINE    ? 'C9 H11 N O2'    165.189 
PRO 'L-peptide linking' y PROLINE          ? 'C5 H9 N O2'     115.130 
SER 'L-peptide linking' y SERINE           ? 'C3 H7 N O3'     105.093 
SO4 non-polymer         . 'SULFATE ION'    ? 'O4 S -2'        96.063  
THR 'L-peptide linking' y THREONINE        ? 'C4 H9 N O3'     119.119 
TRP 'L-peptide linking' y TRYPTOPHAN       ? 'C11 H12 N2 O2'  204.225 
TYR 'L-peptide linking' y TYROSINE         ? 'C9 H11 N O3'    181.189 
VAL 'L-peptide linking' y VALINE           ? 'C5 H11 N O2'    117.146 
# 
loop_
_pdbx_poly_seq_scheme.asym_id 
_pdbx_poly_seq_scheme.entity_id 
_pdbx_poly_seq_scheme.seq_id 
_pdbx_poly_seq_scheme.mon_id 
_pdbx_poly_seq_scheme.ndb_seq_num 
_pdbx_poly_seq_scheme.pdb_seq_num 
_pdbx_poly_seq_scheme.auth_seq_num 
_pdbx_poly_seq_scheme.pdb_mon_id 
_pdbx_poly_seq_scheme.auth_mon_id 
_pdbx_poly_seq_scheme.pdb_strand_id 
_pdbx_poly_seq_scheme.pdb_ins_code 
_pdbx_poly_seq_scheme.hetero 
A 1 1   MSE 1   1   1   MSE MSE A . n 
A 1 2   LYS 2   2   2   LYS LYS A . n 
A 1 3   LYS 3   3   3   LYS LYS A . n 
A 1 4   LEU 4   4   4   LEU LEU A . n 
A 1 5   TYR 5   5   5   TYR TYR A . n 
A 1 6   ILE 6   6   6   ILE ILE A . n 
A 1 7   ILE 7   7   7   ILE ILE A . n 
A 1 8   THR 8   8   8   THR THR A . n 
A 1 9   GLY 9   9   9   GLY GLY A . n 
A 1 10  PRO 10  10  10  PRO PRO A . n 
A 1 11  ALA 11  11  11  ALA ALA A . n 
A 1 12  GLY 12  12  12  GLY GLY A . n 
A 1 13  VAL 13  13  13  VAL VAL A . n 
A 1 14  GLY 14  14  14  GLY GLY A . n 
A 1 15  LYS 15  15  15  LYS LYS A . n 
A 1 16  SER 16  16  16  SER SER A . n 
A 1 17  THR 17  17  17  THR THR A . n 
A 1 18  THR 18  18  18  THR THR A . n 
A 1 19  CYS 19  19  19  CYS CYS A . n 
A 1 20  LYS 20  20  20  LYS LYS A . n 
A 1 21  ARG 21  21  21  ARG ARG A . n 
A 1 22  LEU 22  22  22  LEU LEU A . n 
A 1 23  ALA 23  23  23  ALA ALA A . n 
A 1 24  ALA 24  24  24  ALA ALA A . n 
A 1 25  GLN 25  25  25  GLN GLN A . n 
A 1 26  LEU 26  26  26  LEU LEU A . n 
A 1 27  ASP 27  27  27  ASP ASP A . n 
A 1 28  ASN 28  28  28  ASN ASN A . n 
A 1 29  SER 29  29  29  SER SER A . n 
A 1 30  ALA 30  30  30  ALA ALA A . n 
A 1 31  TYR 31  31  31  TYR TYR A . n 
A 1 32  ILE 32  32  32  ILE ILE A . n 
A 1 33  GLU 33  33  33  GLU GLU A . n 
A 1 34  GLY 34  34  34  GLY GLY A . n 
A 1 35  ASP 35  35  35  ASP ASP A . n 
A 1 36  ILE 36  36  36  ILE ILE A . n 
A 1 37  ILE 37  37  37  ILE ILE A . n 
A 1 38  ASN 38  38  38  ASN ASN A . n 
A 1 39  HIS 39  39  39  HIS HIS A . n 
A 1 40  MSE 40  40  40  MSE MSE A . n 
A 1 41  VAL 41  41  41  VAL VAL A . n 
A 1 42  VAL 42  42  42  VAL VAL A . n 
A 1 43  GLY 43  43  43  GLY GLY A . n 
A 1 44  GLY 44  44  44  GLY GLY A . n 
A 1 45  TYR 45  45  45  TYR TYR A . n 
A 1 46  ARG 46  46  46  ARG ARG A . n 
A 1 47  PRO 47  47  47  PRO PRO A . n 
A 1 48  PRO 48  48  48  PRO PRO A . n 
A 1 49  TRP 49  49  49  TRP TRP A . n 
A 1 50  GLU 50  50  50  GLU GLU A . n 
A 1 51  SER 51  51  51  SER SER A . n 
A 1 52  ASP 52  52  52  ASP ASP A . n 
A 1 53  GLU 53  53  53  GLU GLU A . n 
A 1 54  LEU 54  54  54  LEU LEU A . n 
A 1 55  LEU 55  55  55  LEU LEU A . n 
A 1 56  ALA 56  56  56  ALA ALA A . n 
A 1 57  LEU 57  57  57  LEU LEU A . n 
A 1 58  THR 58  58  58  THR THR A . n 
A 1 59  TRP 59  59  59  TRP TRP A . n 
A 1 60  LYS 60  60  60  LYS LYS A . n 
A 1 61  ASN 61  61  61  ASN ASN A . n 
A 1 62  ILE 62  62  62  ILE ILE A . n 
A 1 63  THR 63  63  63  THR THR A . n 
A 1 64  ASP 64  64  64  ASP ASP A . n 
A 1 65  LEU 65  65  65  LEU LEU A . n 
A 1 66  THR 66  66  66  THR THR A . n 
A 1 67  VAL 67  67  67  VAL VAL A . n 
A 1 68  ASN 68  68  68  ASN ASN A . n 
A 1 69  PHE 69  69  69  PHE PHE A . n 
A 1 70  LEU 70  70  70  LEU LEU A . n 
A 1 71  LEU 71  71  71  LEU LEU A . n 
A 1 72  ALA 72  72  72  ALA ALA A . n 
A 1 73  GLN 73  73  73  GLN GLN A . n 
A 1 74  ASN 74  74  74  ASN ASN A . n 
A 1 75  ASP 75  75  75  ASP ASP A . n 
A 1 76  VAL 76  76  76  VAL VAL A . n 
A 1 77  VAL 77  77  77  VAL VAL A . n 
A 1 78  LEU 78  78  78  LEU LEU A . n 
A 1 79  ASP 79  79  79  ASP ASP A . n 
A 1 80  TYR 80  80  80  TYR TYR A . n 
A 1 81  ILE 81  81  81  ILE ILE A . n 
A 1 82  ALA 82  82  82  ALA ALA A . n 
A 1 83  PHE 83  83  83  PHE PHE A . n 
A 1 84  PRO 84  84  84  PRO PRO A . n 
A 1 85  ASP 85  85  85  ASP ASP A . n 
A 1 86  GLU 86  86  86  GLU GLU A . n 
A 1 87  ALA 87  87  87  ALA ALA A . n 
A 1 88  GLU 88  88  88  GLU GLU A . n 
A 1 89  ALA 89  89  89  ALA ALA A . n 
A 1 90  LEU 90  90  90  LEU LEU A . n 
A 1 91  ALA 91  91  91  ALA ALA A . n 
A 1 92  GLN 92  92  92  GLN GLN A . n 
A 1 93  THR 93  93  93  THR THR A . n 
A 1 94  VAL 94  94  94  VAL VAL A . n 
A 1 95  GLN 95  95  95  GLN GLN A . n 
A 1 96  ALA 96  96  96  ALA ALA A . n 
A 1 97  LYS 97  97  97  LYS LYS A . n 
A 1 98  VAL 98  98  98  VAL VAL A . n 
A 1 99  ASP 99  99  99  ASP ASP A . n 
A 1 100 ASP 100 100 100 ASP ASP A . n 
A 1 101 VAL 101 101 101 VAL VAL A . n 
A 1 102 GLU 102 102 102 GLU GLU A . n 
A 1 103 ILE 103 103 103 ILE ILE A . n 
A 1 104 ARG 104 104 104 ARG ARG A . n 
A 1 105 PHE 105 105 105 PHE PHE A . n 
A 1 106 ILE 106 106 106 ILE ILE A . n 
A 1 107 ILE 107 107 107 ILE ILE A . n 
A 1 108 LEU 108 108 108 LEU LEU A . n 
A 1 109 TRP 109 109 109 TRP TRP A . n 
A 1 110 THR 110 110 110 THR THR A . n 
A 1 111 ASN 111 111 111 ASN ASN A . n 
A 1 112 ARG 112 112 112 ARG ARG A . n 
A 1 113 GLU 113 113 113 GLU GLU A . n 
A 1 114 GLU 114 114 114 GLU GLU A . n 
A 1 115 LEU 115 115 115 LEU LEU A . n 
A 1 116 LEU 116 116 116 LEU LEU A . n 
A 1 117 ARG 117 117 117 ARG ARG A . n 
A 1 118 ARG 118 118 118 ARG ARG A . n 
A 1 119 ASP 119 119 119 ASP ASP A . n 
A 1 120 ALA 120 120 120 ALA ALA A . n 
A 1 121 LEU 121 121 121 LEU LEU A . n 
A 1 122 ARG 122 122 122 ARG ARG A . n 
A 1 123 LYS 123 123 123 LYS LYS A . n 
A 1 124 LYS 124 124 124 LYS LYS A . n 
A 1 125 ASP 125 125 ?   ?   ?   A . n 
A 1 126 GLU 126 126 ?   ?   ?   A . n 
A 1 127 GLN 127 127 ?   ?   ?   A . n 
A 1 128 MSE 128 128 ?   ?   ?   A . n 
A 1 129 GLY 129 129 129 GLY GLY A . n 
A 1 130 GLU 130 130 130 GLU GLU A . n 
A 1 131 ARG 131 131 131 ARG ARG A . n 
A 1 132 CYS 132 132 132 CYS CYS A . n 
A 1 133 LEU 133 133 133 LEU LEU A . n 
A 1 134 GLU 134 134 134 GLU GLU A . n 
A 1 135 LEU 135 135 135 LEU LEU A . n 
A 1 136 VAL 136 136 136 VAL VAL A . n 
A 1 137 GLU 137 137 137 GLU GLU A . n 
A 1 138 GLU 138 138 138 GLU GLU A . n 
A 1 139 PHE 139 139 139 PHE PHE A . n 
A 1 140 GLU 140 140 140 GLU GLU A . n 
A 1 141 SER 141 141 141 SER SER A . n 
A 1 142 LYS 142 142 142 LYS LYS A . n 
A 1 143 GLY 143 143 143 GLY GLY A . n 
A 1 144 ILE 144 144 144 ILE ILE A . n 
A 1 145 ASP 145 145 145 ASP ASP A . n 
A 1 146 GLU 146 146 146 GLU GLU A . n 
A 1 147 ARG 147 147 147 ARG ARG A . n 
A 1 148 TYR 148 148 148 TYR TYR A . n 
A 1 149 PHE 149 149 149 PHE PHE A . n 
A 1 150 TYR 150 150 150 TYR TYR A . n 
A 1 151 ASN 151 151 151 ASN ASN A . n 
A 1 152 THR 152 152 152 THR THR A . n 
A 1 153 SER 153 153 153 SER SER A . n 
A 1 154 HIS 154 154 154 HIS HIS A . n 
A 1 155 LEU 155 155 155 LEU LEU A . n 
A 1 156 GLN 156 156 156 GLN GLN A . n 
A 1 157 PRO 157 157 157 PRO PRO A . n 
A 1 158 THR 158 158 158 THR THR A . n 
A 1 159 ASN 159 159 159 ASN ASN A . n 
A 1 160 LEU 160 160 160 LEU LEU A . n 
A 1 161 ASN 161 161 161 ASN ASN A . n 
A 1 162 ASP 162 162 162 ASP ASP A . n 
A 1 163 ILE 163 163 163 ILE ILE A . n 
A 1 164 VAL 164 164 164 VAL VAL A . n 
A 1 165 LYS 165 165 165 LYS LYS A . n 
A 1 166 ASN 166 166 166 ASN ASN A . n 
A 1 167 LEU 167 167 167 LEU LEU A . n 
A 1 168 LYS 168 168 168 LYS LYS A . n 
A 1 169 THR 169 169 169 THR THR A . n 
A 1 170 ASN 170 170 170 ASN ASN A . n 
A 1 171 PRO 171 171 171 PRO PRO A . n 
A 1 172 ARG 172 172 172 ARG ARG A . n 
A 1 173 PHE 173 173 173 PHE PHE A . n 
A 1 174 ILE 174 174 174 ILE ILE A . n 
A 1 175 PHE 175 175 175 PHE PHE A . n 
A 1 176 CYS 176 176 176 CYS CYS A . n 
A 1 177 MSE 177 177 ?   ?   ?   A . n 
A 1 178 ALA 178 178 ?   ?   ?   A . n 
A 1 179 GLY 179 179 ?   ?   ?   A . n 
A 1 180 ASP 180 180 ?   ?   ?   A . n 
A 1 181 PRO 181 181 ?   ?   ?   A . n 
A 1 182 LEU 182 182 ?   ?   ?   A . n 
A 1 183 GLU 183 183 ?   ?   ?   A . n 
A 1 184 HIS 184 184 ?   ?   ?   A . n 
A 1 185 HIS 185 185 ?   ?   ?   A . n 
A 1 186 HIS 186 186 ?   ?   ?   A . n 
A 1 187 HIS 187 187 ?   ?   ?   A . n 
A 1 188 HIS 188 188 ?   ?   ?   A . n 
A 1 189 HIS 189 189 ?   ?   ?   A . n 
# 
loop_
_pdbx_nonpoly_scheme.asym_id 
_pdbx_nonpoly_scheme.entity_id 
_pdbx_nonpoly_scheme.mon_id 
_pdbx_nonpoly_scheme.ndb_seq_num 
_pdbx_nonpoly_scheme.pdb_seq_num 
_pdbx_nonpoly_scheme.auth_seq_num 
_pdbx_nonpoly_scheme.pdb_mon_id 
_pdbx_nonpoly_scheme.auth_mon_id 
_pdbx_nonpoly_scheme.pdb_strand_id 
_pdbx_nonpoly_scheme.pdb_ins_code 
B 2 SO4 1  190 1  SO4 SO4 A . 
C 3 HOH 1  191 1  HOH HOH A . 
C 3 HOH 2  192 2  HOH HOH A . 
C 3 HOH 3  193 3  HOH HOH A . 
C 3 HOH 4  194 4  HOH HOH A . 
C 3 HOH 5  195 5  HOH HOH A . 
C 3 HOH 6  196 6  HOH HOH A . 
C 3 HOH 7  197 7  HOH HOH A . 
C 3 HOH 8  198 8  HOH HOH A . 
C 3 HOH 9  199 9  HOH HOH A . 
C 3 HOH 10 200 10 HOH HOH A . 
C 3 HOH 11 201 11 HOH HOH A . 
C 3 HOH 12 202 12 HOH HOH A . 
C 3 HOH 13 203 13 HOH HOH A . 
C 3 HOH 14 204 14 HOH HOH A . 
C 3 HOH 15 205 15 HOH HOH A . 
C 3 HOH 16 206 16 HOH HOH A . 
C 3 HOH 17 207 17 HOH HOH A . 
C 3 HOH 18 208 18 HOH HOH A . 
C 3 HOH 19 209 19 HOH HOH A . 
C 3 HOH 20 210 20 HOH HOH A . 
C 3 HOH 21 211 21 HOH HOH A . 
C 3 HOH 22 212 22 HOH HOH A . 
C 3 HOH 23 213 23 HOH HOH A . 
C 3 HOH 24 214 24 HOH HOH A . 
C 3 HOH 25 215 25 HOH HOH A . 
C 3 HOH 26 216 26 HOH HOH A . 
C 3 HOH 27 217 27 HOH HOH A . 
C 3 HOH 28 218 28 HOH HOH A . 
C 3 HOH 29 219 29 HOH HOH A . 
C 3 HOH 30 220 30 HOH HOH A . 
C 3 HOH 31 221 31 HOH HOH A . 
C 3 HOH 32 222 32 HOH HOH A . 
C 3 HOH 33 223 33 HOH HOH A . 
C 3 HOH 34 224 34 HOH HOH A . 
C 3 HOH 35 225 35 HOH HOH A . 
C 3 HOH 36 226 36 HOH HOH A . 
# 
loop_
_software.name 
_software.classification 
_software.version 
_software.citation_id 
_software.pdbx_ordinal 
CNS       refinement       1.1 ? 1 
HKL-2000  'data reduction' .   ? 2 
SCALEPACK 'data scaling'   .   ? 3 
SnB       phasing          .   ? 4 
SOLVE     phasing          .   ? 5 
RESOLVE   phasing          .   ? 6 
XTALVIEW  refinement       .   ? 7 
# 
_cell.entry_id           2BDT 
_cell.length_a           43.675 
_cell.length_b           43.675 
_cell.length_c           198.846 
_cell.angle_alpha        90.00 
_cell.angle_beta         90.00 
_cell.angle_gamma        90.00 
_cell.Z_PDB              8 
_cell.pdbx_unique_axis   ? 
# 
_symmetry.entry_id                         2BDT 
_symmetry.space_group_name_H-M             'P 43 21 2' 
_symmetry.pdbx_full_space_group_name_H-M   ? 
_symmetry.cell_setting                     ? 
_symmetry.Int_Tables_number                96 
_symmetry.space_group_name_Hall            ? 
# 
_exptl.entry_id          2BDT 
_exptl.method            'X-RAY DIFFRACTION' 
_exptl.crystals_number   1 
# 
_exptl_crystal.id                    1 
_exptl_crystal.density_meas          ? 
_exptl_crystal.density_Matthews      2.15 
_exptl_crystal.density_percent_sol   42.88 
_exptl_crystal.description           ? 
_exptl_crystal.F_000                 ? 
_exptl_crystal.preparation           ? 
# 
_exptl_crystal_grow.crystal_id      1 
_exptl_crystal_grow.method          'VAPOR DIFFUSION, HANGING DROP' 
_exptl_crystal_grow.temp            293 
_exptl_crystal_grow.temp_details    ? 
_exptl_crystal_grow.pH              5.5 
_exptl_crystal_grow.pdbx_details    
'100mM Bis-Tris, 14% PEG3350, 200mM NH4SO4, 5mM DTT, pH 5.5, VAPOR DIFFUSION, HANGING DROP, temperature 293K' 
_exptl_crystal_grow.pdbx_pH_range   . 
# 
_diffrn.id                     1 
_diffrn.ambient_temp           100 
_diffrn.ambient_temp_details   ? 
_diffrn.crystal_id             1 
# 
_diffrn_detector.diffrn_id              1 
_diffrn_detector.detector               CCD 
_diffrn_detector.type                   'ADSC QUANTUM 4' 
_diffrn_detector.pdbx_collection_date   2005-10-13 
_diffrn_detector.details                Mirrors. 
# 
_diffrn_radiation.diffrn_id                        1 
_diffrn_radiation.wavelength_id                    1 
_diffrn_radiation.pdbx_monochromatic_or_laue_m_l   M 
_diffrn_radiation.monochromator                    'Si 111 CHANNEL' 
_diffrn_radiation.pdbx_diffrn_protocol             'SINGLE WAVELENGTH' 
_diffrn_radiation.pdbx_scattering_type             x-ray 
# 
_diffrn_radiation_wavelength.id           1 
_diffrn_radiation_wavelength.wavelength   0.979 
_diffrn_radiation_wavelength.wt           1.0 
# 
_diffrn_source.diffrn_id                   1 
_diffrn_source.source                      SYNCHROTRON 
_diffrn_source.type                        'NSLS BEAMLINE X4A' 
_diffrn_source.pdbx_synchrotron_site       NSLS 
_diffrn_source.pdbx_synchrotron_beamline   X4A 
_diffrn_source.pdbx_wavelength             ? 
_diffrn_source.pdbx_wavelength_list        0.979 
# 
_reflns.entry_id                     2BDT 
_reflns.observed_criterion_sigma_I   0 
_reflns.observed_criterion_sigma_F   0 
_reflns.d_resolution_low             50.0 
_reflns.d_resolution_high            1.75 
_reflns.number_obs                   16229 
_reflns.number_all                   20780 
_reflns.percent_possible_obs         78.1 
_reflns.pdbx_Rmerge_I_obs            0.077 
_reflns.pdbx_Rsym_value              0.067 
_reflns.pdbx_netI_over_sigmaI        29.1 
_reflns.B_iso_Wilson_estimate        20.0 
_reflns.pdbx_redundancy              15.1 
_reflns.R_free_details               ? 
_reflns.limit_h_max                  ? 
_reflns.limit_h_min                  ? 
_reflns.limit_k_max                  ? 
_reflns.limit_k_min                  ? 
_reflns.limit_l_max                  ? 
_reflns.limit_l_min                  ? 
_reflns.observed_criterion_F_max     ? 
_reflns.observed_criterion_F_min     ? 
_reflns.pdbx_chi_squared             ? 
_reflns.pdbx_scaling_rejects         ? 
_reflns.pdbx_ordinal                 1 
_reflns.pdbx_diffrn_id               1 
# 
_reflns_shell.d_res_high             1.75 
_reflns_shell.d_res_low              1.81 
_reflns_shell.percent_possible_all   81.9 
_reflns_shell.Rmerge_I_obs           0.658 
_reflns_shell.pdbx_Rsym_value        0.625 
_reflns_shell.meanI_over_sigI_obs    6.6 
_reflns_shell.pdbx_redundancy        18.4 
_reflns_shell.percent_possible_obs   ? 
_reflns_shell.number_unique_all      1639 
_reflns_shell.number_measured_all    ? 
_reflns_shell.number_measured_obs    ? 
_reflns_shell.number_unique_obs      ? 
_reflns_shell.pdbx_chi_squared       ? 
_reflns_shell.pdbx_ordinal           1 
_reflns_shell.pdbx_diffrn_id         1 
# 
_refine.entry_id                                 2BDT 
_refine.ls_number_reflns_obs                     12334 
_refine.ls_number_reflns_all                     20780 
_refine.pdbx_ls_sigma_I                          2.0 
_refine.pdbx_ls_sigma_F                          2.0 
_refine.pdbx_data_cutoff_high_absF               483238.58 
_refine.pdbx_data_cutoff_low_absF                0.000000 
_refine.pdbx_data_cutoff_high_rms_absF           ? 
_refine.ls_d_res_low                             32.81 
_refine.ls_d_res_high                            2.40 
_refine.ls_percent_reflns_obs                    85.7 
_refine.ls_R_factor_obs                          0.233 
_refine.ls_R_factor_all                          0.235 
_refine.ls_R_factor_R_work                       0.233 
_refine.ls_R_factor_R_free                       0.287 
_refine.ls_R_factor_R_free_error                 0.008 
_refine.ls_R_factor_R_free_error_details         ? 
_refine.ls_percent_reflns_R_free                 9.8 
_refine.ls_number_reflns_R_free                  1211 
_refine.ls_number_parameters                     ? 
_refine.ls_number_restraints                     ? 
_refine.occupancy_min                            ? 
_refine.occupancy_max                            ? 
_refine.correlation_coeff_Fo_to_Fc               ? 
_refine.correlation_coeff_Fo_to_Fc_free          ? 
_refine.B_iso_mean                               27.9 
_refine.aniso_B[1][1]                            -0.37 
_refine.aniso_B[2][2]                            -0.37 
_refine.aniso_B[3][3]                            0.74 
_refine.aniso_B[1][2]                            0.00 
_refine.aniso_B[1][3]                            0.00 
_refine.aniso_B[2][3]                            0.00 
_refine.solvent_model_details                    'FLAT MODEL' 
_refine.solvent_model_param_ksol                 0.366674 
_refine.solvent_model_param_bsol                 34.2415 
_refine.pdbx_solvent_vdw_probe_radii             ? 
_refine.pdbx_solvent_ion_probe_radii             ? 
_refine.pdbx_solvent_shrinkage_radii             ? 
_refine.pdbx_ls_cross_valid_method               THROUGHOUT 
_refine.details                                  ? 
_refine.pdbx_starting_model                      ? 
_refine.pdbx_method_to_determine_struct          SAD 
_refine.pdbx_isotropic_thermal_model             OVERALL 
_refine.pdbx_stereochemistry_target_values       'Engh & Huber' 
_refine.pdbx_stereochem_target_val_spec_case     ? 
_refine.pdbx_R_Free_selection_details            RANDOM 
_refine.pdbx_overall_ESU_R                       ? 
_refine.pdbx_overall_ESU_R_Free                  ? 
_refine.overall_SU_ML                            ? 
_refine.overall_SU_B                             ? 
_refine.ls_redundancy_reflns_obs                 ? 
_refine.B_iso_min                                ? 
_refine.B_iso_max                                ? 
_refine.overall_SU_R_Cruickshank_DPI             ? 
_refine.overall_SU_R_free                        ? 
_refine.ls_wR_factor_R_free                      ? 
_refine.ls_wR_factor_R_work                      ? 
_refine.overall_FOM_free_R_set                   ? 
_refine.overall_FOM_work_R_set                   ? 
_refine.pdbx_refine_id                           'X-RAY DIFFRACTION' 
_refine.pdbx_diffrn_id                           1 
_refine.pdbx_TLS_residual_ADP_flag               ? 
_refine.pdbx_overall_phase_error                 ? 
_refine.pdbx_overall_SU_R_free_Cruickshank_DPI   ? 
_refine.pdbx_overall_SU_R_Blow_DPI               ? 
_refine.pdbx_overall_SU_R_free_Blow_DPI          ? 
# 
_refine_analyze.entry_id                        2BDT 
_refine_analyze.Luzzati_coordinate_error_obs    0.30 
_refine_analyze.Luzzati_sigma_a_obs             0.16 
_refine_analyze.Luzzati_d_res_low_obs           5.00 
_refine_analyze.Luzzati_coordinate_error_free   0.41 
_refine_analyze.Luzzati_sigma_a_free            0.31 
_refine_analyze.Luzzati_d_res_low_free          ? 
_refine_analyze.number_disordered_residues      ? 
_refine_analyze.occupancy_sum_hydrogen          ? 
_refine_analyze.occupancy_sum_non_hydrogen      ? 
_refine_analyze.pdbx_Luzzati_d_res_high_obs     ? 
_refine_analyze.pdbx_refine_id                  'X-RAY DIFFRACTION' 
# 
_refine_hist.pdbx_refine_id                   'X-RAY DIFFRACTION' 
_refine_hist.cycle_id                         LAST 
_refine_hist.pdbx_number_atoms_protein        1391 
_refine_hist.pdbx_number_atoms_nucleic_acid   0 
_refine_hist.pdbx_number_atoms_ligand         5 
_refine_hist.number_atoms_solvent             36 
_refine_hist.number_atoms_total               1432 
_refine_hist.d_res_high                       2.40 
_refine_hist.d_res_low                        32.81 
# 
loop_
_refine_ls_restr.type 
_refine_ls_restr.dev_ideal 
_refine_ls_restr.dev_ideal_target 
_refine_ls_restr.weight 
_refine_ls_restr.number 
_refine_ls_restr.pdbx_refine_id 
_refine_ls_restr.pdbx_restraint_function 
c_bond_d           0.006 ? ? ? 'X-RAY DIFFRACTION' ? 
c_angle_deg        0.9   ? ? ? 'X-RAY DIFFRACTION' ? 
c_dihedral_angle_d 22.2  ? ? ? 'X-RAY DIFFRACTION' ? 
c_improper_angle_d 0.62  ? ? ? 'X-RAY DIFFRACTION' ? 
# 
_refine_ls_shell.pdbx_total_number_of_bins_used   6 
_refine_ls_shell.d_res_high                       2.40 
_refine_ls_shell.d_res_low                        2.55 
_refine_ls_shell.number_reflns_R_work             2064 
_refine_ls_shell.R_factor_R_work                  0.237 
_refine_ls_shell.percent_reflns_obs               93.7 
_refine_ls_shell.R_factor_R_free                  0.346 
_refine_ls_shell.R_factor_R_free_error            0.024 
_refine_ls_shell.percent_reflns_R_free            8.9 
_refine_ls_shell.number_reflns_R_free             201 
_refine_ls_shell.number_reflns_obs                12334 
_refine_ls_shell.redundancy_reflns_obs            ? 
_refine_ls_shell.number_reflns_all                ? 
_refine_ls_shell.pdbx_refine_id                   'X-RAY DIFFRACTION' 
_refine_ls_shell.R_factor_all                     ? 
# 
_struct.entry_id                  2BDT 
_struct.title                     
'Crystal Structure of the Putative Gluconate Kinase from Bacillus halodurans, Northeast Structural Genomics Target BhR61' 
_struct.pdbx_model_details        ? 
_struct.pdbx_CASP_flag            ? 
_struct.pdbx_model_type_details   ? 
# 
_struct_keywords.entry_id        2BDT 
_struct_keywords.pdbx_keywords   'STRUCTURAL GENOMICS, UNKNOWN FUNCTION' 
_struct_keywords.text            
;alpha-beta protein, Structural Genomics, PSI, Protein Structure Initiative, Northeast Structural Genomics Consortium, NESG, UNKNOWN FUNCTION
;
# 
loop_
_struct_asym.id 
_struct_asym.pdbx_blank_PDB_chainid_flag 
_struct_asym.pdbx_modified 
_struct_asym.entity_id 
_struct_asym.details 
A N N 1 ? 
B N N 2 ? 
C N N 3 ? 
# 
_struct_ref.id                         1 
_struct_ref.db_name                    UNP 
_struct_ref.db_code                    Q9K6P2_BACHD 
_struct_ref.pdbx_db_accession          Q9K6P2 
_struct_ref.entity_id                  1 
_struct_ref.pdbx_seq_one_letter_code   
;MKKLYIITGPAGVGKSTTCKRLAAQLDNSAYIEGDIINHMVVGGYRPPWESDELLALTWKNITDLTVNFLLAQNDVVLDY
IAFPDEAEALAQTVQAKVDDVEIRFIILWTNREELLRRDALRKKDEQMGERCLELVEEFESKGIDERYFYNTSHLQPTNL
NDIVKNLKTNPRFIFC
;
_struct_ref.pdbx_align_begin           1 
_struct_ref.pdbx_db_isoform            ? 
# 
_struct_ref_seq.align_id                      1 
_struct_ref_seq.ref_id                        1 
_struct_ref_seq.pdbx_PDB_id_code              2BDT 
_struct_ref_seq.pdbx_strand_id                A 
_struct_ref_seq.seq_align_beg                 1 
_struct_ref_seq.pdbx_seq_align_beg_ins_code   ? 
_struct_ref_seq.seq_align_end                 176 
_struct_ref_seq.pdbx_seq_align_end_ins_code   ? 
_struct_ref_seq.pdbx_db_accession             Q9K6P2 
_struct_ref_seq.db_align_beg                  1 
_struct_ref_seq.pdbx_db_align_beg_ins_code    ? 
_struct_ref_seq.db_align_end                  176 
_struct_ref_seq.pdbx_db_align_end_ins_code    ? 
_struct_ref_seq.pdbx_auth_seq_align_beg       1 
_struct_ref_seq.pdbx_auth_seq_align_end       176 
# 
loop_
_struct_ref_seq_dif.align_id 
_struct_ref_seq_dif.pdbx_pdb_id_code 
_struct_ref_seq_dif.mon_id 
_struct_ref_seq_dif.pdbx_pdb_strand_id 
_struct_ref_seq_dif.seq_num 
_struct_ref_seq_dif.pdbx_pdb_ins_code 
_struct_ref_seq_dif.pdbx_seq_db_name 
_struct_ref_seq_dif.pdbx_seq_db_accession_code 
_struct_ref_seq_dif.db_mon_id 
_struct_ref_seq_dif.pdbx_seq_db_seq_num 
_struct_ref_seq_dif.details 
_struct_ref_seq_dif.pdbx_auth_seq_num 
_struct_ref_seq_dif.pdbx_ordinal 
1 2BDT MSE A 1   ? UNP Q9K6P2 MET 1   'modified residue' 1   1  
1 2BDT MSE A 40  ? UNP Q9K6P2 MET 40  'modified residue' 40  2  
1 2BDT MSE A 128 ? UNP Q9K6P2 MET 128 'modified residue' 128 3  
1 2BDT MSE A 177 ? UNP Q9K6P2 ?   ?   'SEE REMARK 999'   177 4  
1 2BDT ALA A 178 ? UNP Q9K6P2 ?   ?   'cloning artifact' 178 5  
1 2BDT GLY A 179 ? UNP Q9K6P2 ?   ?   'cloning artifact' 179 6  
1 2BDT ASP A 180 ? UNP Q9K6P2 ?   ?   'cloning artifact' 180 7  
1 2BDT PRO A 181 ? UNP Q9K6P2 ?   ?   'cloning artifact' 181 8  
1 2BDT LEU A 182 ? UNP Q9K6P2 ?   ?   'cloning artifact' 182 9  
1 2BDT GLU A 183 ? UNP Q9K6P2 ?   ?   'cloning artifact' 183 10 
1 2BDT HIS A 184 ? UNP Q9K6P2 ?   ?   'expression tag'   184 11 
1 2BDT HIS A 185 ? UNP Q9K6P2 ?   ?   'expression tag'   185 12 
1 2BDT HIS A 186 ? UNP Q9K6P2 ?   ?   'expression tag'   186 13 
1 2BDT HIS A 187 ? UNP Q9K6P2 ?   ?   'expression tag'   187 14 
1 2BDT HIS A 188 ? UNP Q9K6P2 ?   ?   'expression tag'   188 15 
1 2BDT HIS A 189 ? UNP Q9K6P2 ?   ?   'expression tag'   189 16 
# 
_pdbx_struct_assembly.id                   1 
_pdbx_struct_assembly.details              author_defined_assembly 
_pdbx_struct_assembly.method_details       ? 
_pdbx_struct_assembly.oligomeric_details   dimeric 
_pdbx_struct_assembly.oligomeric_count     2 
# 
_pdbx_struct_assembly_gen.assembly_id       1 
_pdbx_struct_assembly_gen.oper_expression   1,2 
_pdbx_struct_assembly_gen.asym_id_list      A,B,C 
# 
loop_
_pdbx_struct_oper_list.id 
_pdbx_struct_oper_list.type 
_pdbx_struct_oper_list.name 
_pdbx_struct_oper_list.symmetry_operation 
_pdbx_struct_oper_list.matrix[1][1] 
_pdbx_struct_oper_list.matrix[1][2] 
_pdbx_struct_oper_list.matrix[1][3] 
_pdbx_struct_oper_list.vector[1] 
_pdbx_struct_oper_list.matrix[2][1] 
_pdbx_struct_oper_list.matrix[2][2] 
_pdbx_struct_oper_list.matrix[2][3] 
_pdbx_struct_oper_list.vector[2] 
_pdbx_struct_oper_list.matrix[3][1] 
_pdbx_struct_oper_list.matrix[3][2] 
_pdbx_struct_oper_list.matrix[3][3] 
_pdbx_struct_oper_list.vector[3] 
1 'identity operation'         1_555 x,y,z    1.0000000000 0.0000000000 0.0000000000  0.0000000000  0.0000000000 1.0000000000  0.0000000000  0.0000000000  0.0000000000  0.0000000000  1.0000000000  0.0000000000   
2 'crystal symmetry operation' 7_556 y,x,-z+1 0.4793149953 0.5382331626 -0.6932259358 -9.9110631533 0.5382331626 -0.8041695392 -0.2522229471 -8.1066357536 -0.6932259358 -0.2522229471 -0.6751454561 -27.4439307013 
# 
_struct_biol.id                    1 
_struct_biol.details               'Possibly dimer.' 
_struct_biol.pdbx_parent_biol_id   ? 
# 
loop_
_struct_conf.conf_type_id 
_struct_conf.id 
_struct_conf.pdbx_PDB_helix_id 
_struct_conf.beg_label_comp_id 
_struct_conf.beg_label_asym_id 
_struct_conf.beg_label_seq_id 
_struct_conf.pdbx_beg_PDB_ins_code 
_struct_conf.end_label_comp_id 
_struct_conf.end_label_asym_id 
_struct_conf.end_label_seq_id 
_struct_conf.pdbx_end_PDB_ins_code 
_struct_conf.beg_auth_comp_id 
_struct_conf.beg_auth_asym_id 
_struct_conf.beg_auth_seq_id 
_struct_conf.end_auth_comp_id 
_struct_conf.end_auth_asym_id 
_struct_conf.end_auth_seq_id 
_struct_conf.pdbx_PDB_helix_class 
_struct_conf.details 
_struct_conf.pdbx_PDB_helix_length 
HELX_P HELX_P1  1  GLY A 14  ? LEU A 26  ? GLY A 14  LEU A 26  1 ? 13 
HELX_P HELX_P2  2  GLY A 34  ? HIS A 39  ? GLY A 34  HIS A 39  1 ? 6  
HELX_P HELX_P3  3  PRO A 47  ? GLU A 50  ? PRO A 47  GLU A 50  5 ? 4  
HELX_P HELX_P4  4  SER A 51  ? ALA A 72  ? SER A 51  ALA A 72  1 ? 22 
HELX_P HELX_P5  5  PHE A 83  ? VAL A 98  ? PHE A 83  VAL A 98  1 ? 16 
HELX_P HELX_P6  6  ASN A 111 ? ASP A 119 ? ASN A 111 ASP A 119 1 ? 9  
HELX_P HELX_P7  7  GLY A 129 ? CYS A 132 ? GLY A 129 CYS A 132 5 ? 4  
HELX_P HELX_P8  8  LEU A 133 ? LYS A 142 ? LEU A 133 LYS A 142 1 ? 10 
HELX_P HELX_P9  9  GLN A 156 ? THR A 158 ? GLN A 156 THR A 158 5 ? 3  
HELX_P HELX_P10 10 ASN A 159 ? ASN A 170 ? ASN A 159 ASN A 170 1 ? 12 
HELX_P HELX_P11 11 PRO A 171 ? ILE A 174 ? PRO A 171 ILE A 174 5 ? 4  
# 
_struct_conf_type.id          HELX_P 
_struct_conf_type.criteria    ? 
_struct_conf_type.reference   ? 
# 
loop_
_struct_conn.id 
_struct_conn.conn_type_id 
_struct_conn.pdbx_leaving_atom_flag 
_struct_conn.pdbx_PDB_id 
_struct_conn.ptnr1_label_asym_id 
_struct_conn.ptnr1_label_comp_id 
_struct_conn.ptnr1_label_seq_id 
_struct_conn.ptnr1_label_atom_id 
_struct_conn.pdbx_ptnr1_label_alt_id 
_struct_conn.pdbx_ptnr1_PDB_ins_code 
_struct_conn.pdbx_ptnr1_standard_comp_id 
_struct_conn.ptnr1_symmetry 
_struct_conn.ptnr2_label_asym_id 
_struct_conn.ptnr2_label_comp_id 
_struct_conn.ptnr2_label_seq_id 
_struct_conn.ptnr2_label_atom_id 
_struct_conn.pdbx_ptnr2_label_alt_id 
_struct_conn.pdbx_ptnr2_PDB_ins_code 
_struct_conn.ptnr1_auth_asym_id 
_struct_conn.ptnr1_auth_comp_id 
_struct_conn.ptnr1_auth_seq_id 
_struct_conn.ptnr2_auth_asym_id 
_struct_conn.ptnr2_auth_comp_id 
_struct_conn.ptnr2_auth_seq_id 
_struct_conn.ptnr2_symmetry 
_struct_conn.pdbx_ptnr3_label_atom_id 
_struct_conn.pdbx_ptnr3_label_seq_id 
_struct_conn.pdbx_ptnr3_label_comp_id 
_struct_conn.pdbx_ptnr3_label_asym_id 
_struct_conn.pdbx_ptnr3_label_alt_id 
_struct_conn.pdbx_ptnr3_PDB_ins_code 
_struct_conn.details 
_struct_conn.pdbx_dist_value 
_struct_conn.pdbx_value_order 
_struct_conn.pdbx_role 
covale1 covale both ? A MSE 1  C ? ? ? 1_555 A LYS 2  N ? ? A MSE 1  A LYS 2  1_555 ? ? ? ? ? ? ? 1.330 ? ? 
covale2 covale both ? A HIS 39 C ? ? ? 1_555 A MSE 40 N ? ? A HIS 39 A MSE 40 1_555 ? ? ? ? ? ? ? 1.328 ? ? 
covale3 covale both ? A MSE 40 C ? ? ? 1_555 A VAL 41 N ? ? A MSE 40 A VAL 41 1_555 ? ? ? ? ? ? ? 1.331 ? ? 
# 
_struct_conn_type.id          covale 
_struct_conn_type.criteria    ? 
_struct_conn_type.reference   ? 
# 
loop_
_pdbx_modification_feature.ordinal 
_pdbx_modification_feature.label_comp_id 
_pdbx_modification_feature.label_asym_id 
_pdbx_modification_feature.label_seq_id 
_pdbx_modification_feature.label_alt_id 
_pdbx_modification_feature.modified_residue_label_comp_id 
_pdbx_modification_feature.modified_residue_label_asym_id 
_pdbx_modification_feature.modified_residue_label_seq_id 
_pdbx_modification_feature.modified_residue_label_alt_id 
_pdbx_modification_feature.auth_comp_id 
_pdbx_modification_feature.auth_asym_id 
_pdbx_modification_feature.auth_seq_id 
_pdbx_modification_feature.PDB_ins_code 
_pdbx_modification_feature.symmetry 
_pdbx_modification_feature.modified_residue_auth_comp_id 
_pdbx_modification_feature.modified_residue_auth_asym_id 
_pdbx_modification_feature.modified_residue_auth_seq_id 
_pdbx_modification_feature.modified_residue_PDB_ins_code 
_pdbx_modification_feature.modified_residue_symmetry 
_pdbx_modification_feature.comp_id_linking_atom 
_pdbx_modification_feature.modified_residue_id_linking_atom 
_pdbx_modification_feature.modified_residue_id 
_pdbx_modification_feature.ref_pcm_id 
_pdbx_modification_feature.ref_comp_id 
_pdbx_modification_feature.type 
_pdbx_modification_feature.category 
1 MSE A 1  ? . . . . MSE A 1  ? 1_555 . . . . . . . MET 1 MSE Selenomethionine 'Named protein modification' 
2 MSE A 40 ? . . . . MSE A 40 ? 1_555 . . . . . . . MET 1 MSE Selenomethionine 'Named protein modification' 
# 
_struct_sheet.id               A 
_struct_sheet.type             ? 
_struct_sheet.number_strands   5 
_struct_sheet.details          ? 
# 
loop_
_struct_sheet_order.sheet_id 
_struct_sheet_order.range_id_1 
_struct_sheet_order.range_id_2 
_struct_sheet_order.offset 
_struct_sheet_order.sense 
A 1 2 ? parallel 
A 2 3 ? parallel 
A 3 4 ? parallel 
A 4 5 ? parallel 
# 
loop_
_struct_sheet_range.sheet_id 
_struct_sheet_range.id 
_struct_sheet_range.beg_label_comp_id 
_struct_sheet_range.beg_label_asym_id 
_struct_sheet_range.beg_label_seq_id 
_struct_sheet_range.pdbx_beg_PDB_ins_code 
_struct_sheet_range.end_label_comp_id 
_struct_sheet_range.end_label_asym_id 
_struct_sheet_range.end_label_seq_id 
_struct_sheet_range.pdbx_end_PDB_ins_code 
_struct_sheet_range.beg_auth_comp_id 
_struct_sheet_range.beg_auth_asym_id 
_struct_sheet_range.beg_auth_seq_id 
_struct_sheet_range.end_auth_comp_id 
_struct_sheet_range.end_auth_asym_id 
_struct_sheet_range.end_auth_seq_id 
A 1 SER A 29  ? GLU A 33  ? SER A 29  GLU A 33  
A 2 ASP A 75  ? ASP A 79  ? ASP A 75  ASP A 79  
A 3 LYS A 2   ? THR A 8   ? LYS A 2   THR A 8   
A 4 VAL A 101 ? TRP A 109 ? VAL A 101 TRP A 109 
A 5 PHE A 149 ? ASN A 151 ? PHE A 149 ASN A 151 
# 
loop_
_pdbx_struct_sheet_hbond.sheet_id 
_pdbx_struct_sheet_hbond.range_id_1 
_pdbx_struct_sheet_hbond.range_id_2 
_pdbx_struct_sheet_hbond.range_1_label_atom_id 
_pdbx_struct_sheet_hbond.range_1_label_comp_id 
_pdbx_struct_sheet_hbond.range_1_label_asym_id 
_pdbx_struct_sheet_hbond.range_1_label_seq_id 
_pdbx_struct_sheet_hbond.range_1_PDB_ins_code 
_pdbx_struct_sheet_hbond.range_1_auth_atom_id 
_pdbx_struct_sheet_hbond.range_1_auth_comp_id 
_pdbx_struct_sheet_hbond.range_1_auth_asym_id 
_pdbx_struct_sheet_hbond.range_1_auth_seq_id 
_pdbx_struct_sheet_hbond.range_2_label_atom_id 
_pdbx_struct_sheet_hbond.range_2_label_comp_id 
_pdbx_struct_sheet_hbond.range_2_label_asym_id 
_pdbx_struct_sheet_hbond.range_2_label_seq_id 
_pdbx_struct_sheet_hbond.range_2_PDB_ins_code 
_pdbx_struct_sheet_hbond.range_2_auth_atom_id 
_pdbx_struct_sheet_hbond.range_2_auth_comp_id 
_pdbx_struct_sheet_hbond.range_2_auth_asym_id 
_pdbx_struct_sheet_hbond.range_2_auth_seq_id 
A 1 2 N ALA A 30  ? N ALA A 30  O VAL A 77  ? O VAL A 77  
A 2 3 O VAL A 76  ? O VAL A 76  N TYR A 5   ? N TYR A 5   
A 3 4 N ILE A 6   ? N ILE A 6   O ARG A 104 ? O ARG A 104 
A 4 5 N ILE A 107 ? N ILE A 107 O TYR A 150 ? O TYR A 150 
# 
_struct_site.id                   AC1 
_struct_site.pdbx_evidence_code   Software 
_struct_site.pdbx_auth_asym_id    A 
_struct_site.pdbx_auth_comp_id    SO4 
_struct_site.pdbx_auth_seq_id     190 
_struct_site.pdbx_auth_ins_code   ? 
_struct_site.pdbx_num_residues    7 
_struct_site.details              'BINDING SITE FOR RESIDUE SO4 A 190' 
# 
loop_
_struct_site_gen.id 
_struct_site_gen.site_id 
_struct_site_gen.pdbx_num_res 
_struct_site_gen.label_comp_id 
_struct_site_gen.label_asym_id 
_struct_site_gen.label_seq_id 
_struct_site_gen.pdbx_auth_ins_code 
_struct_site_gen.auth_comp_id 
_struct_site_gen.auth_asym_id 
_struct_site_gen.auth_seq_id 
_struct_site_gen.label_atom_id 
_struct_site_gen.label_alt_id 
_struct_site_gen.symmetry 
_struct_site_gen.details 
1 AC1 7 ALA A 11 ? ALA A 11  . ? 1_555 ? 
2 AC1 7 GLY A 12 ? GLY A 12  . ? 1_555 ? 
3 AC1 7 VAL A 13 ? VAL A 13  . ? 1_555 ? 
4 AC1 7 GLY A 14 ? GLY A 14  . ? 1_555 ? 
5 AC1 7 LYS A 15 ? LYS A 15  . ? 1_555 ? 
6 AC1 7 SER A 16 ? SER A 16  . ? 1_555 ? 
7 AC1 7 HOH C .  ? HOH A 226 . ? 1_555 ? 
# 
_pdbx_entry_details.entry_id                   2BDT 
_pdbx_entry_details.compound_details           ? 
_pdbx_entry_details.source_details             ? 
_pdbx_entry_details.nonpolymer_details         ? 
_pdbx_entry_details.sequence_details           ? 
_pdbx_entry_details.has_ligand_of_interest     ? 
_pdbx_entry_details.has_protein_modification   Y 
# 
loop_
_pdbx_validate_torsion.id 
_pdbx_validate_torsion.PDB_model_num 
_pdbx_validate_torsion.auth_comp_id 
_pdbx_validate_torsion.auth_asym_id 
_pdbx_validate_torsion.auth_seq_id 
_pdbx_validate_torsion.PDB_ins_code 
_pdbx_validate_torsion.label_alt_id 
_pdbx_validate_torsion.phi 
_pdbx_validate_torsion.psi 
1 1 THR A 8   ? ? -127.53 -166.54 
2 1 VAL A 42  ? ? -100.35 -80.85  
3 1 TYR A 80  ? ? -171.37 -178.47 
4 1 THR A 110 ? ? -134.40 -80.06  
5 1 ASN A 111 ? ? -171.19 144.76  
6 1 ALA A 120 ? ? -64.87  5.56    
7 1 LYS A 123 ? ? -175.00 66.97   
8 1 ILE A 174 ? ? -53.45  8.55    
# 
_pdbx_SG_project.id                    1 
_pdbx_SG_project.project_name          'PSI, Protein Structure Initiative' 
_pdbx_SG_project.full_name_of_center   'Northeast Structural Genomics Consortium' 
_pdbx_SG_project.initial_of_center     NESG 
# 
loop_
_pdbx_struct_mod_residue.id 
_pdbx_struct_mod_residue.label_asym_id 
_pdbx_struct_mod_residue.label_comp_id 
_pdbx_struct_mod_residue.label_seq_id 
_pdbx_struct_mod_residue.auth_asym_id 
_pdbx_struct_mod_residue.auth_comp_id 
_pdbx_struct_mod_residue.auth_seq_id 
_pdbx_struct_mod_residue.PDB_ins_code 
_pdbx_struct_mod_residue.parent_comp_id 
_pdbx_struct_mod_residue.details 
1 A MSE 1  A MSE 1  ? MET SELENOMETHIONINE 
2 A MSE 40 A MSE 40 ? MET SELENOMETHIONINE 
# 
_pdbx_database_remark.id     999 
_pdbx_database_remark.text   
;SEQUENCE
MSE 177 is a cloning artifact and a modified residue
;
# 
loop_
_pdbx_unobs_or_zero_occ_residues.id 
_pdbx_unobs_or_zero_occ_residues.PDB_model_num 
_pdbx_unobs_or_zero_occ_residues.polymer_flag 
_pdbx_unobs_or_zero_occ_residues.occupancy_flag 
_pdbx_unobs_or_zero_occ_residues.auth_asym_id 
_pdbx_unobs_or_zero_occ_residues.auth_comp_id 
_pdbx_unobs_or_zero_occ_residues.auth_seq_id 
_pdbx_unobs_or_zero_occ_residues.PDB_ins_code 
_pdbx_unobs_or_zero_occ_residues.label_asym_id 
_pdbx_unobs_or_zero_occ_residues.label_comp_id 
_pdbx_unobs_or_zero_occ_residues.label_seq_id 
1  1 Y 1 A ASP 125 ? A ASP 125 
2  1 Y 1 A GLU 126 ? A GLU 126 
3  1 Y 1 A GLN 127 ? A GLN 127 
4  1 Y 1 A MSE 128 ? A MSE 128 
5  1 Y 1 A MSE 177 ? A MSE 177 
6  1 Y 1 A ALA 178 ? A ALA 178 
7  1 Y 1 A GLY 179 ? A GLY 179 
8  1 Y 1 A ASP 180 ? A ASP 180 
9  1 Y 1 A PRO 181 ? A PRO 181 
10 1 Y 1 A LEU 182 ? A LEU 182 
11 1 Y 1 A GLU 183 ? A GLU 183 
12 1 Y 1 A HIS 184 ? A HIS 184 
13 1 Y 1 A HIS 185 ? A HIS 185 
14 1 Y 1 A HIS 186 ? A HIS 186 
15 1 Y 1 A HIS 187 ? A HIS 187 
16 1 Y 1 A HIS 188 ? A HIS 188 
17 1 Y 1 A HIS 189 ? A HIS 189 
# 
loop_
_chem_comp_atom.comp_id 
_chem_comp_atom.atom_id 
_chem_comp_atom.type_symbol 
_chem_comp_atom.pdbx_aromatic_flag 
_chem_comp_atom.pdbx_stereo_config 
_chem_comp_atom.pdbx_ordinal 
ALA N    N  N N 1   
ALA CA   C  N S 2   
ALA C    C  N N 3   
ALA O    O  N N 4   
ALA CB   C  N N 5   
ALA OXT  O  N N 6   
ALA H    H  N N 7   
ALA H2   H  N N 8   
ALA HA   H  N N 9   
ALA HB1  H  N N 10  
ALA HB2  H  N N 11  
ALA HB3  H  N N 12  
ALA HXT  H  N N 13  
ARG N    N  N N 14  
ARG CA   C  N S 15  
ARG C    C  N N 16  
ARG O    O  N N 17  
ARG CB   C  N N 18  
ARG CG   C  N N 19  
ARG CD   C  N N 20  
ARG NE   N  N N 21  
ARG CZ   C  N N 22  
ARG NH1  N  N N 23  
ARG NH2  N  N N 24  
ARG OXT  O  N N 25  
ARG H    H  N N 26  
ARG H2   H  N N 27  
ARG HA   H  N N 28  
ARG HB2  H  N N 29  
ARG HB3  H  N N 30  
ARG HG2  H  N N 31  
ARG HG3  H  N N 32  
ARG HD2  H  N N 33  
ARG HD3  H  N N 34  
ARG HE   H  N N 35  
ARG HH11 H  N N 36  
ARG HH12 H  N N 37  
ARG HH21 H  N N 38  
ARG HH22 H  N N 39  
ARG HXT  H  N N 40  
ASN N    N  N N 41  
ASN CA   C  N S 42  
ASN C    C  N N 43  
ASN O    O  N N 44  
ASN CB   C  N N 45  
ASN CG   C  N N 46  
ASN OD1  O  N N 47  
ASN ND2  N  N N 48  
ASN OXT  O  N N 49  
ASN H    H  N N 50  
ASN H2   H  N N 51  
ASN HA   H  N N 52  
ASN HB2  H  N N 53  
ASN HB3  H  N N 54  
ASN HD21 H  N N 55  
ASN HD22 H  N N 56  
ASN HXT  H  N N 57  
ASP N    N  N N 58  
ASP CA   C  N S 59  
ASP C    C  N N 60  
ASP O    O  N N 61  
ASP CB   C  N N 62  
ASP CG   C  N N 63  
ASP OD1  O  N N 64  
ASP OD2  O  N N 65  
ASP OXT  O  N N 66  
ASP H    H  N N 67  
ASP H2   H  N N 68  
ASP HA   H  N N 69  
ASP HB2  H  N N 70  
ASP HB3  H  N N 71  
ASP HD2  H  N N 72  
ASP HXT  H  N N 73  
CYS N    N  N N 74  
CYS CA   C  N R 75  
CYS C    C  N N 76  
CYS O    O  N N 77  
CYS CB   C  N N 78  
CYS SG   S  N N 79  
CYS OXT  O  N N 80  
CYS H    H  N N 81  
CYS H2   H  N N 82  
CYS HA   H  N N 83  
CYS HB2  H  N N 84  
CYS HB3  H  N N 85  
CYS HG   H  N N 86  
CYS HXT  H  N N 87  
GLN N    N  N N 88  
GLN CA   C  N S 89  
GLN C    C  N N 90  
GLN O    O  N N 91  
GLN CB   C  N N 92  
GLN CG   C  N N 93  
GLN CD   C  N N 94  
GLN OE1  O  N N 95  
GLN NE2  N  N N 96  
GLN OXT  O  N N 97  
GLN H    H  N N 98  
GLN H2   H  N N 99  
GLN HA   H  N N 100 
GLN HB2  H  N N 101 
GLN HB3  H  N N 102 
GLN HG2  H  N N 103 
GLN HG3  H  N N 104 
GLN HE21 H  N N 105 
GLN HE22 H  N N 106 
GLN HXT  H  N N 107 
GLU N    N  N N 108 
GLU CA   C  N S 109 
GLU C    C  N N 110 
GLU O    O  N N 111 
GLU CB   C  N N 112 
GLU CG   C  N N 113 
GLU CD   C  N N 114 
GLU OE1  O  N N 115 
GLU OE2  O  N N 116 
GLU OXT  O  N N 117 
GLU H    H  N N 118 
GLU H2   H  N N 119 
GLU HA   H  N N 120 
GLU HB2  H  N N 121 
GLU HB3  H  N N 122 
GLU HG2  H  N N 123 
GLU HG3  H  N N 124 
GLU HE2  H  N N 125 
GLU HXT  H  N N 126 
GLY N    N  N N 127 
GLY CA   C  N N 128 
GLY C    C  N N 129 
GLY O    O  N N 130 
GLY OXT  O  N N 131 
GLY H    H  N N 132 
GLY H2   H  N N 133 
GLY HA2  H  N N 134 
GLY HA3  H  N N 135 
GLY HXT  H  N N 136 
HIS N    N  N N 137 
HIS CA   C  N S 138 
HIS C    C  N N 139 
HIS O    O  N N 140 
HIS CB   C  N N 141 
HIS CG   C  Y N 142 
HIS ND1  N  Y N 143 
HIS CD2  C  Y N 144 
HIS CE1  C  Y N 145 
HIS NE2  N  Y N 146 
HIS OXT  O  N N 147 
HIS H    H  N N 148 
HIS H2   H  N N 149 
HIS HA   H  N N 150 
HIS HB2  H  N N 151 
HIS HB3  H  N N 152 
HIS HD1  H  N N 153 
HIS HD2  H  N N 154 
HIS HE1  H  N N 155 
HIS HE2  H  N N 156 
HIS HXT  H  N N 157 
HOH O    O  N N 158 
HOH H1   H  N N 159 
HOH H2   H  N N 160 
ILE N    N  N N 161 
ILE CA   C  N S 162 
ILE C    C  N N 163 
ILE O    O  N N 164 
ILE CB   C  N S 165 
ILE CG1  C  N N 166 
ILE CG2  C  N N 167 
ILE CD1  C  N N 168 
ILE OXT  O  N N 169 
ILE H    H  N N 170 
ILE H2   H  N N 171 
ILE HA   H  N N 172 
ILE HB   H  N N 173 
ILE HG12 H  N N 174 
ILE HG13 H  N N 175 
ILE HG21 H  N N 176 
ILE HG22 H  N N 177 
ILE HG23 H  N N 178 
ILE HD11 H  N N 179 
ILE HD12 H  N N 180 
ILE HD13 H  N N 181 
ILE HXT  H  N N 182 
LEU N    N  N N 183 
LEU CA   C  N S 184 
LEU C    C  N N 185 
LEU O    O  N N 186 
LEU CB   C  N N 187 
LEU CG   C  N N 188 
LEU CD1  C  N N 189 
LEU CD2  C  N N 190 
LEU OXT  O  N N 191 
LEU H    H  N N 192 
LEU H2   H  N N 193 
LEU HA   H  N N 194 
LEU HB2  H  N N 195 
LEU HB3  H  N N 196 
LEU HG   H  N N 197 
LEU HD11 H  N N 198 
LEU HD12 H  N N 199 
LEU HD13 H  N N 200 
LEU HD21 H  N N 201 
LEU HD22 H  N N 202 
LEU HD23 H  N N 203 
LEU HXT  H  N N 204 
LYS N    N  N N 205 
LYS CA   C  N S 206 
LYS C    C  N N 207 
LYS O    O  N N 208 
LYS CB   C  N N 209 
LYS CG   C  N N 210 
LYS CD   C  N N 211 
LYS CE   C  N N 212 
LYS NZ   N  N N 213 
LYS OXT  O  N N 214 
LYS H    H  N N 215 
LYS H2   H  N N 216 
LYS HA   H  N N 217 
LYS HB2  H  N N 218 
LYS HB3  H  N N 219 
LYS HG2  H  N N 220 
LYS HG3  H  N N 221 
LYS HD2  H  N N 222 
LYS HD3  H  N N 223 
LYS HE2  H  N N 224 
LYS HE3  H  N N 225 
LYS HZ1  H  N N 226 
LYS HZ2  H  N N 227 
LYS HZ3  H  N N 228 
LYS HXT  H  N N 229 
MET N    N  N N 230 
MET CA   C  N S 231 
MET C    C  N N 232 
MET O    O  N N 233 
MET CB   C  N N 234 
MET CG   C  N N 235 
MET SD   S  N N 236 
MET CE   C  N N 237 
MET OXT  O  N N 238 
MET H    H  N N 239 
MET H2   H  N N 240 
MET HA   H  N N 241 
MET HB2  H  N N 242 
MET HB3  H  N N 243 
MET HG2  H  N N 244 
MET HG3  H  N N 245 
MET HE1  H  N N 246 
MET HE2  H  N N 247 
MET HE3  H  N N 248 
MET HXT  H  N N 249 
MSE N    N  N N 250 
MSE CA   C  N S 251 
MSE C    C  N N 252 
MSE O    O  N N 253 
MSE OXT  O  N N 254 
MSE CB   C  N N 255 
MSE CG   C  N N 256 
MSE SE   SE N N 257 
MSE CE   C  N N 258 
MSE H    H  N N 259 
MSE H2   H  N N 260 
MSE HA   H  N N 261 
MSE HXT  H  N N 262 
MSE HB2  H  N N 263 
MSE HB3  H  N N 264 
MSE HG2  H  N N 265 
MSE HG3  H  N N 266 
MSE HE1  H  N N 267 
MSE HE2  H  N N 268 
MSE HE3  H  N N 269 
PHE N    N  N N 270 
PHE CA   C  N S 271 
PHE C    C  N N 272 
PHE O    O  N N 273 
PHE CB   C  N N 274 
PHE CG   C  Y N 275 
PHE CD1  C  Y N 276 
PHE CD2  C  Y N 277 
PHE CE1  C  Y N 278 
PHE CE2  C  Y N 279 
PHE CZ   C  Y N 280 
PHE OXT  O  N N 281 
PHE H    H  N N 282 
PHE H2   H  N N 283 
PHE HA   H  N N 284 
PHE HB2  H  N N 285 
PHE HB3  H  N N 286 
PHE HD1  H  N N 287 
PHE HD2  H  N N 288 
PHE HE1  H  N N 289 
PHE HE2  H  N N 290 
PHE HZ   H  N N 291 
PHE HXT  H  N N 292 
PRO N    N  N N 293 
PRO CA   C  N S 294 
PRO C    C  N N 295 
PRO O    O  N N 296 
PRO CB   C  N N 297 
PRO CG   C  N N 298 
PRO CD   C  N N 299 
PRO OXT  O  N N 300 
PRO H    H  N N 301 
PRO HA   H  N N 302 
PRO HB2  H  N N 303 
PRO HB3  H  N N 304 
PRO HG2  H  N N 305 
PRO HG3  H  N N 306 
PRO HD2  H  N N 307 
PRO HD3  H  N N 308 
PRO HXT  H  N N 309 
SER N    N  N N 310 
SER CA   C  N S 311 
SER C    C  N N 312 
SER O    O  N N 313 
SER CB   C  N N 314 
SER OG   O  N N 315 
SER OXT  O  N N 316 
SER H    H  N N 317 
SER H2   H  N N 318 
SER HA   H  N N 319 
SER HB2  H  N N 320 
SER HB3  H  N N 321 
SER HG   H  N N 322 
SER HXT  H  N N 323 
SO4 S    S  N N 324 
SO4 O1   O  N N 325 
SO4 O2   O  N N 326 
SO4 O3   O  N N 327 
SO4 O4   O  N N 328 
THR N    N  N N 329 
THR CA   C  N S 330 
THR C    C  N N 331 
THR O    O  N N 332 
THR CB   C  N R 333 
THR OG1  O  N N 334 
THR CG2  C  N N 335 
THR OXT  O  N N 336 
THR H    H  N N 337 
THR H2   H  N N 338 
THR HA   H  N N 339 
THR HB   H  N N 340 
THR HG1  H  N N 341 
THR HG21 H  N N 342 
THR HG22 H  N N 343 
THR HG23 H  N N 344 
THR HXT  H  N N 345 
TRP N    N  N N 346 
TRP CA   C  N S 347 
TRP C    C  N N 348 
TRP O    O  N N 349 
TRP CB   C  N N 350 
TRP CG   C  Y N 351 
TRP CD1  C  Y N 352 
TRP CD2  C  Y N 353 
TRP NE1  N  Y N 354 
TRP CE2  C  Y N 355 
TRP CE3  C  Y N 356 
TRP CZ2  C  Y N 357 
TRP CZ3  C  Y N 358 
TRP CH2  C  Y N 359 
TRP OXT  O  N N 360 
TRP H    H  N N 361 
TRP H2   H  N N 362 
TRP HA   H  N N 363 
TRP HB2  H  N N 364 
TRP HB3  H  N N 365 
TRP HD1  H  N N 366 
TRP HE1  H  N N 367 
TRP HE3  H  N N 368 
TRP HZ2  H  N N 369 
TRP HZ3  H  N N 370 
TRP HH2  H  N N 371 
TRP HXT  H  N N 372 
TYR N    N  N N 373 
TYR CA   C  N S 374 
TYR C    C  N N 375 
TYR O    O  N N 376 
TYR CB   C  N N 377 
TYR CG   C  Y N 378 
TYR CD1  C  Y N 379 
TYR CD2  C  Y N 380 
TYR CE1  C  Y N 381 
TYR CE2  C  Y N 382 
TYR CZ   C  Y N 383 
TYR OH   O  N N 384 
TYR OXT  O  N N 385 
TYR H    H  N N 386 
TYR H2   H  N N 387 
TYR HA   H  N N 388 
TYR HB2  H  N N 389 
TYR HB3  H  N N 390 
TYR HD1  H  N N 391 
TYR HD2  H  N N 392 
TYR HE1  H  N N 393 
TYR HE2  H  N N 394 
TYR HH   H  N N 395 
TYR HXT  H  N N 396 
VAL N    N  N N 397 
VAL CA   C  N S 398 
VAL C    C  N N 399 
VAL O    O  N N 400 
VAL CB   C  N N 401 
VAL CG1  C  N N 402 
VAL CG2  C  N N 403 
VAL OXT  O  N N 404 
VAL H    H  N N 405 
VAL H2   H  N N 406 
VAL HA   H  N N 407 
VAL HB   H  N N 408 
VAL HG11 H  N N 409 
VAL HG12 H  N N 410 
VAL HG13 H  N N 411 
VAL HG21 H  N N 412 
VAL HG22 H  N N 413 
VAL HG23 H  N N 414 
VAL HXT  H  N N 415 
# 
loop_
_chem_comp_bond.comp_id 
_chem_comp_bond.atom_id_1 
_chem_comp_bond.atom_id_2 
_chem_comp_bond.value_order 
_chem_comp_bond.pdbx_aromatic_flag 
_chem_comp_bond.pdbx_stereo_config 
_chem_comp_bond.pdbx_ordinal 
ALA N   CA   sing N N 1   
ALA N   H    sing N N 2   
ALA N   H2   sing N N 3   
ALA CA  C    sing N N 4   
ALA CA  CB   sing N N 5   
ALA CA  HA   sing N N 6   
ALA C   O    doub N N 7   
ALA C   OXT  sing N N 8   
ALA CB  HB1  sing N N 9   
ALA CB  HB2  sing N N 10  
ALA CB  HB3  sing N N 11  
ALA OXT HXT  sing N N 12  
ARG N   CA   sing N N 13  
ARG N   H    sing N N 14  
ARG N   H2   sing N N 15  
ARG CA  C    sing N N 16  
ARG CA  CB   sing N N 17  
ARG CA  HA   sing N N 18  
ARG C   O    doub N N 19  
ARG C   OXT  sing N N 20  
ARG CB  CG   sing N N 21  
ARG CB  HB2  sing N N 22  
ARG CB  HB3  sing N N 23  
ARG CG  CD   sing N N 24  
ARG CG  HG2  sing N N 25  
ARG CG  HG3  sing N N 26  
ARG CD  NE   sing N N 27  
ARG CD  HD2  sing N N 28  
ARG CD  HD3  sing N N 29  
ARG NE  CZ   sing N N 30  
ARG NE  HE   sing N N 31  
ARG CZ  NH1  sing N N 32  
ARG CZ  NH2  doub N N 33  
ARG NH1 HH11 sing N N 34  
ARG NH1 HH12 sing N N 35  
ARG NH2 HH21 sing N N 36  
ARG NH2 HH22 sing N N 37  
ARG OXT HXT  sing N N 38  
ASN N   CA   sing N N 39  
ASN N   H    sing N N 40  
ASN N   H2   sing N N 41  
ASN CA  C    sing N N 42  
ASN CA  CB   sing N N 43  
ASN CA  HA   sing N N 44  
ASN C   O    doub N N 45  
ASN C   OXT  sing N N 46  
ASN CB  CG   sing N N 47  
ASN CB  HB2  sing N N 48  
ASN CB  HB3  sing N N 49  
ASN CG  OD1  doub N N 50  
ASN CG  ND2  sing N N 51  
ASN ND2 HD21 sing N N 52  
ASN ND2 HD22 sing N N 53  
ASN OXT HXT  sing N N 54  
ASP N   CA   sing N N 55  
ASP N   H    sing N N 56  
ASP N   H2   sing N N 57  
ASP CA  C    sing N N 58  
ASP CA  CB   sing N N 59  
ASP CA  HA   sing N N 60  
ASP C   O    doub N N 61  
ASP C   OXT  sing N N 62  
ASP CB  CG   sing N N 63  
ASP CB  HB2  sing N N 64  
ASP CB  HB3  sing N N 65  
ASP CG  OD1  doub N N 66  
ASP CG  OD2  sing N N 67  
ASP OD2 HD2  sing N N 68  
ASP OXT HXT  sing N N 69  
CYS N   CA   sing N N 70  
CYS N   H    sing N N 71  
CYS N   H2   sing N N 72  
CYS CA  C    sing N N 73  
CYS CA  CB   sing N N 74  
CYS CA  HA   sing N N 75  
CYS C   O    doub N N 76  
CYS C   OXT  sing N N 77  
CYS CB  SG   sing N N 78  
CYS CB  HB2  sing N N 79  
CYS CB  HB3  sing N N 80  
CYS SG  HG   sing N N 81  
CYS OXT HXT  sing N N 82  
GLN N   CA   sing N N 83  
GLN N   H    sing N N 84  
GLN N   H2   sing N N 85  
GLN CA  C    sing N N 86  
GLN CA  CB   sing N N 87  
GLN CA  HA   sing N N 88  
GLN C   O    doub N N 89  
GLN C   OXT  sing N N 90  
GLN CB  CG   sing N N 91  
GLN CB  HB2  sing N N 92  
GLN CB  HB3  sing N N 93  
GLN CG  CD   sing N N 94  
GLN CG  HG2  sing N N 95  
GLN CG  HG3  sing N N 96  
GLN CD  OE1  doub N N 97  
GLN CD  NE2  sing N N 98  
GLN NE2 HE21 sing N N 99  
GLN NE2 HE22 sing N N 100 
GLN OXT HXT  sing N N 101 
GLU N   CA   sing N N 102 
GLU N   H    sing N N 103 
GLU N   H2   sing N N 104 
GLU CA  C    sing N N 105 
GLU CA  CB   sing N N 106 
GLU CA  HA   sing N N 107 
GLU C   O    doub N N 108 
GLU C   OXT  sing N N 109 
GLU CB  CG   sing N N 110 
GLU CB  HB2  sing N N 111 
GLU CB  HB3  sing N N 112 
GLU CG  CD   sing N N 113 
GLU CG  HG2  sing N N 114 
GLU CG  HG3  sing N N 115 
GLU CD  OE1  doub N N 116 
GLU CD  OE2  sing N N 117 
GLU OE2 HE2  sing N N 118 
GLU OXT HXT  sing N N 119 
GLY N   CA   sing N N 120 
GLY N   H    sing N N 121 
GLY N   H2   sing N N 122 
GLY CA  C    sing N N 123 
GLY CA  HA2  sing N N 124 
GLY CA  HA3  sing N N 125 
GLY C   O    doub N N 126 
GLY C   OXT  sing N N 127 
GLY OXT HXT  sing N N 128 
HIS N   CA   sing N N 129 
HIS N   H    sing N N 130 
HIS N   H2   sing N N 131 
HIS CA  C    sing N N 132 
HIS CA  CB   sing N N 133 
HIS CA  HA   sing N N 134 
HIS C   O    doub N N 135 
HIS C   OXT  sing N N 136 
HIS CB  CG   sing N N 137 
HIS CB  HB2  sing N N 138 
HIS CB  HB3  sing N N 139 
HIS CG  ND1  sing Y N 140 
HIS CG  CD2  doub Y N 141 
HIS ND1 CE1  doub Y N 142 
HIS ND1 HD1  sing N N 143 
HIS CD2 NE2  sing Y N 144 
HIS CD2 HD2  sing N N 145 
HIS CE1 NE2  sing Y N 146 
HIS CE1 HE1  sing N N 147 
HIS NE2 HE2  sing N N 148 
HIS OXT HXT  sing N N 149 
HOH O   H1   sing N N 150 
HOH O   H2   sing N N 151 
ILE N   CA   sing N N 152 
ILE N   H    sing N N 153 
ILE N   H2   sing N N 154 
ILE CA  C    sing N N 155 
ILE CA  CB   sing N N 156 
ILE CA  HA   sing N N 157 
ILE C   O    doub N N 158 
ILE C   OXT  sing N N 159 
ILE CB  CG1  sing N N 160 
ILE CB  CG2  sing N N 161 
ILE CB  HB   sing N N 162 
ILE CG1 CD1  sing N N 163 
ILE CG1 HG12 sing N N 164 
ILE CG1 HG13 sing N N 165 
ILE CG2 HG21 sing N N 166 
ILE CG2 HG22 sing N N 167 
ILE CG2 HG23 sing N N 168 
ILE CD1 HD11 sing N N 169 
ILE CD1 HD12 sing N N 170 
ILE CD1 HD13 sing N N 171 
ILE OXT HXT  sing N N 172 
LEU N   CA   sing N N 173 
LEU N   H    sing N N 174 
LEU N   H2   sing N N 175 
LEU CA  C    sing N N 176 
LEU CA  CB   sing N N 177 
LEU CA  HA   sing N N 178 
LEU C   O    doub N N 179 
LEU C   OXT  sing N N 180 
LEU CB  CG   sing N N 181 
LEU CB  HB2  sing N N 182 
LEU CB  HB3  sing N N 183 
LEU CG  CD1  sing N N 184 
LEU CG  CD2  sing N N 185 
LEU CG  HG   sing N N 186 
LEU CD1 HD11 sing N N 187 
LEU CD1 HD12 sing N N 188 
LEU CD1 HD13 sing N N 189 
LEU CD2 HD21 sing N N 190 
LEU CD2 HD22 sing N N 191 
LEU CD2 HD23 sing N N 192 
LEU OXT HXT  sing N N 193 
LYS N   CA   sing N N 194 
LYS N   H    sing N N 195 
LYS N   H2   sing N N 196 
LYS CA  C    sing N N 197 
LYS CA  CB   sing N N 198 
LYS CA  HA   sing N N 199 
LYS C   O    doub N N 200 
LYS C   OXT  sing N N 201 
LYS CB  CG   sing N N 202 
LYS CB  HB2  sing N N 203 
LYS CB  HB3  sing N N 204 
LYS CG  CD   sing N N 205 
LYS CG  HG2  sing N N 206 
LYS CG  HG3  sing N N 207 
LYS CD  CE   sing N N 208 
LYS CD  HD2  sing N N 209 
LYS CD  HD3  sing N N 210 
LYS CE  NZ   sing N N 211 
LYS CE  HE2  sing N N 212 
LYS CE  HE3  sing N N 213 
LYS NZ  HZ1  sing N N 214 
LYS NZ  HZ2  sing N N 215 
LYS NZ  HZ3  sing N N 216 
LYS OXT HXT  sing N N 217 
MET N   CA   sing N N 218 
MET N   H    sing N N 219 
MET N   H2   sing N N 220 
MET CA  C    sing N N 221 
MET CA  CB   sing N N 222 
MET CA  HA   sing N N 223 
MET C   O    doub N N 224 
MET C   OXT  sing N N 225 
MET CB  CG   sing N N 226 
MET CB  HB2  sing N N 227 
MET CB  HB3  sing N N 228 
MET CG  SD   sing N N 229 
MET CG  HG2  sing N N 230 
MET CG  HG3  sing N N 231 
MET SD  CE   sing N N 232 
MET CE  HE1  sing N N 233 
MET CE  HE2  sing N N 234 
MET CE  HE3  sing N N 235 
MET OXT HXT  sing N N 236 
MSE N   CA   sing N N 237 
MSE N   H    sing N N 238 
MSE N   H2   sing N N 239 
MSE CA  C    sing N N 240 
MSE CA  CB   sing N N 241 
MSE CA  HA   sing N N 242 
MSE C   O    doub N N 243 
MSE C   OXT  sing N N 244 
MSE OXT HXT  sing N N 245 
MSE CB  CG   sing N N 246 
MSE CB  HB2  sing N N 247 
MSE CB  HB3  sing N N 248 
MSE CG  SE   sing N N 249 
MSE CG  HG2  sing N N 250 
MSE CG  HG3  sing N N 251 
MSE SE  CE   sing N N 252 
MSE CE  HE1  sing N N 253 
MSE CE  HE2  sing N N 254 
MSE CE  HE3  sing N N 255 
PHE N   CA   sing N N 256 
PHE N   H    sing N N 257 
PHE N   H2   sing N N 258 
PHE CA  C    sing N N 259 
PHE CA  CB   sing N N 260 
PHE CA  HA   sing N N 261 
PHE C   O    doub N N 262 
PHE C   OXT  sing N N 263 
PHE CB  CG   sing N N 264 
PHE CB  HB2  sing N N 265 
PHE CB  HB3  sing N N 266 
PHE CG  CD1  doub Y N 267 
PHE CG  CD2  sing Y N 268 
PHE CD1 CE1  sing Y N 269 
PHE CD1 HD1  sing N N 270 
PHE CD2 CE2  doub Y N 271 
PHE CD2 HD2  sing N N 272 
PHE CE1 CZ   doub Y N 273 
PHE CE1 HE1  sing N N 274 
PHE CE2 CZ   sing Y N 275 
PHE CE2 HE2  sing N N 276 
PHE CZ  HZ   sing N N 277 
PHE OXT HXT  sing N N 278 
PRO N   CA   sing N N 279 
PRO N   CD   sing N N 280 
PRO N   H    sing N N 281 
PRO CA  C    sing N N 282 
PRO CA  CB   sing N N 283 
PRO CA  HA   sing N N 284 
PRO C   O    doub N N 285 
PRO C   OXT  sing N N 286 
PRO CB  CG   sing N N 287 
PRO CB  HB2  sing N N 288 
PRO CB  HB3  sing N N 289 
PRO CG  CD   sing N N 290 
PRO CG  HG2  sing N N 291 
PRO CG  HG3  sing N N 292 
PRO CD  HD2  sing N N 293 
PRO CD  HD3  sing N N 294 
PRO OXT HXT  sing N N 295 
SER N   CA   sing N N 296 
SER N   H    sing N N 297 
SER N   H2   sing N N 298 
SER CA  C    sing N N 299 
SER CA  CB   sing N N 300 
SER CA  HA   sing N N 301 
SER C   O    doub N N 302 
SER C   OXT  sing N N 303 
SER CB  OG   sing N N 304 
SER CB  HB2  sing N N 305 
SER CB  HB3  sing N N 306 
SER OG  HG   sing N N 307 
SER OXT HXT  sing N N 308 
SO4 S   O1   doub N N 309 
SO4 S   O2   doub N N 310 
SO4 S   O3   sing N N 311 
SO4 S   O4   sing N N 312 
THR N   CA   sing N N 313 
THR N   H    sing N N 314 
THR N   H2   sing N N 315 
THR CA  C    sing N N 316 
THR CA  CB   sing N N 317 
THR CA  HA   sing N N 318 
THR C   O    doub N N 319 
THR C   OXT  sing N N 320 
THR CB  OG1  sing N N 321 
THR CB  CG2  sing N N 322 
THR CB  HB   sing N N 323 
THR OG1 HG1  sing N N 324 
THR CG2 HG21 sing N N 325 
THR CG2 HG22 sing N N 326 
THR CG2 HG23 sing N N 327 
THR OXT HXT  sing N N 328 
TRP N   CA   sing N N 329 
TRP N   H    sing N N 330 
TRP N   H2   sing N N 331 
TRP CA  C    sing N N 332 
TRP CA  CB   sing N N 333 
TRP CA  HA   sing N N 334 
TRP C   O    doub N N 335 
TRP C   OXT  sing N N 336 
TRP CB  CG   sing N N 337 
TRP CB  HB2  sing N N 338 
TRP CB  HB3  sing N N 339 
TRP CG  CD1  doub Y N 340 
TRP CG  CD2  sing Y N 341 
TRP CD1 NE1  sing Y N 342 
TRP CD1 HD1  sing N N 343 
TRP CD2 CE2  doub Y N 344 
TRP CD2 CE3  sing Y N 345 
TRP NE1 CE2  sing Y N 346 
TRP NE1 HE1  sing N N 347 
TRP CE2 CZ2  sing Y N 348 
TRP CE3 CZ3  doub Y N 349 
TRP CE3 HE3  sing N N 350 
TRP CZ2 CH2  doub Y N 351 
TRP CZ2 HZ2  sing N N 352 
TRP CZ3 CH2  sing Y N 353 
TRP CZ3 HZ3  sing N N 354 
TRP CH2 HH2  sing N N 355 
TRP OXT HXT  sing N N 356 
TYR N   CA   sing N N 357 
TYR N   H    sing N N 358 
TYR N   H2   sing N N 359 
TYR CA  C    sing N N 360 
TYR CA  CB   sing N N 361 
TYR CA  HA   sing N N 362 
TYR C   O    doub N N 363 
TYR C   OXT  sing N N 364 
TYR CB  CG   sing N N 365 
TYR CB  HB2  sing N N 366 
TYR CB  HB3  sing N N 367 
TYR CG  CD1  doub Y N 368 
TYR CG  CD2  sing Y N 369 
TYR CD1 CE1  sing Y N 370 
TYR CD1 HD1  sing N N 371 
TYR CD2 CE2  doub Y N 372 
TYR CD2 HD2  sing N N 373 
TYR CE1 CZ   doub Y N 374 
TYR CE1 HE1  sing N N 375 
TYR CE2 CZ   sing Y N 376 
TYR CE2 HE2  sing N N 377 
TYR CZ  OH   sing N N 378 
TYR OH  HH   sing N N 379 
TYR OXT HXT  sing N N 380 
VAL N   CA   sing N N 381 
VAL N   H    sing N N 382 
VAL N   H2   sing N N 383 
VAL CA  C    sing N N 384 
VAL CA  CB   sing N N 385 
VAL CA  HA   sing N N 386 
VAL C   O    doub N N 387 
VAL C   OXT  sing N N 388 
VAL CB  CG1  sing N N 389 
VAL CB  CG2  sing N N 390 
VAL CB  HB   sing N N 391 
VAL CG1 HG11 sing N N 392 
VAL CG1 HG12 sing N N 393 
VAL CG1 HG13 sing N N 394 
VAL CG2 HG21 sing N N 395 
VAL CG2 HG22 sing N N 396 
VAL CG2 HG23 sing N N 397 
VAL OXT HXT  sing N N 398 
# 
_atom_sites.entry_id                    2BDT 
_atom_sites.fract_transf_matrix[1][1]   -0.00568150 
_atom_sites.fract_transf_matrix[1][2]   -0.01273468 
_atom_sites.fract_transf_matrix[1][3]   0.01815972 
_atom_sites.fract_transf_matrix[2][1]   -0.02216624 
_atom_sites.fract_transf_matrix[2][2]   0.00260258 
_atom_sites.fract_transf_matrix[2][3]   -0.00510991 
_atom_sites.fract_transf_matrix[3][1]   0.00017086 
_atom_sites.fract_transf_matrix[3][2]   -0.00414007 
_atom_sites.fract_transf_matrix[3][3]   -0.00284981 
_atom_sites.fract_transf_vector[1]      0.552657 
_atom_sites.fract_transf_vector[2]      0.213828 
_atom_sites.fract_transf_vector[3]      0.444959 
# 
loop_
_atom_type.symbol 
C  
N  
O  
S  
SE 
# 
loop_
_atom_site.group_PDB 
_atom_site.id 
_atom_site.type_symbol 
_atom_site.label_atom_id 
_atom_site.label_alt_id 
_atom_site.label_comp_id 
_atom_site.label_asym_id 
_atom_site.label_entity_id 
_atom_site.label_seq_id 
_atom_site.pdbx_PDB_ins_code 
_atom_site.Cartn_x 
_atom_site.Cartn_y 
_atom_site.Cartn_z 
_atom_site.occupancy 
_atom_site.B_iso_or_equiv 
_atom_site.pdbx_formal_charge 
_atom_site.auth_seq_id 
_atom_site.auth_comp_id 
_atom_site.auth_asym_id 
_atom_site.auth_atom_id 
_atom_site.pdbx_PDB_model_num 
HETATM 1    N  N   . MSE A 1 1   ? -3.689  -20.319 5.953   1.00 50.30 ? 1   MSE A N   1 
HETATM 2    C  CA  . MSE A 1 1   ? -4.615  -19.169 5.728   1.00 50.07 ? 1   MSE A CA  1 
HETATM 3    C  C   . MSE A 1 1   ? -4.056  -18.153 4.732   1.00 46.19 ? 1   MSE A C   1 
HETATM 4    O  O   . MSE A 1 1   ? -2.903  -18.244 4.308   1.00 45.28 ? 1   MSE A O   1 
HETATM 5    C  CB  . MSE A 1 1   ? -4.901  -18.450 7.045   1.00 56.08 ? 1   MSE A CB  1 
HETATM 6    C  CG  . MSE A 1 1   ? -3.655  -17.901 7.717   1.00 62.82 ? 1   MSE A CG  1 
HETATM 7    SE SE  . MSE A 1 1   ? -4.005  -16.218 8.587   1.00 74.36 ? 1   MSE A SE  1 
HETATM 8    C  CE  . MSE A 1 1   ? -5.318  -16.825 9.882   1.00 68.13 ? 1   MSE A CE  1 
ATOM   9    N  N   . LYS A 1 2   ? -4.886  -17.173 4.384   1.00 40.61 ? 2   LYS A N   1 
ATOM   10   C  CA  . LYS A 1 2   ? -4.504  -16.136 3.439   1.00 35.31 ? 2   LYS A CA  1 
ATOM   11   C  C   . LYS A 1 2   ? -4.033  -14.855 4.123   1.00 31.14 ? 2   LYS A C   1 
ATOM   12   O  O   . LYS A 1 2   ? -4.393  -14.568 5.263   1.00 30.76 ? 2   LYS A O   1 
ATOM   13   C  CB  . LYS A 1 2   ? -5.678  -15.813 2.511   1.00 36.41 ? 2   LYS A CB  1 
ATOM   14   C  CG  . LYS A 1 2   ? -6.063  -16.942 1.572   1.00 38.80 ? 2   LYS A CG  1 
ATOM   15   C  CD  . LYS A 1 2   ? -6.910  -17.993 2.262   1.00 39.66 ? 2   LYS A CD  1 
ATOM   16   C  CE  . LYS A 1 2   ? -8.274  -17.458 2.630   1.00 38.11 ? 2   LYS A CE  1 
ATOM   17   N  NZ  . LYS A 1 2   ? -9.104  -18.518 3.276   1.00 39.71 ? 2   LYS A NZ  1 
ATOM   18   N  N   . LYS A 1 3   ? -3.230  -14.074 3.415   1.00 26.35 ? 3   LYS A N   1 
ATOM   19   C  CA  . LYS A 1 3   ? -2.729  -12.839 3.977   1.00 22.81 ? 3   LYS A CA  1 
ATOM   20   C  C   . LYS A 1 3   ? -2.863  -11.677 2.999   1.00 19.92 ? 3   LYS A C   1 
ATOM   21   O  O   . LYS A 1 3   ? -2.661  -11.834 1.794   1.00 18.41 ? 3   LYS A O   1 
ATOM   22   C  CB  . LYS A 1 3   ? -1.267  -13.021 4.401   1.00 23.65 ? 3   LYS A CB  1 
ATOM   23   C  CG  . LYS A 1 3   ? -1.101  -13.903 5.634   1.00 25.24 ? 3   LYS A CG  1 
ATOM   24   C  CD  . LYS A 1 3   ? 0.332   -14.343 5.838   1.00 28.20 ? 3   LYS A CD  1 
ATOM   25   C  CE  . LYS A 1 3   ? 0.811   -15.224 4.689   1.00 29.23 ? 3   LYS A CE  1 
ATOM   26   N  NZ  . LYS A 1 3   ? 2.252   -15.575 4.797   1.00 30.32 ? 3   LYS A NZ  1 
ATOM   27   N  N   . LEU A 1 4   ? -3.241  -10.520 3.531   1.00 15.71 ? 4   LEU A N   1 
ATOM   28   C  CA  . LEU A 1 4   ? -3.381  -9.315  2.732   1.00 15.76 ? 4   LEU A CA  1 
ATOM   29   C  C   . LEU A 1 4   ? -2.419  -8.278  3.285   1.00 14.80 ? 4   LEU A C   1 
ATOM   30   O  O   . LEU A 1 4   ? -2.401  -8.005  4.489   1.00 15.40 ? 4   LEU A O   1 
ATOM   31   C  CB  . LEU A 1 4   ? -4.815  -8.776  2.787   1.00 14.95 ? 4   LEU A CB  1 
ATOM   32   C  CG  . LEU A 1 4   ? -5.030  -7.339  2.279   1.00 14.87 ? 4   LEU A CG  1 
ATOM   33   C  CD1 . LEU A 1 4   ? -4.539  -7.178  0.829   1.00 13.30 ? 4   LEU A CD1 1 
ATOM   34   C  CD2 . LEU A 1 4   ? -6.508  -7.008  2.379   1.00 16.54 ? 4   LEU A CD2 1 
ATOM   35   N  N   . TYR A 1 5   ? -1.614  -7.711  2.399   1.00 14.28 ? 5   TYR A N   1 
ATOM   36   C  CA  . TYR A 1 5   ? -0.628  -6.709  2.780   1.00 13.44 ? 5   TYR A CA  1 
ATOM   37   C  C   . TYR A 1 5   ? -0.958  -5.388  2.121   1.00 11.90 ? 5   TYR A C   1 
ATOM   38   O  O   . TYR A 1 5   ? -0.827  -5.237  0.914   1.00 14.43 ? 5   TYR A O   1 
ATOM   39   C  CB  . TYR A 1 5   ? 0.775   -7.150  2.337   1.00 12.23 ? 5   TYR A CB  1 
ATOM   40   C  CG  . TYR A 1 5   ? 1.271   -8.427  2.978   1.00 11.86 ? 5   TYR A CG  1 
ATOM   41   C  CD1 . TYR A 1 5   ? 1.869   -8.416  4.243   1.00 14.35 ? 5   TYR A CD1 1 
ATOM   42   C  CD2 . TYR A 1 5   ? 1.173   -9.648  2.306   1.00 15.08 ? 5   TYR A CD2 1 
ATOM   43   C  CE1 . TYR A 1 5   ? 2.363   -9.591  4.823   1.00 13.28 ? 5   TYR A CE1 1 
ATOM   44   C  CE2 . TYR A 1 5   ? 1.662   -10.829 2.874   1.00 12.44 ? 5   TYR A CE2 1 
ATOM   45   C  CZ  . TYR A 1 5   ? 2.252   -10.787 4.128   1.00 14.34 ? 5   TYR A CZ  1 
ATOM   46   O  OH  . TYR A 1 5   ? 2.732   -11.944 4.690   1.00 18.79 ? 5   TYR A OH  1 
ATOM   47   N  N   . ILE A 1 6   ? -1.399  -4.436  2.921   1.00 13.26 ? 6   ILE A N   1 
ATOM   48   C  CA  . ILE A 1 6   ? -1.724  -3.106  2.428   1.00 12.61 ? 6   ILE A CA  1 
ATOM   49   C  C   . ILE A 1 6   ? -0.523  -2.202  2.712   1.00 15.81 ? 6   ILE A C   1 
ATOM   50   O  O   . ILE A 1 6   ? -0.388  -1.652  3.816   1.00 15.44 ? 6   ILE A O   1 
ATOM   51   C  CB  . ILE A 1 6   ? -2.954  -2.550  3.153   1.00 12.35 ? 6   ILE A CB  1 
ATOM   52   C  CG1 . ILE A 1 6   ? -4.154  -3.454  2.880   1.00 8.89  ? 6   ILE A CG1 1 
ATOM   53   C  CG2 . ILE A 1 6   ? -3.228  -1.116  2.705   1.00 10.49 ? 6   ILE A CG2 1 
ATOM   54   C  CD1 . ILE A 1 6   ? -5.393  -3.087  3.658   1.00 11.77 ? 6   ILE A CD1 1 
ATOM   55   N  N   . ILE A 1 7   ? 0.344   -2.066  1.708   1.00 15.93 ? 7   ILE A N   1 
ATOM   56   C  CA  . ILE A 1 7   ? 1.554   -1.259  1.807   1.00 15.95 ? 7   ILE A CA  1 
ATOM   57   C  C   . ILE A 1 7   ? 1.309   0.134   1.245   1.00 16.06 ? 7   ILE A C   1 
ATOM   58   O  O   . ILE A 1 7   ? 1.098   0.290   0.054   1.00 18.03 ? 7   ILE A O   1 
ATOM   59   C  CB  . ILE A 1 7   ? 2.719   -1.895  1.007   1.00 15.77 ? 7   ILE A CB  1 
ATOM   60   C  CG1 . ILE A 1 7   ? 2.870   -3.381  1.367   1.00 15.02 ? 7   ILE A CG1 1 
ATOM   61   C  CG2 . ILE A 1 7   ? 3.996   -1.132  1.268   1.00 14.48 ? 7   ILE A CG2 1 
ATOM   62   C  CD1 . ILE A 1 7   ? 3.083   -3.672  2.813   1.00 15.15 ? 7   ILE A CD1 1 
ATOM   63   N  N   . THR A 1 8   ? 1.357   1.152   2.092   1.00 16.83 ? 8   THR A N   1 
ATOM   64   C  CA  . THR A 1 8   ? 1.121   2.507   1.621   1.00 18.30 ? 8   THR A CA  1 
ATOM   65   C  C   . THR A 1 8   ? 2.254   3.460   2.036   1.00 19.65 ? 8   THR A C   1 
ATOM   66   O  O   . THR A 1 8   ? 3.316   3.011   2.468   1.00 19.27 ? 8   THR A O   1 
ATOM   67   C  CB  . THR A 1 8   ? -0.234  3.017   2.148   1.00 16.37 ? 8   THR A CB  1 
ATOM   68   O  OG1 . THR A 1 8   ? -0.542  4.284   1.549   1.00 19.78 ? 8   THR A OG1 1 
ATOM   69   C  CG2 . THR A 1 8   ? -0.191  3.153   3.650   1.00 19.17 ? 8   THR A CG2 1 
ATOM   70   N  N   . GLY A 1 9   ? 2.028   4.767   1.908   1.00 20.17 ? 9   GLY A N   1 
ATOM   71   C  CA  . GLY A 1 9   ? 3.052   5.736   2.267   1.00 20.35 ? 9   GLY A CA  1 
ATOM   72   C  C   . GLY A 1 9   ? 3.282   6.730   1.142   1.00 19.89 ? 9   GLY A C   1 
ATOM   73   O  O   . GLY A 1 9   ? 2.885   6.466   0.011   1.00 18.58 ? 9   GLY A O   1 
ATOM   74   N  N   . PRO A 1 10  ? 3.928   7.873   1.415   1.00 20.44 ? 10  PRO A N   1 
ATOM   75   C  CA  . PRO A 1 10  ? 4.207   8.915   0.422   1.00 22.71 ? 10  PRO A CA  1 
ATOM   76   C  C   . PRO A 1 10  ? 4.934   8.415   -0.825  1.00 23.66 ? 10  PRO A C   1 
ATOM   77   O  O   . PRO A 1 10  ? 5.561   7.358   -0.812  1.00 26.63 ? 10  PRO A O   1 
ATOM   78   C  CB  . PRO A 1 10  ? 5.062   9.914   1.205   1.00 22.71 ? 10  PRO A CB  1 
ATOM   79   C  CG  . PRO A 1 10  ? 4.579   9.766   2.582   1.00 22.87 ? 10  PRO A CG  1 
ATOM   80   C  CD  . PRO A 1 10  ? 4.468   8.261   2.726   1.00 22.34 ? 10  PRO A CD  1 
ATOM   81   N  N   . ALA A 1 11  ? 4.862   9.185   -1.900  1.00 24.20 ? 11  ALA A N   1 
ATOM   82   C  CA  . ALA A 1 11  ? 5.539   8.794   -3.127  1.00 26.68 ? 11  ALA A CA  1 
ATOM   83   C  C   . ALA A 1 11  ? 7.059   8.793   -2.921  1.00 27.17 ? 11  ALA A C   1 
ATOM   84   O  O   . ALA A 1 11  ? 7.594   9.599   -2.158  1.00 27.48 ? 11  ALA A O   1 
ATOM   85   C  CB  . ALA A 1 11  ? 5.157   9.741   -4.257  1.00 26.04 ? 11  ALA A CB  1 
ATOM   86   N  N   . GLY A 1 12  ? 7.742   7.869   -3.594  1.00 26.92 ? 12  GLY A N   1 
ATOM   87   C  CA  . GLY A 1 12  ? 9.187   7.774   -3.489  1.00 24.93 ? 12  GLY A CA  1 
ATOM   88   C  C   . GLY A 1 12  ? 9.708   7.043   -2.265  1.00 26.08 ? 12  GLY A C   1 
ATOM   89   O  O   . GLY A 1 12  ? 10.924  6.917   -2.090  1.00 26.03 ? 12  GLY A O   1 
ATOM   90   N  N   . VAL A 1 13  ? 8.799   6.547   -1.428  1.00 24.83 ? 13  VAL A N   1 
ATOM   91   C  CA  . VAL A 1 13  ? 9.183   5.843   -0.212  1.00 23.34 ? 13  VAL A CA  1 
ATOM   92   C  C   . VAL A 1 13  ? 9.618   4.409   -0.486  1.00 21.73 ? 13  VAL A C   1 
ATOM   93   O  O   . VAL A 1 13  ? 10.159  3.741   0.392   1.00 22.13 ? 13  VAL A O   1 
ATOM   94   C  CB  . VAL A 1 13  ? 8.024   5.835   0.825   1.00 24.73 ? 13  VAL A CB  1 
ATOM   95   C  CG1 . VAL A 1 13  ? 6.969   4.797   0.440   1.00 22.66 ? 13  VAL A CG1 1 
ATOM   96   C  CG2 . VAL A 1 13  ? 8.575   5.551   2.210   1.00 24.25 ? 13  VAL A CG2 1 
ATOM   97   N  N   . GLY A 1 14  ? 9.382   3.939   -1.708  1.00 23.12 ? 14  GLY A N   1 
ATOM   98   C  CA  . GLY A 1 14  ? 9.774   2.585   -2.080  1.00 18.93 ? 14  GLY A CA  1 
ATOM   99   C  C   . GLY A 1 14  ? 8.686   1.529   -1.948  1.00 18.69 ? 14  GLY A C   1 
ATOM   100  O  O   . GLY A 1 14  ? 8.982   0.351   -1.704  1.00 17.10 ? 14  GLY A O   1 
ATOM   101  N  N   . LYS A 1 15  ? 7.426   1.934   -2.113  1.00 16.21 ? 15  LYS A N   1 
ATOM   102  C  CA  . LYS A 1 15  ? 6.303   1.000   -2.017  1.00 14.72 ? 15  LYS A CA  1 
ATOM   103  C  C   . LYS A 1 15  ? 6.379   -0.049  -3.122  1.00 14.15 ? 15  LYS A C   1 
ATOM   104  O  O   . LYS A 1 15  ? 6.224   -1.246  -2.876  1.00 15.90 ? 15  LYS A O   1 
ATOM   105  C  CB  . LYS A 1 15  ? 4.968   1.744   -2.136  1.00 12.49 ? 15  LYS A CB  1 
ATOM   106  C  CG  . LYS A 1 15  ? 4.722   2.753   -1.042  1.00 13.19 ? 15  LYS A CG  1 
ATOM   107  C  CD  . LYS A 1 15  ? 3.325   3.341   -1.126  1.00 13.40 ? 15  LYS A CD  1 
ATOM   108  C  CE  . LYS A 1 15  ? 3.048   3.981   -2.484  1.00 12.14 ? 15  LYS A CE  1 
ATOM   109  N  NZ  . LYS A 1 15  ? 3.970   5.121   -2.784  1.00 13.11 ? 15  LYS A NZ  1 
ATOM   110  N  N   . SER A 1 16  ? 6.596   0.414   -4.346  1.00 12.37 ? 16  SER A N   1 
ATOM   111  C  CA  . SER A 1 16  ? 6.696   -0.479  -5.494  1.00 13.57 ? 16  SER A CA  1 
ATOM   112  C  C   . SER A 1 16  ? 7.799   -1.516  -5.267  1.00 12.01 ? 16  SER A C   1 
ATOM   113  O  O   . SER A 1 16  ? 7.564   -2.713  -5.359  1.00 12.83 ? 16  SER A O   1 
ATOM   114  C  CB  . SER A 1 16  ? 6.987   0.331   -6.768  1.00 11.61 ? 16  SER A CB  1 
ATOM   115  O  OG  . SER A 1 16  ? 7.373   -0.507  -7.839  1.00 15.35 ? 16  SER A OG  1 
ATOM   116  N  N   . THR A 1 17  ? 8.997   -1.050  -4.946  1.00 12.84 ? 17  THR A N   1 
ATOM   117  C  CA  . THR A 1 17  ? 10.123  -1.945  -4.719  1.00 14.34 ? 17  THR A CA  1 
ATOM   118  C  C   . THR A 1 17  ? 9.865   -2.971  -3.619  1.00 15.19 ? 17  THR A C   1 
ATOM   119  O  O   . THR A 1 17  ? 10.205  -4.147  -3.757  1.00 15.39 ? 17  THR A O   1 
ATOM   120  C  CB  . THR A 1 17  ? 11.403  -1.148  -4.373  1.00 13.12 ? 17  THR A CB  1 
ATOM   121  O  OG1 . THR A 1 17  ? 11.743  -0.302  -5.478  1.00 12.50 ? 17  THR A OG1 1 
ATOM   122  C  CG2 . THR A 1 17  ? 12.570  -2.091  -4.094  1.00 13.18 ? 17  THR A CG2 1 
ATOM   123  N  N   . THR A 1 18  ? 9.257   -2.526  -2.528  1.00 16.37 ? 18  THR A N   1 
ATOM   124  C  CA  . THR A 1 18  ? 8.972   -3.399  -1.408  1.00 15.58 ? 18  THR A CA  1 
ATOM   125  C  C   . THR A 1 18  ? 7.889   -4.415  -1.742  1.00 14.93 ? 18  THR A C   1 
ATOM   126  O  O   . THR A 1 18  ? 8.016   -5.599  -1.420  1.00 14.34 ? 18  THR A O   1 
ATOM   127  C  CB  . THR A 1 18  ? 8.521   -2.572  -0.198  1.00 18.30 ? 18  THR A CB  1 
ATOM   128  O  OG1 . THR A 1 18  ? 9.459   -1.514  0.017   1.00 18.76 ? 18  THR A OG1 1 
ATOM   129  C  CG2 . THR A 1 18  ? 8.453   -3.434  1.046   1.00 17.65 ? 18  THR A CG2 1 
ATOM   130  N  N   . CYS A 1 19  ? 6.816   -3.956  -2.382  1.00 13.11 ? 19  CYS A N   1 
ATOM   131  C  CA  . CYS A 1 19  ? 5.719   -4.861  -2.727  1.00 14.15 ? 19  CYS A CA  1 
ATOM   132  C  C   . CYS A 1 19  ? 6.127   -5.948  -3.718  1.00 14.42 ? 19  CYS A C   1 
ATOM   133  O  O   . CYS A 1 19  ? 5.764   -7.110  -3.547  1.00 13.12 ? 19  CYS A O   1 
ATOM   134  C  CB  . CYS A 1 19  ? 4.537   -4.084  -3.301  1.00 12.09 ? 19  CYS A CB  1 
ATOM   135  S  SG  . CYS A 1 19  ? 3.703   -3.018  -2.132  1.00 15.82 ? 19  CYS A SG  1 
ATOM   136  N  N   . LYS A 1 20  ? 6.885   -5.569  -4.747  1.00 15.08 ? 20  LYS A N   1 
ATOM   137  C  CA  . LYS A 1 20  ? 7.333   -6.525  -5.757  1.00 15.39 ? 20  LYS A CA  1 
ATOM   138  C  C   . LYS A 1 20  ? 8.197   -7.619  -5.138  1.00 14.80 ? 20  LYS A C   1 
ATOM   139  O  O   . LYS A 1 20  ? 8.107   -8.788  -5.510  1.00 15.04 ? 20  LYS A O   1 
ATOM   140  C  CB  . LYS A 1 20  ? 8.136   -5.813  -6.849  1.00 17.25 ? 20  LYS A CB  1 
ATOM   141  C  CG  . LYS A 1 20  ? 7.342   -4.835  -7.688  1.00 21.46 ? 20  LYS A CG  1 
ATOM   142  C  CD  . LYS A 1 20  ? 8.230   -4.217  -8.750  1.00 23.89 ? 20  LYS A CD  1 
ATOM   143  C  CE  . LYS A 1 20  ? 7.439   -3.379  -9.726  1.00 26.75 ? 20  LYS A CE  1 
ATOM   144  N  NZ  . LYS A 1 20  ? 6.402   -4.187  -10.447 1.00 31.81 ? 20  LYS A NZ  1 
ATOM   145  N  N   . ARG A 1 21  ? 9.047   -7.231  -4.199  1.00 13.58 ? 21  ARG A N   1 
ATOM   146  C  CA  . ARG A 1 21  ? 9.921   -8.186  -3.542  1.00 14.24 ? 21  ARG A CA  1 
ATOM   147  C  C   . ARG A 1 21  ? 9.079   -9.069  -2.617  1.00 15.36 ? 21  ARG A C   1 
ATOM   148  O  O   . ARG A 1 21  ? 9.238   -10.292 -2.604  1.00 17.79 ? 21  ARG A O   1 
ATOM   149  C  CB  . ARG A 1 21  ? 11.014  -7.447  -2.753  1.00 13.93 ? 21  ARG A CB  1 
ATOM   150  C  CG  . ARG A 1 21  ? 12.183  -8.330  -2.265  1.00 15.95 ? 21  ARG A CG  1 
ATOM   151  C  CD  . ARG A 1 21  ? 13.317  -8.425  -3.283  1.00 11.65 ? 21  ARG A CD  1 
ATOM   152  N  NE  . ARG A 1 21  ? 13.000  -9.270  -4.419  1.00 12.09 ? 21  ARG A NE  1 
ATOM   153  C  CZ  . ARG A 1 21  ? 12.997  -10.602 -4.402  1.00 14.27 ? 21  ARG A CZ  1 
ATOM   154  N  NH1 . ARG A 1 21  ? 13.300  -11.262 -3.292  1.00 13.11 ? 21  ARG A NH1 1 
ATOM   155  N  NH2 . ARG A 1 21  ? 12.682  -11.286 -5.506  1.00 14.28 ? 21  ARG A NH2 1 
ATOM   156  N  N   . LEU A 1 22  ? 8.165   -8.460  -1.862  1.00 15.66 ? 22  LEU A N   1 
ATOM   157  C  CA  . LEU A 1 22  ? 7.310   -9.229  -0.955  1.00 16.17 ? 22  LEU A CA  1 
ATOM   158  C  C   . LEU A 1 22  ? 6.506   -10.283 -1.710  1.00 18.34 ? 22  LEU A C   1 
ATOM   159  O  O   . LEU A 1 22  ? 6.528   -11.466 -1.352  1.00 17.78 ? 22  LEU A O   1 
ATOM   160  C  CB  . LEU A 1 22  ? 6.347   -8.312  -0.200  1.00 14.24 ? 22  LEU A CB  1 
ATOM   161  C  CG  . LEU A 1 22  ? 5.305   -8.990  0.697   1.00 14.51 ? 22  LEU A CG  1 
ATOM   162  C  CD1 . LEU A 1 22  ? 5.981   -9.847  1.776   1.00 12.15 ? 22  LEU A CD1 1 
ATOM   163  C  CD2 . LEU A 1 22  ? 4.450   -7.915  1.369   1.00 13.54 ? 22  LEU A CD2 1 
ATOM   164  N  N   . ALA A 1 23  ? 5.801   -9.854  -2.755  1.00 18.86 ? 23  ALA A N   1 
ATOM   165  C  CA  . ALA A 1 23  ? 4.985   -10.767 -3.556  1.00 21.03 ? 23  ALA A CA  1 
ATOM   166  C  C   . ALA A 1 23  ? 5.804   -11.958 -4.043  1.00 22.41 ? 23  ALA A C   1 
ATOM   167  O  O   . ALA A 1 23  ? 5.407   -13.119 -3.871  1.00 22.87 ? 23  ALA A O   1 
ATOM   168  C  CB  . ALA A 1 23  ? 4.392   -10.029 -4.757  1.00 19.14 ? 23  ALA A CB  1 
ATOM   169  N  N   . ALA A 1 24  ? 6.951   -11.662 -4.649  1.00 21.71 ? 24  ALA A N   1 
ATOM   170  C  CA  . ALA A 1 24  ? 7.826   -12.699 -5.176  1.00 22.47 ? 24  ALA A CA  1 
ATOM   171  C  C   . ALA A 1 24  ? 8.308   -13.700 -4.125  1.00 23.69 ? 24  ALA A C   1 
ATOM   172  O  O   . ALA A 1 24  ? 8.802   -14.766 -4.480  1.00 22.57 ? 24  ALA A O   1 
ATOM   173  C  CB  . ALA A 1 24  ? 9.019   -12.058 -5.870  1.00 23.31 ? 24  ALA A CB  1 
ATOM   174  N  N   . GLN A 1 25  ? 8.151   -13.365 -2.844  1.00 25.35 ? 25  GLN A N   1 
ATOM   175  C  CA  . GLN A 1 25  ? 8.582   -14.242 -1.757  1.00 25.63 ? 25  GLN A CA  1 
ATOM   176  C  C   . GLN A 1 25  ? 7.542   -15.278 -1.331  1.00 26.47 ? 25  GLN A C   1 
ATOM   177  O  O   . GLN A 1 25  ? 7.891   -16.352 -0.843  1.00 26.94 ? 25  GLN A O   1 
ATOM   178  C  CB  . GLN A 1 25  ? 8.977   -13.427 -0.524  1.00 27.22 ? 25  GLN A CB  1 
ATOM   179  C  CG  . GLN A 1 25  ? 10.333  -12.731 -0.601  1.00 29.63 ? 25  GLN A CG  1 
ATOM   180  C  CD  . GLN A 1 25  ? 10.849  -12.317 0.779   1.00 31.26 ? 25  GLN A CD  1 
ATOM   181  O  OE1 . GLN A 1 25  ? 11.984  -11.844 0.920   1.00 31.44 ? 25  GLN A OE1 1 
ATOM   182  N  NE2 . GLN A 1 25  ? 10.012  -12.499 1.805   1.00 29.44 ? 25  GLN A NE2 1 
ATOM   183  N  N   . LEU A 1 26  ? 6.265   -14.961 -1.497  1.00 25.34 ? 26  LEU A N   1 
ATOM   184  C  CA  . LEU A 1 26  ? 5.226   -15.900 -1.106  1.00 22.96 ? 26  LEU A CA  1 
ATOM   185  C  C   . LEU A 1 26  ? 5.079   -16.975 -2.181  1.00 23.02 ? 26  LEU A C   1 
ATOM   186  O  O   . LEU A 1 26  ? 5.382   -16.728 -3.347  1.00 23.74 ? 26  LEU A O   1 
ATOM   187  C  CB  . LEU A 1 26  ? 3.895   -15.169 -0.898  1.00 20.59 ? 26  LEU A CB  1 
ATOM   188  C  CG  . LEU A 1 26  ? 3.708   -14.205 0.285   1.00 19.54 ? 26  LEU A CG  1 
ATOM   189  C  CD1 . LEU A 1 26  ? 4.531   -14.659 1.468   1.00 16.01 ? 26  LEU A CD1 1 
ATOM   190  C  CD2 . LEU A 1 26  ? 4.088   -12.800 -0.120  1.00 19.11 ? 26  LEU A CD2 1 
ATOM   191  N  N   . ASP A 1 27  ? 4.636   -18.167 -1.786  1.00 22.38 ? 27  ASP A N   1 
ATOM   192  C  CA  . ASP A 1 27  ? 4.453   -19.260 -2.733  1.00 22.22 ? 27  ASP A CA  1 
ATOM   193  C  C   . ASP A 1 27  ? 3.326   -18.971 -3.703  1.00 20.81 ? 27  ASP A C   1 
ATOM   194  O  O   . ASP A 1 27  ? 3.425   -19.265 -4.894  1.00 22.94 ? 27  ASP A O   1 
ATOM   195  C  CB  . ASP A 1 27  ? 4.142   -20.567 -2.008  1.00 26.69 ? 27  ASP A CB  1 
ATOM   196  C  CG  . ASP A 1 27  ? 5.289   -21.042 -1.155  1.00 30.10 ? 27  ASP A CG  1 
ATOM   197  O  OD1 . ASP A 1 27  ? 6.444   -20.996 -1.640  1.00 32.39 ? 27  ASP A OD1 1 
ATOM   198  O  OD2 . ASP A 1 27  ? 5.028   -21.468 -0.003  1.00 31.43 ? 27  ASP A OD2 1 
ATOM   199  N  N   . ASN A 1 28  ? 2.242   -18.413 -3.183  1.00 18.89 ? 28  ASN A N   1 
ATOM   200  C  CA  . ASN A 1 28  ? 1.084   -18.075 -4.008  1.00 17.68 ? 28  ASN A CA  1 
ATOM   201  C  C   . ASN A 1 28  ? 0.612   -16.689 -3.622  1.00 15.71 ? 28  ASN A C   1 
ATOM   202  O  O   . ASN A 1 28  ? 0.078   -16.484 -2.528  1.00 15.59 ? 28  ASN A O   1 
ATOM   203  C  CB  . ASN A 1 28  ? -0.033  -19.093 -3.788  1.00 17.57 ? 28  ASN A CB  1 
ATOM   204  C  CG  . ASN A 1 28  ? 0.358   -20.476 -4.251  1.00 16.95 ? 28  ASN A CG  1 
ATOM   205  O  OD1 . ASN A 1 28  ? 0.192   -20.827 -5.420  1.00 17.11 ? 28  ASN A OD1 1 
ATOM   206  N  ND2 . ASN A 1 28  ? 0.905   -21.263 -3.337  1.00 18.72 ? 28  ASN A ND2 1 
ATOM   207  N  N   . SER A 1 29  ? 0.796   -15.742 -4.532  1.00 13.58 ? 29  SER A N   1 
ATOM   208  C  CA  . SER A 1 29  ? 0.430   -14.373 -4.243  1.00 12.92 ? 29  SER A CA  1 
ATOM   209  C  C   . SER A 1 29  ? 0.014   -13.567 -5.458  1.00 12.30 ? 29  SER A C   1 
ATOM   210  O  O   . SER A 1 29  ? 0.253   -13.955 -6.602  1.00 12.49 ? 29  SER A O   1 
ATOM   211  C  CB  . SER A 1 29  ? 1.609   -13.673 -3.570  1.00 12.54 ? 29  SER A CB  1 
ATOM   212  O  OG  . SER A 1 29  ? 2.702   -13.587 -4.472  1.00 11.91 ? 29  SER A OG  1 
ATOM   213  N  N   . ALA A 1 30  ? -0.611  -12.430 -5.185  1.00 10.77 ? 30  ALA A N   1 
ATOM   214  C  CA  . ALA A 1 30  ? -1.063  -11.530 -6.226  1.00 11.50 ? 30  ALA A CA  1 
ATOM   215  C  C   . ALA A 1 30  ? -0.567  -10.136 -5.869  1.00 12.40 ? 30  ALA A C   1 
ATOM   216  O  O   . ALA A 1 30  ? -0.597  -9.738  -4.702  1.00 10.96 ? 30  ALA A O   1 
ATOM   217  C  CB  . ALA A 1 30  ? -2.579  -11.543 -6.304  1.00 11.51 ? 30  ALA A CB  1 
ATOM   218  N  N   . TYR A 1 31  ? -0.101  -9.400  -6.871  1.00 11.86 ? 31  TYR A N   1 
ATOM   219  C  CA  . TYR A 1 31  ? 0.381   -8.050  -6.641  1.00 11.80 ? 31  TYR A CA  1 
ATOM   220  C  C   . TYR A 1 31  ? -0.511  -7.059  -7.369  1.00 11.35 ? 31  TYR A C   1 
ATOM   221  O  O   . TYR A 1 31  ? -0.636  -7.112  -8.591  1.00 10.04 ? 31  TYR A O   1 
ATOM   222  C  CB  . TYR A 1 31  ? 1.824   -7.907  -7.126  1.00 15.24 ? 31  TYR A CB  1 
ATOM   223  C  CG  . TYR A 1 31  ? 2.324   -6.481  -7.141  1.00 18.16 ? 31  TYR A CG  1 
ATOM   224  C  CD1 . TYR A 1 31  ? 2.152   -5.649  -6.033  1.00 22.11 ? 31  TYR A CD1 1 
ATOM   225  C  CD2 . TYR A 1 31  ? 2.982   -5.961  -8.252  1.00 21.07 ? 31  TYR A CD2 1 
ATOM   226  C  CE1 . TYR A 1 31  ? 2.624   -4.329  -6.031  1.00 24.03 ? 31  TYR A CE1 1 
ATOM   227  C  CE2 . TYR A 1 31  ? 3.462   -4.642  -8.261  1.00 22.94 ? 31  TYR A CE2 1 
ATOM   228  C  CZ  . TYR A 1 31  ? 3.278   -3.836  -7.147  1.00 23.48 ? 31  TYR A CZ  1 
ATOM   229  O  OH  . TYR A 1 31  ? 3.743   -2.544  -7.144  1.00 23.34 ? 31  TYR A OH  1 
ATOM   230  N  N   . ILE A 1 32  ? -1.141  -6.164  -6.610  1.00 11.89 ? 32  ILE A N   1 
ATOM   231  C  CA  . ILE A 1 32  ? -2.018  -5.156  -7.190  1.00 11.74 ? 32  ILE A CA  1 
ATOM   232  C  C   . ILE A 1 32  ? -1.403  -3.767  -7.067  1.00 12.08 ? 32  ILE A C   1 
ATOM   233  O  O   . ILE A 1 32  ? -1.063  -3.324  -5.974  1.00 12.59 ? 32  ILE A O   1 
ATOM   234  C  CB  . ILE A 1 32  ? -3.392  -5.099  -6.492  1.00 11.68 ? 32  ILE A CB  1 
ATOM   235  C  CG1 . ILE A 1 32  ? -4.172  -6.396  -6.706  1.00 14.89 ? 32  ILE A CG1 1 
ATOM   236  C  CG2 . ILE A 1 32  ? -4.192  -3.928  -7.049  1.00 13.15 ? 32  ILE A CG2 1 
ATOM   237  C  CD1 . ILE A 1 32  ? -5.452  -6.481  -5.844  1.00 12.56 ? 32  ILE A CD1 1 
ATOM   238  N  N   . GLU A 1 33  ? -1.263  -3.088  -8.195  1.00 12.99 ? 33  GLU A N   1 
ATOM   239  C  CA  . GLU A 1 33  ? -0.726  -1.731  -8.216  1.00 15.24 ? 33  GLU A CA  1 
ATOM   240  C  C   . GLU A 1 33  ? -1.910  -0.779  -8.381  1.00 14.82 ? 33  GLU A C   1 
ATOM   241  O  O   . GLU A 1 33  ? -2.482  -0.677  -9.464  1.00 12.69 ? 33  GLU A O   1 
ATOM   242  C  CB  . GLU A 1 33  ? 0.223   -1.544  -9.400  1.00 19.17 ? 33  GLU A CB  1 
ATOM   243  C  CG  . GLU A 1 33  ? 1.682   -1.432  -9.021  1.00 27.09 ? 33  GLU A CG  1 
ATOM   244  C  CD  . GLU A 1 33  ? 2.534   -0.880  -10.151 1.00 31.07 ? 33  GLU A CD  1 
ATOM   245  O  OE1 . GLU A 1 33  ? 2.163   0.183   -10.704 1.00 33.49 ? 33  GLU A OE1 1 
ATOM   246  O  OE2 . GLU A 1 33  ? 3.578   -1.496  -10.475 1.00 34.16 ? 33  GLU A OE2 1 
ATOM   247  N  N   . GLY A 1 34  ? -2.271  -0.084  -7.306  1.00 15.73 ? 34  GLY A N   1 
ATOM   248  C  CA  . GLY A 1 34  ? -3.389  0.836   -7.364  1.00 17.11 ? 34  GLY A CA  1 
ATOM   249  C  C   . GLY A 1 34  ? -3.387  1.773   -8.560  1.00 19.28 ? 34  GLY A C   1 
ATOM   250  O  O   . GLY A 1 34  ? -4.437  2.010   -9.158  1.00 21.08 ? 34  GLY A O   1 
ATOM   251  N  N   . ASP A 1 35  ? -2.221  2.307   -8.917  1.00 18.73 ? 35  ASP A N   1 
ATOM   252  C  CA  . ASP A 1 35  ? -2.134  3.225   -10.051 1.00 21.13 ? 35  ASP A CA  1 
ATOM   253  C  C   . ASP A 1 35  ? -2.545  2.639   -11.396 1.00 20.36 ? 35  ASP A C   1 
ATOM   254  O  O   . ASP A 1 35  ? -3.197  3.314   -12.192 1.00 20.37 ? 35  ASP A O   1 
ATOM   255  C  CB  . ASP A 1 35  ? -0.723  3.811   -10.162 1.00 23.56 ? 35  ASP A CB  1 
ATOM   256  C  CG  . ASP A 1 35  ? -0.481  4.919   -9.160  1.00 27.72 ? 35  ASP A CG  1 
ATOM   257  O  OD1 . ASP A 1 35  ? -1.088  6.003   -9.308  1.00 29.67 ? 35  ASP A OD1 1 
ATOM   258  O  OD2 . ASP A 1 35  ? 0.306   4.702   -8.212  1.00 31.91 ? 35  ASP A OD2 1 
ATOM   259  N  N   . ILE A 1 36  ? -2.172  1.392   -11.660 1.00 18.69 ? 36  ILE A N   1 
ATOM   260  C  CA  . ILE A 1 36  ? -2.542  0.797   -12.935 1.00 19.60 ? 36  ILE A CA  1 
ATOM   261  C  C   . ILE A 1 36  ? -4.072  0.667   -12.972 1.00 17.42 ? 36  ILE A C   1 
ATOM   262  O  O   . ILE A 1 36  ? -4.699  0.911   -14.003 1.00 16.46 ? 36  ILE A O   1 
ATOM   263  C  CB  . ILE A 1 36  ? -1.864  -0.595  -13.150 1.00 20.14 ? 36  ILE A CB  1 
ATOM   264  C  CG1 . ILE A 1 36  ? -2.147  -1.115  -14.559 1.00 23.69 ? 36  ILE A CG1 1 
ATOM   265  C  CG2 . ILE A 1 36  ? -2.376  -1.598  -12.151 1.00 24.29 ? 36  ILE A CG2 1 
ATOM   266  C  CD1 . ILE A 1 36  ? -1.344  -0.408  -15.657 1.00 25.05 ? 36  ILE A CD1 1 
ATOM   267  N  N   . ILE A 1 37  ? -4.675  0.320   -11.836 1.00 15.07 ? 37  ILE A N   1 
ATOM   268  C  CA  . ILE A 1 37  ? -6.132  0.174   -11.763 1.00 14.47 ? 37  ILE A CA  1 
ATOM   269  C  C   . ILE A 1 37  ? -6.826  1.504   -12.033 1.00 13.35 ? 37  ILE A C   1 
ATOM   270  O  O   . ILE A 1 37  ? -7.758  1.594   -12.838 1.00 11.47 ? 37  ILE A O   1 
ATOM   271  C  CB  . ILE A 1 37  ? -6.590  -0.316  -10.369 1.00 12.75 ? 37  ILE A CB  1 
ATOM   272  C  CG1 . ILE A 1 37  ? -6.030  -1.714  -10.094 1.00 12.92 ? 37  ILE A CG1 1 
ATOM   273  C  CG2 . ILE A 1 37  ? -8.108  -0.308  -10.294 1.00 11.88 ? 37  ILE A CG2 1 
ATOM   274  C  CD1 . ILE A 1 37  ? -6.466  -2.775  -11.111 1.00 12.45 ? 37  ILE A CD1 1 
ATOM   275  N  N   . ASN A 1 38  ? -6.356  2.533   -11.342 1.00 11.88 ? 38  ASN A N   1 
ATOM   276  C  CA  . ASN A 1 38  ? -6.906  3.873   -11.470 1.00 13.51 ? 38  ASN A CA  1 
ATOM   277  C  C   . ASN A 1 38  ? -6.789  4.383   -12.897 1.00 14.96 ? 38  ASN A C   1 
ATOM   278  O  O   . ASN A 1 38  ? -7.727  4.964   -13.438 1.00 15.64 ? 38  ASN A O   1 
ATOM   279  C  CB  . ASN A 1 38  ? -6.148  4.830   -10.553 1.00 14.23 ? 38  ASN A CB  1 
ATOM   280  C  CG  . ASN A 1 38  ? -6.723  6.228   -10.565 1.00 12.31 ? 38  ASN A CG  1 
ATOM   281  O  OD1 . ASN A 1 38  ? -7.777  6.479   -9.996  1.00 11.11 ? 38  ASN A OD1 1 
ATOM   282  N  ND2 . ASN A 1 38  ? -6.033  7.142   -11.219 1.00 11.40 ? 38  ASN A ND2 1 
ATOM   283  N  N   . HIS A 1 39  ? -5.630  4.168   -13.507 1.00 14.49 ? 39  HIS A N   1 
ATOM   284  C  CA  . HIS A 1 39  ? -5.417  4.646   -14.856 1.00 14.39 ? 39  HIS A CA  1 
ATOM   285  C  C   . HIS A 1 39  ? -6.119  3.822   -15.937 1.00 14.96 ? 39  HIS A C   1 
ATOM   286  O  O   . HIS A 1 39  ? -5.928  4.068   -17.123 1.00 11.62 ? 39  HIS A O   1 
ATOM   287  C  CB  . HIS A 1 39  ? -3.915  4.746   -15.128 1.00 17.31 ? 39  HIS A CB  1 
ATOM   288  C  CG  . HIS A 1 39  ? -3.227  5.788   -14.296 1.00 23.17 ? 39  HIS A CG  1 
ATOM   289  N  ND1 . HIS A 1 39  ? -1.892  5.710   -13.957 1.00 24.79 ? 39  HIS A ND1 1 
ATOM   290  C  CD2 . HIS A 1 39  ? -3.692  6.932   -13.741 1.00 23.94 ? 39  HIS A CD2 1 
ATOM   291  C  CE1 . HIS A 1 39  ? -1.568  6.763   -13.223 1.00 26.63 ? 39  HIS A CE1 1 
ATOM   292  N  NE2 . HIS A 1 39  ? -2.639  7.519   -13.078 1.00 24.62 ? 39  HIS A NE2 1 
HETATM 293  N  N   . MSE A 1 40  ? -6.931  2.846   -15.545 1.00 15.12 ? 40  MSE A N   1 
HETATM 294  C  CA  . MSE A 1 40  ? -7.634  2.061   -16.550 1.00 16.66 ? 40  MSE A CA  1 
HETATM 295  C  C   . MSE A 1 40  ? -8.715  2.910   -17.218 1.00 15.10 ? 40  MSE A C   1 
HETATM 296  O  O   . MSE A 1 40  ? -9.144  2.613   -18.333 1.00 12.48 ? 40  MSE A O   1 
HETATM 297  C  CB  . MSE A 1 40  ? -8.260  0.815   -15.937 1.00 21.33 ? 40  MSE A CB  1 
HETATM 298  C  CG  . MSE A 1 40  ? -7.241  -0.194  -15.438 1.00 29.33 ? 40  MSE A CG  1 
HETATM 299  SE SE  . MSE A 1 40  ? -8.113  -1.794  -14.845 1.00 38.96 ? 40  MSE A SE  1 
HETATM 300  C  CE  . MSE A 1 40  ? -7.933  -2.796  -16.501 1.00 37.16 ? 40  MSE A CE  1 
ATOM   301  N  N   . VAL A 1 41  ? -9.164  3.955   -16.527 1.00 13.17 ? 41  VAL A N   1 
ATOM   302  C  CA  . VAL A 1 41  ? -10.165 4.848   -17.085 1.00 16.72 ? 41  VAL A CA  1 
ATOM   303  C  C   . VAL A 1 41  ? -9.481  5.854   -18.006 1.00 15.35 ? 41  VAL A C   1 
ATOM   304  O  O   . VAL A 1 41  ? -8.608  6.602   -17.579 1.00 15.92 ? 41  VAL A O   1 
ATOM   305  C  CB  . VAL A 1 41  ? -10.961 5.600   -15.972 1.00 17.12 ? 41  VAL A CB  1 
ATOM   306  C  CG1 . VAL A 1 41  ? -10.013 6.152   -14.928 1.00 24.84 ? 41  VAL A CG1 1 
ATOM   307  C  CG2 . VAL A 1 41  ? -11.762 6.734   -16.586 1.00 19.88 ? 41  VAL A CG2 1 
ATOM   308  N  N   . VAL A 1 42  ? -9.877  5.846   -19.277 1.00 16.55 ? 42  VAL A N   1 
ATOM   309  C  CA  . VAL A 1 42  ? -9.307  6.743   -20.280 1.00 17.28 ? 42  VAL A CA  1 
ATOM   310  C  C   . VAL A 1 42  ? -10.221 7.935   -20.538 1.00 17.95 ? 42  VAL A C   1 
ATOM   311  O  O   . VAL A 1 42  ? -10.000 9.023   -20.002 1.00 20.83 ? 42  VAL A O   1 
ATOM   312  C  CB  . VAL A 1 42  ? -9.070  6.006   -21.613 1.00 17.93 ? 42  VAL A CB  1 
ATOM   313  C  CG1 . VAL A 1 42  ? -8.486  6.968   -22.644 1.00 19.09 ? 42  VAL A CG1 1 
ATOM   314  C  CG2 . VAL A 1 42  ? -8.127  4.825   -21.393 1.00 16.92 ? 42  VAL A CG2 1 
ATOM   315  N  N   . GLY A 1 43  ? -11.245 7.732   -21.359 1.00 15.93 ? 43  GLY A N   1 
ATOM   316  C  CA  . GLY A 1 43  ? -12.167 8.814   -21.638 1.00 15.70 ? 43  GLY A CA  1 
ATOM   317  C  C   . GLY A 1 43  ? -12.792 9.335   -20.356 1.00 17.39 ? 43  GLY A C   1 
ATOM   318  O  O   . GLY A 1 43  ? -13.407 8.572   -19.599 1.00 15.41 ? 43  GLY A O   1 
ATOM   319  N  N   . GLY A 1 44  ? -12.616 10.631  -20.099 1.00 15.84 ? 44  GLY A N   1 
ATOM   320  C  CA  . GLY A 1 44  ? -13.183 11.239  -18.911 1.00 14.20 ? 44  GLY A CA  1 
ATOM   321  C  C   . GLY A 1 44  ? -12.353 11.077  -17.655 1.00 16.10 ? 44  GLY A C   1 
ATOM   322  O  O   . GLY A 1 44  ? -12.837 11.315  -16.545 1.00 17.11 ? 44  GLY A O   1 
ATOM   323  N  N   . TYR A 1 45  ? -11.096 10.686  -17.820 1.00 16.49 ? 45  TYR A N   1 
ATOM   324  C  CA  . TYR A 1 45  ? -10.213 10.489  -16.674 1.00 15.94 ? 45  TYR A CA  1 
ATOM   325  C  C   . TYR A 1 45  ? -9.975  11.763  -15.874 1.00 19.17 ? 45  TYR A C   1 
ATOM   326  O  O   . TYR A 1 45  ? -9.950  12.873  -16.413 1.00 19.75 ? 45  TYR A O   1 
ATOM   327  C  CB  . TYR A 1 45  ? -8.853  9.936   -17.114 1.00 13.79 ? 45  TYR A CB  1 
ATOM   328  C  CG  . TYR A 1 45  ? -7.886  9.795   -15.961 1.00 10.93 ? 45  TYR A CG  1 
ATOM   329  C  CD1 . TYR A 1 45  ? -7.975  8.717   -15.075 1.00 11.71 ? 45  TYR A CD1 1 
ATOM   330  C  CD2 . TYR A 1 45  ? -6.916  10.767  -15.723 1.00 11.26 ? 45  TYR A CD2 1 
ATOM   331  C  CE1 . TYR A 1 45  ? -7.121  8.612   -13.980 1.00 11.72 ? 45  TYR A CE1 1 
ATOM   332  C  CE2 . TYR A 1 45  ? -6.062  10.678  -14.631 1.00 11.81 ? 45  TYR A CE2 1 
ATOM   333  C  CZ  . TYR A 1 45  ? -6.168  9.601   -13.762 1.00 14.18 ? 45  TYR A CZ  1 
ATOM   334  O  OH  . TYR A 1 45  ? -5.332  9.520   -12.667 1.00 15.45 ? 45  TYR A OH  1 
ATOM   335  N  N   . ARG A 1 46  ? -9.776  11.581  -14.577 1.00 20.85 ? 46  ARG A N   1 
ATOM   336  C  CA  . ARG A 1 46  ? -9.530  12.686  -13.682 1.00 22.75 ? 46  ARG A CA  1 
ATOM   337  C  C   . ARG A 1 46  ? -8.730  12.137  -12.509 1.00 24.00 ? 46  ARG A C   1 
ATOM   338  O  O   . ARG A 1 46  ? -8.954  11.016  -12.066 1.00 24.35 ? 46  ARG A O   1 
ATOM   339  C  CB  . ARG A 1 46  ? -10.863 13.260  -13.191 1.00 25.27 ? 46  ARG A CB  1 
ATOM   340  C  CG  . ARG A 1 46  ? -10.949 14.776  -13.263 1.00 29.61 ? 46  ARG A CG  1 
ATOM   341  C  CD  . ARG A 1 46  ? -11.081 15.264  -14.703 1.00 30.59 ? 46  ARG A CD  1 
ATOM   342  N  NE  . ARG A 1 46  ? -12.471 15.301  -15.144 1.00 31.21 ? 46  ARG A NE  1 
ATOM   343  C  CZ  . ARG A 1 46  ? -12.855 15.432  -16.412 1.00 32.53 ? 46  ARG A CZ  1 
ATOM   344  N  NH1 . ARG A 1 46  ? -11.950 15.532  -17.379 1.00 30.56 ? 46  ARG A NH1 1 
ATOM   345  N  NH2 . ARG A 1 46  ? -14.148 15.468  -16.717 1.00 32.06 ? 46  ARG A NH2 1 
ATOM   346  N  N   . PRO A 1 47  ? -7.766  12.913  -12.003 1.00 26.11 ? 47  PRO A N   1 
ATOM   347  C  CA  . PRO A 1 47  ? -6.960  12.448  -10.872 1.00 25.32 ? 47  PRO A CA  1 
ATOM   348  C  C   . PRO A 1 47  ? -7.804  12.129  -9.653  1.00 25.57 ? 47  PRO A C   1 
ATOM   349  O  O   . PRO A 1 47  ? -8.901  12.663  -9.488  1.00 25.17 ? 47  PRO A O   1 
ATOM   350  C  CB  . PRO A 1 47  ? -5.993  13.611  -10.633 1.00 25.81 ? 47  PRO A CB  1 
ATOM   351  C  CG  . PRO A 1 47  ? -6.756  14.804  -11.133 1.00 27.64 ? 47  PRO A CG  1 
ATOM   352  C  CD  . PRO A 1 47  ? -7.355  14.264  -12.417 1.00 26.46 ? 47  PRO A CD  1 
ATOM   353  N  N   . PRO A 1 48  ? -7.294  11.249  -8.779  1.00 26.18 ? 48  PRO A N   1 
ATOM   354  C  CA  . PRO A 1 48  ? -7.972  10.825  -7.549  1.00 27.90 ? 48  PRO A CA  1 
ATOM   355  C  C   . PRO A 1 48  ? -8.494  11.985  -6.701  1.00 28.72 ? 48  PRO A C   1 
ATOM   356  O  O   . PRO A 1 48  ? -9.589  11.915  -6.149  1.00 28.67 ? 48  PRO A O   1 
ATOM   357  C  CB  . PRO A 1 48  ? -6.890  10.030  -6.818  1.00 28.14 ? 48  PRO A CB  1 
ATOM   358  C  CG  . PRO A 1 48  ? -6.093  9.452   -7.928  1.00 26.76 ? 48  PRO A CG  1 
ATOM   359  C  CD  . PRO A 1 48  ? -5.975  10.603  -8.896  1.00 24.95 ? 48  PRO A CD  1 
ATOM   360  N  N   . TRP A 1 49  ? -7.707  13.051  -6.606  1.00 29.99 ? 49  TRP A N   1 
ATOM   361  C  CA  . TRP A 1 49  ? -8.093  14.204  -5.807  1.00 31.97 ? 49  TRP A CA  1 
ATOM   362  C  C   . TRP A 1 49  ? -9.095  15.147  -6.478  1.00 31.58 ? 49  TRP A C   1 
ATOM   363  O  O   . TRP A 1 49  ? -9.409  16.198  -5.930  1.00 32.39 ? 49  TRP A O   1 
ATOM   364  C  CB  . TRP A 1 49  ? -6.843  14.984  -5.386  1.00 34.30 ? 49  TRP A CB  1 
ATOM   365  C  CG  . TRP A 1 49  ? -6.074  15.544  -6.528  1.00 36.77 ? 49  TRP A CG  1 
ATOM   366  C  CD1 . TRP A 1 49  ? -6.339  16.696  -7.215  1.00 37.83 ? 49  TRP A CD1 1 
ATOM   367  C  CD2 . TRP A 1 49  ? -4.933  14.956  -7.153  1.00 38.93 ? 49  TRP A CD2 1 
ATOM   368  N  NE1 . TRP A 1 49  ? -5.431  16.860  -8.234  1.00 38.36 ? 49  TRP A NE1 1 
ATOM   369  C  CE2 . TRP A 1 49  ? -4.556  15.803  -8.220  1.00 39.08 ? 49  TRP A CE2 1 
ATOM   370  C  CE3 . TRP A 1 49  ? -4.190  13.788  -6.920  1.00 40.68 ? 49  TRP A CE3 1 
ATOM   371  C  CZ2 . TRP A 1 49  ? -3.466  15.523  -9.052  1.00 39.69 ? 49  TRP A CZ2 1 
ATOM   372  C  CZ3 . TRP A 1 49  ? -3.103  13.508  -7.750  1.00 41.02 ? 49  TRP A CZ3 1 
ATOM   373  C  CH2 . TRP A 1 49  ? -2.755  14.374  -8.805  1.00 40.33 ? 49  TRP A CH2 1 
ATOM   374  N  N   . GLU A 1 50  ? -9.601  14.779  -7.652  1.00 29.96 ? 50  GLU A N   1 
ATOM   375  C  CA  . GLU A 1 50  ? -10.573 15.627  -8.332  1.00 29.77 ? 50  GLU A CA  1 
ATOM   376  C  C   . GLU A 1 50  ? -11.898 14.925  -8.604  1.00 30.23 ? 50  GLU A C   1 
ATOM   377  O  O   . GLU A 1 50  ? -12.782 15.496  -9.248  1.00 30.59 ? 50  GLU A O   1 
ATOM   378  C  CB  . GLU A 1 50  ? -10.016 16.143  -9.656  1.00 29.04 ? 50  GLU A CB  1 
ATOM   379  C  CG  . GLU A 1 50  ? -8.749  16.950  -9.544  1.00 29.50 ? 50  GLU A CG  1 
ATOM   380  C  CD  . GLU A 1 50  ? -8.470  17.730  -10.811 1.00 30.52 ? 50  GLU A CD  1 
ATOM   381  O  OE1 . GLU A 1 50  ? -7.354  18.284  -10.942 1.00 31.27 ? 50  GLU A OE1 1 
ATOM   382  O  OE2 . GLU A 1 50  ? -9.375  17.794  -11.676 1.00 31.66 ? 50  GLU A OE2 1 
ATOM   383  N  N   . SER A 1 51  ? -12.039 13.693  -8.119  1.00 29.62 ? 51  SER A N   1 
ATOM   384  C  CA  . SER A 1 51  ? -13.269 12.928  -8.325  1.00 28.72 ? 51  SER A CA  1 
ATOM   385  C  C   . SER A 1 51  ? -13.469 11.818  -7.300  1.00 28.06 ? 51  SER A C   1 
ATOM   386  O  O   . SER A 1 51  ? -12.861 10.763  -7.402  1.00 28.53 ? 51  SER A O   1 
ATOM   387  C  CB  . SER A 1 51  ? -13.277 12.316  -9.726  1.00 28.52 ? 51  SER A CB  1 
ATOM   388  O  OG  . SER A 1 51  ? -14.408 11.485  -9.903  1.00 29.33 ? 51  SER A OG  1 
ATOM   389  N  N   . ASP A 1 52  ? -14.325 12.054  -6.315  1.00 29.07 ? 52  ASP A N   1 
ATOM   390  C  CA  . ASP A 1 52  ? -14.590 11.048  -5.300  1.00 30.34 ? 52  ASP A CA  1 
ATOM   391  C  C   . ASP A 1 52  ? -15.250 9.833   -5.929  1.00 29.58 ? 52  ASP A C   1 
ATOM   392  O  O   . ASP A 1 52  ? -15.185 8.735   -5.387  1.00 32.25 ? 52  ASP A O   1 
ATOM   393  C  CB  . ASP A 1 52  ? -15.491 11.620  -4.214  1.00 32.13 ? 52  ASP A CB  1 
ATOM   394  C  CG  . ASP A 1 52  ? -14.889 12.838  -3.556  1.00 36.82 ? 52  ASP A CG  1 
ATOM   395  O  OD1 . ASP A 1 52  ? -13.637 12.894  -3.453  1.00 37.11 ? 52  ASP A OD1 1 
ATOM   396  O  OD2 . ASP A 1 52  ? -15.664 13.732  -3.134  1.00 38.15 ? 52  ASP A OD2 1 
ATOM   397  N  N   . GLU A 1 53  ? -15.887 10.052  -7.076  1.00 28.17 ? 53  GLU A N   1 
ATOM   398  C  CA  . GLU A 1 53  ? -16.558 9.001   -7.822  1.00 26.03 ? 53  GLU A CA  1 
ATOM   399  C  C   . GLU A 1 53  ? -15.527 8.075   -8.462  1.00 23.74 ? 53  GLU A C   1 
ATOM   400  O  O   . GLU A 1 53  ? -15.578 6.863   -8.289  1.00 21.12 ? 53  GLU A O   1 
ATOM   401  C  CB  . GLU A 1 53  ? -17.417 9.604   -8.934  1.00 28.06 ? 53  GLU A CB  1 
ATOM   402  C  CG  . GLU A 1 53  ? -18.720 10.227  -8.481  1.00 33.23 ? 53  GLU A CG  1 
ATOM   403  C  CD  . GLU A 1 53  ? -19.926 9.365   -8.829  1.00 36.70 ? 53  GLU A CD  1 
ATOM   404  O  OE1 . GLU A 1 53  ? -20.122 9.069   -10.031 1.00 35.63 ? 53  GLU A OE1 1 
ATOM   405  O  OE2 . GLU A 1 53  ? -20.676 8.984   -7.901  1.00 38.78 ? 53  GLU A OE2 1 
ATOM   406  N  N   . LEU A 1 54  ? -14.599 8.658   -9.212  1.00 21.34 ? 54  LEU A N   1 
ATOM   407  C  CA  . LEU A 1 54  ? -13.582 7.866   -9.877  1.00 20.73 ? 54  LEU A CA  1 
ATOM   408  C  C   . LEU A 1 54  ? -12.705 7.152   -8.857  1.00 19.81 ? 54  LEU A C   1 
ATOM   409  O  O   . LEU A 1 54  ? -12.298 6.010   -9.076  1.00 22.11 ? 54  LEU A O   1 
ATOM   410  C  CB  . LEU A 1 54  ? -12.734 8.743   -10.794 1.00 18.35 ? 54  LEU A CB  1 
ATOM   411  C  CG  . LEU A 1 54  ? -13.474 9.365   -11.983 1.00 19.37 ? 54  LEU A CG  1 
ATOM   412  C  CD1 . LEU A 1 54  ? -12.506 10.249  -12.753 1.00 17.18 ? 54  LEU A CD1 1 
ATOM   413  C  CD2 . LEU A 1 54  ? -14.036 8.276   -12.901 1.00 19.72 ? 54  LEU A CD2 1 
ATOM   414  N  N   . LEU A 1 55  ? -12.445 7.815   -7.734  1.00 16.11 ? 55  LEU A N   1 
ATOM   415  C  CA  . LEU A 1 55  ? -11.632 7.237   -6.681  1.00 16.18 ? 55  LEU A CA  1 
ATOM   416  C  C   . LEU A 1 55  ? -12.356 6.063   -6.030  1.00 14.26 ? 55  LEU A C   1 
ATOM   417  O  O   . LEU A 1 55  ? -11.745 5.039   -5.733  1.00 13.04 ? 55  LEU A O   1 
ATOM   418  C  CB  . LEU A 1 55  ? -11.288 8.290   -5.622  1.00 17.05 ? 55  LEU A CB  1 
ATOM   419  C  CG  . LEU A 1 55  ? -10.335 7.818   -4.516  1.00 18.56 ? 55  LEU A CG  1 
ATOM   420  C  CD1 . LEU A 1 55  ? -9.059  7.225   -5.142  1.00 16.19 ? 55  LEU A CD1 1 
ATOM   421  C  CD2 . LEU A 1 55  ? -9.979  8.988   -3.614  1.00 17.72 ? 55  LEU A CD2 1 
ATOM   422  N  N   . ALA A 1 56  ? -13.657 6.206   -5.811  1.00 13.82 ? 56  ALA A N   1 
ATOM   423  C  CA  . ALA A 1 56  ? -14.427 5.125   -5.198  1.00 13.73 ? 56  ALA A CA  1 
ATOM   424  C  C   . ALA A 1 56  ? -14.450 3.940   -6.158  1.00 12.96 ? 56  ALA A C   1 
ATOM   425  O  O   . ALA A 1 56  ? -14.420 2.788   -5.728  1.00 14.97 ? 56  ALA A O   1 
ATOM   426  C  CB  . ALA A 1 56  ? -15.853 5.592   -4.892  1.00 12.93 ? 56  ALA A CB  1 
ATOM   427  N  N   . LEU A 1 57  ? -14.495 4.231   -7.457  1.00 11.15 ? 57  LEU A N   1 
ATOM   428  C  CA  . LEU A 1 57  ? -14.498 3.183   -8.478  1.00 11.39 ? 57  LEU A CA  1 
ATOM   429  C  C   . LEU A 1 57  ? -13.199 2.387   -8.363  1.00 10.47 ? 57  LEU A C   1 
ATOM   430  O  O   . LEU A 1 57  ? -13.205 1.156   -8.304  1.00 8.86  ? 57  LEU A O   1 
ATOM   431  C  CB  . LEU A 1 57  ? -14.610 3.804   -9.880  1.00 11.32 ? 57  LEU A CB  1 
ATOM   432  C  CG  . LEU A 1 57  ? -14.411 2.921   -11.123 1.00 12.94 ? 57  LEU A CG  1 
ATOM   433  C  CD1 . LEU A 1 57  ? -15.460 1.820   -11.151 1.00 7.40  ? 57  LEU A CD1 1 
ATOM   434  C  CD2 . LEU A 1 57  ? -14.501 3.785   -12.391 1.00 10.54 ? 57  LEU A CD2 1 
ATOM   435  N  N   . THR A 1 58  ? -12.085 3.111   -8.333  1.00 10.43 ? 58  THR A N   1 
ATOM   436  C  CA  . THR A 1 58  ? -10.774 2.491   -8.202  1.00 9.20  ? 58  THR A CA  1 
ATOM   437  C  C   . THR A 1 58  ? -10.713 1.539   -7.000  1.00 9.27  ? 58  THR A C   1 
ATOM   438  O  O   . THR A 1 58  ? -10.198 0.422   -7.116  1.00 7.60  ? 58  THR A O   1 
ATOM   439  C  CB  . THR A 1 58  ? -9.689  3.564   -8.085  1.00 9.74  ? 58  THR A CB  1 
ATOM   440  O  OG1 . THR A 1 58  ? -9.513  4.198   -9.364  1.00 12.15 ? 58  THR A OG1 1 
ATOM   441  C  CG2 . THR A 1 58  ? -8.374  2.954   -7.627  1.00 7.70  ? 58  THR A CG2 1 
ATOM   442  N  N   . TRP A 1 59  ? -11.256 1.961   -5.858  1.00 8.55  ? 59  TRP A N   1 
ATOM   443  C  CA  . TRP A 1 59  ? -11.245 1.107   -4.671  1.00 10.45 ? 59  TRP A CA  1 
ATOM   444  C  C   . TRP A 1 59  ? -12.214 -0.061  -4.803  1.00 11.21 ? 59  TRP A C   1 
ATOM   445  O  O   . TRP A 1 59  ? -12.028 -1.112  -4.190  1.00 12.99 ? 59  TRP A O   1 
ATOM   446  C  CB  . TRP A 1 59  ? -11.547 1.913   -3.393  1.00 8.55  ? 59  TRP A CB  1 
ATOM   447  C  CG  . TRP A 1 59  ? -10.307 2.598   -2.849  1.00 12.96 ? 59  TRP A CG  1 
ATOM   448  C  CD1 . TRP A 1 59  ? -9.938  3.914   -3.022  1.00 13.05 ? 59  TRP A CD1 1 
ATOM   449  C  CD2 . TRP A 1 59  ? -9.225  1.975   -2.142  1.00 9.82  ? 59  TRP A CD2 1 
ATOM   450  N  NE1 . TRP A 1 59  ? -8.697  4.136   -2.472  1.00 12.45 ? 59  TRP A NE1 1 
ATOM   451  C  CE2 . TRP A 1 59  ? -8.236  2.964   -1.924  1.00 10.88 ? 59  TRP A CE2 1 
ATOM   452  C  CE3 . TRP A 1 59  ? -8.994  0.673   -1.672  1.00 10.18 ? 59  TRP A CE3 1 
ATOM   453  C  CZ2 . TRP A 1 59  ? -7.035  2.697   -1.259  1.00 9.01  ? 59  TRP A CZ2 1 
ATOM   454  C  CZ3 . TRP A 1 59  ? -7.802  0.402   -1.013  1.00 10.67 ? 59  TRP A CZ3 1 
ATOM   455  C  CH2 . TRP A 1 59  ? -6.833  1.413   -0.810  1.00 10.95 ? 59  TRP A CH2 1 
ATOM   456  N  N   . LYS A 1 60  ? -13.249 0.132   -5.610  1.00 10.99 ? 60  LYS A N   1 
ATOM   457  C  CA  . LYS A 1 60  ? -14.230 -0.917  -5.859  1.00 11.20 ? 60  LYS A CA  1 
ATOM   458  C  C   . LYS A 1 60  ? -13.521 -2.014  -6.665  1.00 11.43 ? 60  LYS A C   1 
ATOM   459  O  O   . LYS A 1 60  ? -13.597 -3.199  -6.330  1.00 11.93 ? 60  LYS A O   1 
ATOM   460  C  CB  . LYS A 1 60  ? -15.406 -0.342  -6.657  1.00 12.26 ? 60  LYS A CB  1 
ATOM   461  C  CG  . LYS A 1 60  ? -16.540 -1.306  -6.951  1.00 11.29 ? 60  LYS A CG  1 
ATOM   462  C  CD  . LYS A 1 60  ? -17.299 -1.670  -5.708  1.00 16.18 ? 60  LYS A CD  1 
ATOM   463  C  CE  . LYS A 1 60  ? -18.575 -2.456  -6.062  1.00 17.80 ? 60  LYS A CE  1 
ATOM   464  N  NZ  . LYS A 1 60  ? -18.260 -3.690  -6.835  1.00 19.21 ? 60  LYS A NZ  1 
ATOM   465  N  N   . ASN A 1 61  ? -12.831 -1.600  -7.721  1.00 8.01  ? 61  ASN A N   1 
ATOM   466  C  CA  . ASN A 1 61  ? -12.087 -2.512  -8.575  1.00 7.06  ? 61  ASN A CA  1 
ATOM   467  C  C   . ASN A 1 61  ? -10.973 -3.208  -7.789  1.00 6.62  ? 61  ASN A C   1 
ATOM   468  O  O   . ASN A 1 61  ? -10.762 -4.407  -7.921  1.00 5.50  ? 61  ASN A O   1 
ATOM   469  C  CB  . ASN A 1 61  ? -11.522 -1.735  -9.766  1.00 6.59  ? 61  ASN A CB  1 
ATOM   470  C  CG  . ASN A 1 61  ? -12.587 -1.410  -10.797 1.00 4.61  ? 61  ASN A CG  1 
ATOM   471  O  OD1 . ASN A 1 61  ? -12.430 -0.490  -11.596 1.00 7.66  ? 61  ASN A OD1 1 
ATOM   472  N  ND2 . ASN A 1 61  ? -13.671 -2.184  -10.793 1.00 1.00  ? 61  ASN A ND2 1 
ATOM   473  N  N   . ILE A 1 62  ? -10.270 -2.458  -6.956  1.00 6.24  ? 62  ILE A N   1 
ATOM   474  C  CA  . ILE A 1 62  ? -9.214  -3.043  -6.142  1.00 6.54  ? 62  ILE A CA  1 
ATOM   475  C  C   . ILE A 1 62  ? -9.803  -4.100  -5.214  1.00 6.54  ? 62  ILE A C   1 
ATOM   476  O  O   . ILE A 1 62  ? -9.273  -5.197  -5.117  1.00 5.29  ? 62  ILE A O   1 
ATOM   477  C  CB  . ILE A 1 62  ? -8.529  -1.973  -5.275  1.00 5.37  ? 62  ILE A CB  1 
ATOM   478  C  CG1 . ILE A 1 62  ? -7.607  -1.112  -6.149  1.00 6.78  ? 62  ILE A CG1 1 
ATOM   479  C  CG2 . ILE A 1 62  ? -7.795  -2.621  -4.137  1.00 5.79  ? 62  ILE A CG2 1 
ATOM   480  C  CD1 . ILE A 1 62  ? -6.977  0.052   -5.418  1.00 3.43  ? 62  ILE A CD1 1 
ATOM   481  N  N   . THR A 1 63  ? -10.901 -3.756  -4.542  1.00 7.80  ? 63  THR A N   1 
ATOM   482  C  CA  . THR A 1 63  ? -11.568 -4.654  -3.605  1.00 9.15  ? 63  THR A CA  1 
ATOM   483  C  C   . THR A 1 63  ? -12.041 -5.948  -4.253  1.00 8.50  ? 63  THR A C   1 
ATOM   484  O  O   . THR A 1 63  ? -11.815 -7.012  -3.704  1.00 9.00  ? 63  THR A O   1 
ATOM   485  C  CB  . THR A 1 63  ? -12.795 -3.960  -2.934  1.00 10.64 ? 63  THR A CB  1 
ATOM   486  O  OG1 . THR A 1 63  ? -12.352 -2.827  -2.173  1.00 12.09 ? 63  THR A OG1 1 
ATOM   487  C  CG2 . THR A 1 63  ? -13.526 -4.927  -2.006  1.00 10.74 ? 63  THR A CG2 1 
ATOM   488  N  N   . ASP A 1 64  ? -12.707 -5.859  -5.402  1.00 9.63  ? 64  ASP A N   1 
ATOM   489  C  CA  . ASP A 1 64  ? -13.201 -7.058  -6.082  1.00 10.79 ? 64  ASP A CA  1 
ATOM   490  C  C   . ASP A 1 64  ? -12.055 -7.946  -6.560  1.00 10.72 ? 64  ASP A C   1 
ATOM   491  O  O   . ASP A 1 64  ? -12.183 -9.162  -6.570  1.00 9.71  ? 64  ASP A O   1 
ATOM   492  C  CB  . ASP A 1 64  ? -14.106 -6.675  -7.253  1.00 12.13 ? 64  ASP A CB  1 
ATOM   493  C  CG  . ASP A 1 64  ? -15.454 -6.109  -6.793  1.00 17.61 ? 64  ASP A CG  1 
ATOM   494  O  OD1 . ASP A 1 64  ? -16.268 -5.704  -7.662  1.00 16.64 ? 64  ASP A OD1 1 
ATOM   495  O  OD2 . ASP A 1 64  ? -15.700 -6.074  -5.559  1.00 17.64 ? 64  ASP A OD2 1 
ATOM   496  N  N   . LEU A 1 65  ? -10.939 -7.343  -6.954  1.00 11.68 ? 65  LEU A N   1 
ATOM   497  C  CA  . LEU A 1 65  ? -9.799  -8.128  -7.394  1.00 12.22 ? 65  LEU A CA  1 
ATOM   498  C  C   . LEU A 1 65  ? -9.169  -8.815  -6.182  1.00 12.12 ? 65  LEU A C   1 
ATOM   499  O  O   . LEU A 1 65  ? -8.768  -9.975  -6.260  1.00 12.22 ? 65  LEU A O   1 
ATOM   500  C  CB  . LEU A 1 65  ? -8.764  -7.236  -8.098  1.00 12.70 ? 65  LEU A CB  1 
ATOM   501  C  CG  . LEU A 1 65  ? -8.688  -7.223  -9.639  1.00 14.71 ? 65  LEU A CG  1 
ATOM   502  C  CD1 . LEU A 1 65  ? -10.063 -7.190  -10.253 1.00 16.39 ? 65  LEU A CD1 1 
ATOM   503  C  CD2 . LEU A 1 65  ? -7.871  -6.004  -10.094 1.00 15.17 ? 65  LEU A CD2 1 
ATOM   504  N  N   . THR A 1 66  ? -9.098  -8.104  -5.056  1.00 10.43 ? 66  THR A N   1 
ATOM   505  C  CA  . THR A 1 66  ? -8.505  -8.657  -3.838  1.00 10.53 ? 66  THR A CA  1 
ATOM   506  C  C   . THR A 1 66  ? -9.307  -9.865  -3.343  1.00 9.96  ? 66  THR A C   1 
ATOM   507  O  O   . THR A 1 66  ? -8.739  -10.899 -3.000  1.00 10.23 ? 66  THR A O   1 
ATOM   508  C  CB  . THR A 1 66  ? -8.411  -7.579  -2.703  1.00 10.68 ? 66  THR A CB  1 
ATOM   509  O  OG1 . THR A 1 66  ? -7.659  -6.458  -3.177  1.00 8.42  ? 66  THR A OG1 1 
ATOM   510  C  CG2 . THR A 1 66  ? -7.686  -8.136  -1.470  1.00 9.73  ? 66  THR A CG2 1 
ATOM   511  N  N   . VAL A 1 67  ? -10.625 -9.741  -3.316  1.00 10.06 ? 67  VAL A N   1 
ATOM   512  C  CA  . VAL A 1 67  ? -11.458 -10.847 -2.875  1.00 11.06 ? 67  VAL A CA  1 
ATOM   513  C  C   . VAL A 1 67  ? -11.229 -12.091 -3.742  1.00 11.71 ? 67  VAL A C   1 
ATOM   514  O  O   . VAL A 1 67  ? -10.975 -13.182 -3.223  1.00 10.76 ? 67  VAL A O   1 
ATOM   515  C  CB  . VAL A 1 67  ? -12.944 -10.438 -2.882  1.00 10.36 ? 67  VAL A CB  1 
ATOM   516  C  CG1 . VAL A 1 67  ? -13.817 -11.616 -2.499  1.00 10.48 ? 67  VAL A CG1 1 
ATOM   517  C  CG2 . VAL A 1 67  ? -13.153 -9.296  -1.886  1.00 9.25  ? 67  VAL A CG2 1 
ATOM   518  N  N   . ASN A 1 68  ? -11.297 -11.922 -5.061  1.00 11.07 ? 68  ASN A N   1 
ATOM   519  C  CA  . ASN A 1 68  ? -11.076 -13.032 -5.977  1.00 9.79  ? 68  ASN A CA  1 
ATOM   520  C  C   . ASN A 1 68  ? -9.709  -13.714 -5.761  1.00 10.36 ? 68  ASN A C   1 
ATOM   521  O  O   . ASN A 1 68  ? -9.632  -14.944 -5.695  1.00 10.02 ? 68  ASN A O   1 
ATOM   522  C  CB  . ASN A 1 68  ? -11.214 -12.546 -7.429  1.00 11.21 ? 68  ASN A CB  1 
ATOM   523  C  CG  . ASN A 1 68  ? -12.649 -12.095 -7.772  1.00 12.15 ? 68  ASN A CG  1 
ATOM   524  O  OD1 . ASN A 1 68  ? -12.898 -11.526 -8.834  1.00 11.99 ? 68  ASN A OD1 1 
ATOM   525  N  ND2 . ASN A 1 68  ? -13.587 -12.362 -6.874  1.00 12.10 ? 68  ASN A ND2 1 
ATOM   526  N  N   . PHE A 1 69  ? -8.640  -12.929 -5.640  1.00 9.23  ? 69  PHE A N   1 
ATOM   527  C  CA  . PHE A 1 69  ? -7.299  -13.494 -5.428  1.00 10.20 ? 69  PHE A CA  1 
ATOM   528  C  C   . PHE A 1 69  ? -7.195  -14.268 -4.105  1.00 10.86 ? 69  PHE A C   1 
ATOM   529  O  O   . PHE A 1 69  ? -6.566  -15.315 -4.044  1.00 10.96 ? 69  PHE A O   1 
ATOM   530  C  CB  . PHE A 1 69  ? -6.239  -12.381 -5.465  1.00 9.06  ? 69  PHE A CB  1 
ATOM   531  C  CG  . PHE A 1 69  ? -5.867  -11.940 -6.853  1.00 10.51 ? 69  PHE A CG  1 
ATOM   532  C  CD1 . PHE A 1 69  ? -5.778  -10.579 -7.170  1.00 8.70  ? 69  PHE A CD1 1 
ATOM   533  C  CD2 . PHE A 1 69  ? -5.604  -12.886 -7.850  1.00 7.88  ? 69  PHE A CD2 1 
ATOM   534  C  CE1 . PHE A 1 69  ? -5.438  -10.160 -8.469  1.00 7.50  ? 69  PHE A CE1 1 
ATOM   535  C  CE2 . PHE A 1 69  ? -5.262  -12.480 -9.150  1.00 9.24  ? 69  PHE A CE2 1 
ATOM   536  C  CZ  . PHE A 1 69  ? -5.179  -11.110 -9.463  1.00 6.32  ? 69  PHE A CZ  1 
ATOM   537  N  N   . LEU A 1 70  ? -7.800  -13.739 -3.044  1.00 11.79 ? 70  LEU A N   1 
ATOM   538  C  CA  . LEU A 1 70  ? -7.771  -14.413 -1.751  1.00 10.75 ? 70  LEU A CA  1 
ATOM   539  C  C   . LEU A 1 70  ? -8.556  -15.726 -1.820  1.00 10.70 ? 70  LEU A C   1 
ATOM   540  O  O   . LEU A 1 70  ? -8.070  -16.767 -1.377  1.00 10.33 ? 70  LEU A O   1 
ATOM   541  C  CB  . LEU A 1 70  ? -8.359  -13.509 -0.662  1.00 8.68  ? 70  LEU A CB  1 
ATOM   542  C  CG  . LEU A 1 70  ? -7.529  -12.293 -0.266  1.00 9.89  ? 70  LEU A CG  1 
ATOM   543  C  CD1 . LEU A 1 70  ? -8.287  -11.459 0.752   1.00 6.90  ? 70  LEU A CD1 1 
ATOM   544  C  CD2 . LEU A 1 70  ? -6.190  -12.736 0.286   1.00 7.25  ? 70  LEU A CD2 1 
ATOM   545  N  N   . LEU A 1 71  ? -9.765  -15.678 -2.378  1.00 11.16 ? 71  LEU A N   1 
ATOM   546  C  CA  . LEU A 1 71  ? -10.603 -16.876 -2.512  1.00 11.52 ? 71  LEU A CA  1 
ATOM   547  C  C   . LEU A 1 71  ? -9.914  -17.923 -3.358  1.00 11.25 ? 71  LEU A C   1 
ATOM   548  O  O   . LEU A 1 71  ? -10.120 -19.118 -3.160  1.00 11.79 ? 71  LEU A O   1 
ATOM   549  C  CB  . LEU A 1 71  ? -11.950 -16.532 -3.149  1.00 10.15 ? 71  LEU A CB  1 
ATOM   550  C  CG  . LEU A 1 71  ? -13.001 -15.911 -2.227  1.00 11.89 ? 71  LEU A CG  1 
ATOM   551  C  CD1 . LEU A 1 71  ? -14.158 -15.361 -3.051  1.00 10.40 ? 71  LEU A CD1 1 
ATOM   552  C  CD2 . LEU A 1 71  ? -13.485 -16.979 -1.256  1.00 10.44 ? 71  LEU A CD2 1 
ATOM   553  N  N   . ALA A 1 72  ? -9.090  -17.461 -4.296  1.00 11.75 ? 72  ALA A N   1 
ATOM   554  C  CA  . ALA A 1 72  ? -8.346  -18.342 -5.189  1.00 13.15 ? 72  ALA A CA  1 
ATOM   555  C  C   . ALA A 1 72  ? -7.091  -18.896 -4.505  1.00 15.79 ? 72  ALA A C   1 
ATOM   556  O  O   . ALA A 1 72  ? -6.241  -19.493 -5.161  1.00 15.58 ? 72  ALA A O   1 
ATOM   557  C  CB  . ALA A 1 72  ? -7.958  -17.590 -6.462  1.00 9.84  ? 72  ALA A CB  1 
ATOM   558  N  N   . GLN A 1 73  ? -6.982  -18.682 -3.196  1.00 17.62 ? 73  GLN A N   1 
ATOM   559  C  CA  . GLN A 1 73  ? -5.860  -19.177 -2.400  1.00 20.01 ? 73  GLN A CA  1 
ATOM   560  C  C   . GLN A 1 73  ? -4.557  -18.410 -2.610  1.00 22.15 ? 73  GLN A C   1 
ATOM   561  O  O   . GLN A 1 73  ? -3.474  -18.958 -2.404  1.00 24.08 ? 73  GLN A O   1 
ATOM   562  C  CB  . GLN A 1 73  ? -5.618  -20.666 -2.681  1.00 21.57 ? 73  GLN A CB  1 
ATOM   563  C  CG  . GLN A 1 73  ? -6.876  -21.547 -2.646  1.00 24.27 ? 73  GLN A CG  1 
ATOM   564  C  CD  . GLN A 1 73  ? -7.344  -21.891 -1.245  1.00 25.98 ? 73  GLN A CD  1 
ATOM   565  O  OE1 . GLN A 1 73  ? -7.562  -21.008 -0.416  1.00 27.37 ? 73  GLN A OE1 1 
ATOM   566  N  NE2 . GLN A 1 73  ? -7.516  -23.186 -0.978  1.00 28.28 ? 73  GLN A NE2 1 
ATOM   567  N  N   . ASN A 1 74  ? -4.659  -17.145 -3.009  1.00 22.21 ? 74  ASN A N   1 
ATOM   568  C  CA  . ASN A 1 74  ? -3.479  -16.306 -3.220  1.00 20.60 ? 74  ASN A CA  1 
ATOM   569  C  C   . ASN A 1 74  ? -3.372  -15.239 -2.142  1.00 20.35 ? 74  ASN A C   1 
ATOM   570  O  O   . ASN A 1 74  ? -4.384  -14.693 -1.704  1.00 20.33 ? 74  ASN A O   1 
ATOM   571  C  CB  . ASN A 1 74  ? -3.554  -15.590 -4.568  1.00 21.69 ? 74  ASN A CB  1 
ATOM   572  C  CG  . ASN A 1 74  ? -3.300  -16.506 -5.731  1.00 22.68 ? 74  ASN A CG  1 
ATOM   573  O  OD1 . ASN A 1 74  ? -2.173  -16.963 -5.948  1.00 23.91 ? 74  ASN A OD1 1 
ATOM   574  N  ND2 . ASN A 1 74  ? -4.348  -16.784 -6.493  1.00 22.39 ? 74  ASN A ND2 1 
ATOM   575  N  N   . ASP A 1 75  ? -2.153  -14.956 -1.698  1.00 17.98 ? 75  ASP A N   1 
ATOM   576  C  CA  . ASP A 1 75  ? -1.968  -13.893 -0.731  1.00 15.98 ? 75  ASP A CA  1 
ATOM   577  C  C   . ASP A 1 75  ? -2.037  -12.658 -1.603  1.00 14.67 ? 75  ASP A C   1 
ATOM   578  O  O   . ASP A 1 75  ? -1.665  -12.716 -2.774  1.00 14.13 ? 75  ASP A O   1 
ATOM   579  C  CB  . ASP A 1 75  ? -0.596  -13.959 -0.065  1.00 18.54 ? 75  ASP A CB  1 
ATOM   580  C  CG  . ASP A 1 75  ? -0.482  -15.097 0.931   1.00 22.58 ? 75  ASP A CG  1 
ATOM   581  O  OD1 . ASP A 1 75  ? -1.512  -15.483 1.539   1.00 22.69 ? 75  ASP A OD1 1 
ATOM   582  O  OD2 . ASP A 1 75  ? 0.649   -15.595 1.120   1.00 25.25 ? 75  ASP A OD2 1 
ATOM   583  N  N   . VAL A 1 76  ? -2.521  -11.549 -1.058  1.00 12.76 ? 76  VAL A N   1 
ATOM   584  C  CA  . VAL A 1 76  ? -2.610  -10.329 -1.852  1.00 10.66 ? 76  VAL A CA  1 
ATOM   585  C  C   . VAL A 1 76  ? -1.757  -9.191  -1.309  1.00 9.81  ? 76  VAL A C   1 
ATOM   586  O  O   . VAL A 1 76  ? -1.846  -8.837  -0.129  1.00 9.44  ? 76  VAL A O   1 
ATOM   587  C  CB  . VAL A 1 76  ? -4.071  -9.830  -1.976  1.00 8.77  ? 76  VAL A CB  1 
ATOM   588  C  CG1 . VAL A 1 76  ? -4.119  -8.564  -2.807  1.00 10.83 ? 76  VAL A CG1 1 
ATOM   589  C  CG2 . VAL A 1 76  ? -4.940  -10.907 -2.610  1.00 11.56 ? 76  VAL A CG2 1 
ATOM   590  N  N   . VAL A 1 77  ? -0.955  -8.614  -2.205  1.00 9.29  ? 77  VAL A N   1 
ATOM   591  C  CA  . VAL A 1 77  ? -0.068  -7.494  -1.906  1.00 9.73  ? 77  VAL A CA  1 
ATOM   592  C  C   . VAL A 1 77  ? -0.551  -6.259  -2.664  1.00 11.71 ? 77  VAL A C   1 
ATOM   593  O  O   . VAL A 1 77  ? -0.434  -6.165  -3.893  1.00 11.41 ? 77  VAL A O   1 
ATOM   594  C  CB  . VAL A 1 77  ? 1.375   -7.787  -2.344  1.00 9.05  ? 77  VAL A CB  1 
ATOM   595  C  CG1 . VAL A 1 77  ? 2.254   -6.600  -2.018  1.00 8.65  ? 77  VAL A CG1 1 
ATOM   596  C  CG2 . VAL A 1 77  ? 1.889   -9.037  -1.641  1.00 9.35  ? 77  VAL A CG2 1 
ATOM   597  N  N   . LEU A 1 78  ? -1.093  -5.308  -1.920  1.00 13.35 ? 78  LEU A N   1 
ATOM   598  C  CA  . LEU A 1 78  ? -1.618  -4.093  -2.510  1.00 14.06 ? 78  LEU A CA  1 
ATOM   599  C  C   . LEU A 1 78  ? -0.712  -2.880  -2.311  1.00 14.62 ? 78  LEU A C   1 
ATOM   600  O  O   . LEU A 1 78  ? -0.297  -2.577  -1.193  1.00 14.35 ? 78  LEU A O   1 
ATOM   601  C  CB  . LEU A 1 78  ? -3.010  -3.824  -1.930  1.00 11.85 ? 78  LEU A CB  1 
ATOM   602  C  CG  . LEU A 1 78  ? -3.600  -2.442  -2.208  1.00 13.65 ? 78  LEU A CG  1 
ATOM   603  C  CD1 . LEU A 1 78  ? -3.744  -2.252  -3.697  1.00 10.58 ? 78  LEU A CD1 1 
ATOM   604  C  CD2 . LEU A 1 78  ? -4.973  -2.301  -1.491  1.00 11.36 ? 78  LEU A CD2 1 
ATOM   605  N  N   . ASP A 1 79  ? -0.395  -2.206  -3.414  1.00 15.99 ? 79  ASP A N   1 
ATOM   606  C  CA  . ASP A 1 79  ? 0.432   -1.002  -3.397  1.00 16.13 ? 79  ASP A CA  1 
ATOM   607  C  C   . ASP A 1 79  ? -0.412  0.176   -3.858  1.00 16.25 ? 79  ASP A C   1 
ATOM   608  O  O   . ASP A 1 79  ? -0.792  0.247   -5.025  1.00 17.50 ? 79  ASP A O   1 
ATOM   609  C  CB  . ASP A 1 79  ? 1.616   -1.134  -4.355  1.00 20.24 ? 79  ASP A CB  1 
ATOM   610  C  CG  . ASP A 1 79  ? 2.307   0.211   -4.626  1.00 21.99 ? 79  ASP A CG  1 
ATOM   611  O  OD1 . ASP A 1 79  ? 3.185   0.277   -5.513  1.00 21.63 ? 79  ASP A OD1 1 
ATOM   612  O  OD2 . ASP A 1 79  ? 1.970   1.208   -3.951  1.00 25.27 ? 79  ASP A OD2 1 
ATOM   613  N  N   . TYR A 1 80  ? -0.702  1.098   -2.949  1.00 15.88 ? 80  TYR A N   1 
ATOM   614  C  CA  . TYR A 1 80  ? -1.488  2.276   -3.298  1.00 14.96 ? 80  TYR A CA  1 
ATOM   615  C  C   . TYR A 1 80  ? -1.475  3.244   -2.124  1.00 16.27 ? 80  TYR A C   1 
ATOM   616  O  O   . TYR A 1 80  ? -0.816  2.988   -1.116  1.00 17.34 ? 80  TYR A O   1 
ATOM   617  C  CB  . TYR A 1 80  ? -2.937  1.880   -3.635  1.00 14.79 ? 80  TYR A CB  1 
ATOM   618  C  CG  . TYR A 1 80  ? -3.647  2.865   -4.548  1.00 12.78 ? 80  TYR A CG  1 
ATOM   619  C  CD1 . TYR A 1 80  ? -5.014  3.141   -4.399  1.00 15.15 ? 80  TYR A CD1 1 
ATOM   620  C  CD2 . TYR A 1 80  ? -2.951  3.534   -5.546  1.00 10.73 ? 80  TYR A CD2 1 
ATOM   621  C  CE1 . TYR A 1 80  ? -5.664  4.075   -5.227  1.00 13.09 ? 80  TYR A CE1 1 
ATOM   622  C  CE2 . TYR A 1 80  ? -3.577  4.452   -6.372  1.00 14.55 ? 80  TYR A CE2 1 
ATOM   623  C  CZ  . TYR A 1 80  ? -4.928  4.723   -6.210  1.00 14.97 ? 80  TYR A CZ  1 
ATOM   624  O  OH  . TYR A 1 80  ? -5.516  5.654   -7.029  1.00 15.51 ? 80  TYR A OH  1 
ATOM   625  N  N   . ILE A 1 81  ? -2.175  4.367   -2.261  1.00 17.61 ? 81  ILE A N   1 
ATOM   626  C  CA  . ILE A 1 81  ? -2.258  5.353   -1.184  1.00 18.04 ? 81  ILE A CA  1 
ATOM   627  C  C   . ILE A 1 81  ? -3.469  4.947   -0.359  1.00 16.23 ? 81  ILE A C   1 
ATOM   628  O  O   . ILE A 1 81  ? -4.569  4.854   -0.886  1.00 17.78 ? 81  ILE A O   1 
ATOM   629  C  CB  . ILE A 1 81  ? -2.468  6.774   -1.740  1.00 19.05 ? 81  ILE A CB  1 
ATOM   630  C  CG1 . ILE A 1 81  ? -1.309  7.141   -2.661  1.00 18.51 ? 81  ILE A CG1 1 
ATOM   631  C  CG2 . ILE A 1 81  ? -2.545  7.783   -0.603  1.00 20.33 ? 81  ILE A CG2 1 
ATOM   632  C  CD1 . ILE A 1 81  ? 0.038   7.089   -1.993  1.00 17.28 ? 81  ILE A CD1 1 
ATOM   633  N  N   . ALA A 1 82  ? -3.275  4.682   0.923   1.00 16.03 ? 82  ALA A N   1 
ATOM   634  C  CA  . ALA A 1 82  ? -4.397  4.262   1.751   1.00 16.27 ? 82  ALA A CA  1 
ATOM   635  C  C   . ALA A 1 82  ? -4.355  4.765   3.192   1.00 17.74 ? 82  ALA A C   1 
ATOM   636  O  O   . ALA A 1 82  ? -3.362  4.598   3.891   1.00 18.43 ? 82  ALA A O   1 
ATOM   637  C  CB  . ALA A 1 82  ? -4.503  2.743   1.738   1.00 11.50 ? 82  ALA A CB  1 
ATOM   638  N  N   . PHE A 1 83  ? -5.453  5.373   3.632   1.00 20.96 ? 83  PHE A N   1 
ATOM   639  C  CA  . PHE A 1 83  ? -5.563  5.872   4.995   1.00 22.49 ? 83  PHE A CA  1 
ATOM   640  C  C   . PHE A 1 83  ? -6.452  4.903   5.780   1.00 23.07 ? 83  PHE A C   1 
ATOM   641  O  O   . PHE A 1 83  ? -7.017  3.959   5.211   1.00 21.77 ? 83  PHE A O   1 
ATOM   642  C  CB  . PHE A 1 83  ? -6.163  7.284   4.992   1.00 21.60 ? 83  PHE A CB  1 
ATOM   643  C  CG  . PHE A 1 83  ? -5.355  8.273   4.203   1.00 23.30 ? 83  PHE A CG  1 
ATOM   644  C  CD1 . PHE A 1 83  ? -4.061  8.610   4.607   1.00 24.67 ? 83  PHE A CD1 1 
ATOM   645  C  CD2 . PHE A 1 83  ? -5.856  8.818   3.022   1.00 21.93 ? 83  PHE A CD2 1 
ATOM   646  C  CE1 . PHE A 1 83  ? -3.275  9.471   3.840   1.00 23.91 ? 83  PHE A CE1 1 
ATOM   647  C  CE2 . PHE A 1 83  ? -5.082  9.681   2.244   1.00 21.06 ? 83  PHE A CE2 1 
ATOM   648  C  CZ  . PHE A 1 83  ? -3.788  10.009  2.652   1.00 23.45 ? 83  PHE A CZ  1 
ATOM   649  N  N   . PRO A 1 84  ? -6.558  5.103   7.102   1.00 24.56 ? 84  PRO A N   1 
ATOM   650  C  CA  . PRO A 1 84  ? -7.377  4.256   7.981   1.00 24.16 ? 84  PRO A CA  1 
ATOM   651  C  C   . PRO A 1 84  ? -8.766  3.956   7.414   1.00 24.08 ? 84  PRO A C   1 
ATOM   652  O  O   . PRO A 1 84  ? -9.214  2.812   7.436   1.00 24.85 ? 84  PRO A O   1 
ATOM   653  C  CB  . PRO A 1 84  ? -7.431  5.066   9.273   1.00 24.55 ? 84  PRO A CB  1 
ATOM   654  C  CG  . PRO A 1 84  ? -6.022  5.615   9.335   1.00 26.19 ? 84  PRO A CG  1 
ATOM   655  C  CD  . PRO A 1 84  ? -5.778  6.078   7.893   1.00 24.57 ? 84  PRO A CD  1 
ATOM   656  N  N   . ASP A 1 85  ? -9.437  4.985   6.903   1.00 24.79 ? 85  ASP A N   1 
ATOM   657  C  CA  . ASP A 1 85  ? -10.770 4.840   6.315   1.00 24.71 ? 85  ASP A CA  1 
ATOM   658  C  C   . ASP A 1 85  ? -10.814 3.809   5.187   1.00 23.55 ? 85  ASP A C   1 
ATOM   659  O  O   . ASP A 1 85  ? -11.669 2.919   5.182   1.00 21.01 ? 85  ASP A O   1 
ATOM   660  C  CB  . ASP A 1 85  ? -11.258 6.188   5.784   1.00 26.78 ? 85  ASP A CB  1 
ATOM   661  C  CG  . ASP A 1 85  ? -11.856 7.068   6.876   1.00 29.12 ? 85  ASP A CG  1 
ATOM   662  O  OD1 . ASP A 1 85  ? -11.426 6.958   8.051   1.00 27.39 ? 85  ASP A OD1 1 
ATOM   663  O  OD2 . ASP A 1 85  ? -12.751 7.880   6.544   1.00 29.93 ? 85  ASP A OD2 1 
ATOM   664  N  N   . GLU A 1 86  ? -9.901  3.936   4.232   1.00 22.23 ? 86  GLU A N   1 
ATOM   665  C  CA  . GLU A 1 86  ? -9.856  3.006   3.115   1.00 22.01 ? 86  GLU A CA  1 
ATOM   666  C  C   . GLU A 1 86  ? -9.468  1.605   3.580   1.00 20.64 ? 86  GLU A C   1 
ATOM   667  O  O   . GLU A 1 86  ? -10.063 0.625   3.151   1.00 20.64 ? 86  GLU A O   1 
ATOM   668  C  CB  . GLU A 1 86  ? -8.878  3.497   2.042   1.00 23.89 ? 86  GLU A CB  1 
ATOM   669  C  CG  . GLU A 1 86  ? -9.326  4.762   1.319   1.00 27.19 ? 86  GLU A CG  1 
ATOM   670  C  CD  . GLU A 1 86  ? -9.012  6.033   2.097   1.00 30.12 ? 86  GLU A CD  1 
ATOM   671  O  OE1 . GLU A 1 86  ? -9.403  7.128   1.631   1.00 31.09 ? 86  GLU A OE1 1 
ATOM   672  O  OE2 . GLU A 1 86  ? -8.368  5.941   3.171   1.00 32.33 ? 86  GLU A OE2 1 
ATOM   673  N  N   . ALA A 1 87  ? -8.485  1.512   4.468   1.00 21.05 ? 87  ALA A N   1 
ATOM   674  C  CA  . ALA A 1 87  ? -8.046  0.213   4.977   1.00 21.57 ? 87  ALA A CA  1 
ATOM   675  C  C   . ALA A 1 87  ? -9.197  -0.479  5.699   1.00 20.87 ? 87  ALA A C   1 
ATOM   676  O  O   . ALA A 1 87  ? -9.431  -1.670  5.516   1.00 19.58 ? 87  ALA A O   1 
ATOM   677  C  CB  . ALA A 1 87  ? -6.863  0.389   5.932   1.00 20.39 ? 87  ALA A CB  1 
ATOM   678  N  N   . GLU A 1 88  ? -9.906  0.280   6.527   1.00 22.17 ? 88  GLU A N   1 
ATOM   679  C  CA  . GLU A 1 88  ? -11.034 -0.248  7.281   1.00 22.72 ? 88  GLU A CA  1 
ATOM   680  C  C   . GLU A 1 88  ? -12.102 -0.777  6.335   1.00 20.55 ? 88  GLU A C   1 
ATOM   681  O  O   . GLU A 1 88  ? -12.597 -1.883  6.504   1.00 20.14 ? 88  GLU A O   1 
ATOM   682  C  CB  . GLU A 1 88  ? -11.636 0.848   8.157   1.00 24.87 ? 88  GLU A CB  1 
ATOM   683  C  CG  . GLU A 1 88  ? -12.827 0.394   8.983   1.00 32.80 ? 88  GLU A CG  1 
ATOM   684  C  CD  . GLU A 1 88  ? -12.416 -0.262  10.287  1.00 37.10 ? 88  GLU A CD  1 
ATOM   685  O  OE1 . GLU A 1 88  ? -11.633 -1.243  10.245  1.00 40.34 ? 88  GLU A OE1 1 
ATOM   686  O  OE2 . GLU A 1 88  ? -12.880 0.204   11.357  1.00 38.27 ? 88  GLU A OE2 1 
ATOM   687  N  N   . ALA A 1 89  ? -12.444 0.019   5.330   1.00 19.66 ? 89  ALA A N   1 
ATOM   688  C  CA  . ALA A 1 89  ? -13.468 -0.374  4.376   1.00 20.51 ? 89  ALA A CA  1 
ATOM   689  C  C   . ALA A 1 89  ? -13.097 -1.658  3.647   1.00 21.06 ? 89  ALA A C   1 
ATOM   690  O  O   . ALA A 1 89  ? -13.906 -2.594  3.571   1.00 19.31 ? 89  ALA A O   1 
ATOM   691  C  CB  . ALA A 1 89  ? -13.709 0.746   3.370   1.00 20.88 ? 89  ALA A CB  1 
ATOM   692  N  N   . LEU A 1 90  ? -11.878 -1.700  3.112   1.00 18.68 ? 90  LEU A N   1 
ATOM   693  C  CA  . LEU A 1 90  ? -11.416 -2.881  2.393   1.00 19.06 ? 90  LEU A CA  1 
ATOM   694  C  C   . LEU A 1 90  ? -11.490 -4.119  3.279   1.00 20.74 ? 90  LEU A C   1 
ATOM   695  O  O   . LEU A 1 90  ? -11.967 -5.180  2.856   1.00 19.50 ? 90  LEU A O   1 
ATOM   696  C  CB  . LEU A 1 90  ? -9.982  -2.684  1.922   1.00 15.76 ? 90  LEU A CB  1 
ATOM   697  C  CG  . LEU A 1 90  ? -9.347  -3.926  1.297   1.00 15.56 ? 90  LEU A CG  1 
ATOM   698  C  CD1 . LEU A 1 90  ? -9.975  -4.229  -0.054  1.00 15.15 ? 90  LEU A CD1 1 
ATOM   699  C  CD2 . LEU A 1 90  ? -7.850  -3.672  1.149   1.00 19.25 ? 90  LEU A CD2 1 
ATOM   700  N  N   . ALA A 1 91  ? -11.021 -3.966  4.515   1.00 20.26 ? 91  ALA A N   1 
ATOM   701  C  CA  . ALA A 1 91  ? -11.019 -5.054  5.473   1.00 20.78 ? 91  ALA A CA  1 
ATOM   702  C  C   . ALA A 1 91  ? -12.421 -5.595  5.724   1.00 21.51 ? 91  ALA A C   1 
ATOM   703  O  O   . ALA A 1 91  ? -12.627 -6.817  5.773   1.00 19.75 ? 91  ALA A O   1 
ATOM   704  C  CB  . ALA A 1 91  ? -10.407 -4.591  6.777   1.00 22.30 ? 91  ALA A CB  1 
ATOM   705  N  N   . GLN A 1 92  ? -13.383 -4.689  5.889   1.00 21.41 ? 92  GLN A N   1 
ATOM   706  C  CA  . GLN A 1 92  ? -14.764 -5.092  6.146   1.00 22.65 ? 92  GLN A CA  1 
ATOM   707  C  C   . GLN A 1 92  ? -15.313 -5.964  5.030   1.00 20.97 ? 92  GLN A C   1 
ATOM   708  O  O   . GLN A 1 92  ? -15.967 -6.974  5.282   1.00 20.42 ? 92  GLN A O   1 
ATOM   709  C  CB  . GLN A 1 92  ? -15.658 -3.863  6.332   1.00 24.10 ? 92  GLN A CB  1 
ATOM   710  C  CG  . GLN A 1 92  ? -15.377 -3.109  7.612   1.00 30.03 ? 92  GLN A CG  1 
ATOM   711  C  CD  . GLN A 1 92  ? -16.387 -2.000  7.897   1.00 33.72 ? 92  GLN A CD  1 
ATOM   712  O  OE1 . GLN A 1 92  ? -16.288 -1.299  8.911   1.00 34.38 ? 92  GLN A OE1 1 
ATOM   713  N  NE2 . GLN A 1 92  ? -17.363 -1.836  7.004   1.00 36.05 ? 92  GLN A NE2 1 
ATOM   714  N  N   . THR A 1 93  ? -15.033 -5.582  3.792   1.00 21.51 ? 93  THR A N   1 
ATOM   715  C  CA  . THR A 1 93  ? -15.513 -6.345  2.644   1.00 21.77 ? 93  THR A CA  1 
ATOM   716  C  C   . THR A 1 93  ? -14.848 -7.714  2.533   1.00 21.65 ? 93  THR A C   1 
ATOM   717  O  O   . THR A 1 93  ? -15.528 -8.738  2.456   1.00 21.38 ? 93  THR A O   1 
ATOM   718  C  CB  . THR A 1 93  ? -15.252 -5.612  1.342   1.00 20.32 ? 93  THR A CB  1 
ATOM   719  O  OG1 . THR A 1 93  ? -15.733 -4.269  1.451   1.00 23.42 ? 93  THR A OG1 1 
ATOM   720  C  CG2 . THR A 1 93  ? -15.966 -6.315  0.203   1.00 24.16 ? 93  THR A CG2 1 
ATOM   721  N  N   . VAL A 1 94  ? -13.520 -7.732  2.524   1.00 20.79 ? 94  VAL A N   1 
ATOM   722  C  CA  . VAL A 1 94  ? -12.811 -8.996  2.403   1.00 22.60 ? 94  VAL A CA  1 
ATOM   723  C  C   . VAL A 1 94  ? -13.204 -9.954  3.523   1.00 24.07 ? 94  VAL A C   1 
ATOM   724  O  O   . VAL A 1 94  ? -13.520 -11.120 3.268   1.00 22.29 ? 94  VAL A O   1 
ATOM   725  C  CB  . VAL A 1 94  ? -11.272 -8.796  2.389   1.00 21.40 ? 94  VAL A CB  1 
ATOM   726  C  CG1 . VAL A 1 94  ? -10.892 -7.862  1.249   1.00 21.23 ? 94  VAL A CG1 1 
ATOM   727  C  CG2 . VAL A 1 94  ? -10.785 -8.243  3.710   1.00 23.41 ? 94  VAL A CG2 1 
ATOM   728  N  N   . GLN A 1 95  ? -13.214 -9.443  4.753   1.00 23.58 ? 95  GLN A N   1 
ATOM   729  C  CA  . GLN A 1 95  ? -13.565 -10.231 5.923   1.00 24.31 ? 95  GLN A CA  1 
ATOM   730  C  C   . GLN A 1 95  ? -14.989 -10.788 5.821   1.00 23.09 ? 95  GLN A C   1 
ATOM   731  O  O   . GLN A 1 95  ? -15.287 -11.847 6.365   1.00 22.73 ? 95  GLN A O   1 
ATOM   732  C  CB  . GLN A 1 95  ? -13.426 -9.370  7.181   1.00 28.43 ? 95  GLN A CB  1 
ATOM   733  C  CG  . GLN A 1 95  ? -13.371 -10.143 8.480   1.00 31.99 ? 95  GLN A CG  1 
ATOM   734  C  CD  . GLN A 1 95  ? -13.135 -9.232  9.684   1.00 35.43 ? 95  GLN A CD  1 
ATOM   735  O  OE1 . GLN A 1 95  ? -14.003 -8.437  10.059  1.00 37.16 ? 95  GLN A OE1 1 
ATOM   736  N  NE2 . GLN A 1 95  ? -11.953 -9.342  10.292  1.00 35.93 ? 95  GLN A NE2 1 
ATOM   737  N  N   . ALA A 1 96  ? -15.864 -10.080 5.118   1.00 20.66 ? 96  ALA A N   1 
ATOM   738  C  CA  . ALA A 1 96  ? -17.240 -10.527 4.961   1.00 20.77 ? 96  ALA A CA  1 
ATOM   739  C  C   . ALA A 1 96  ? -17.366 -11.498 3.790   1.00 20.43 ? 96  ALA A C   1 
ATOM   740  O  O   . ALA A 1 96  ? -18.377 -12.183 3.651   1.00 21.20 ? 96  ALA A O   1 
ATOM   741  C  CB  . ALA A 1 96  ? -18.171 -9.318  4.740   1.00 18.66 ? 96  ALA A CB  1 
ATOM   742  N  N   . LYS A 1 97  ? -16.343 -11.554 2.943   1.00 19.60 ? 97  LYS A N   1 
ATOM   743  C  CA  . LYS A 1 97  ? -16.371 -12.445 1.788   1.00 18.44 ? 97  LYS A CA  1 
ATOM   744  C  C   . LYS A 1 97  ? -15.350 -13.571 1.832   1.00 16.87 ? 97  LYS A C   1 
ATOM   745  O  O   . LYS A 1 97  ? -15.447 -14.527 1.058   1.00 17.47 ? 97  LYS A O   1 
ATOM   746  C  CB  . LYS A 1 97  ? -16.190 -11.642 0.499   1.00 18.86 ? 97  LYS A CB  1 
ATOM   747  C  CG  . LYS A 1 97  ? -17.402 -10.825 0.120   1.00 18.75 ? 97  LYS A CG  1 
ATOM   748  C  CD  . LYS A 1 97  ? -17.181 -10.098 -1.184  1.00 21.68 ? 97  LYS A CD  1 
ATOM   749  C  CE  . LYS A 1 97  ? -18.418 -9.308  -1.573  1.00 22.52 ? 97  LYS A CE  1 
ATOM   750  N  NZ  . LYS A 1 97  ? -18.170 -8.482  -2.788  1.00 26.53 ? 97  LYS A NZ  1 
ATOM   751  N  N   . VAL A 1 98  ? -14.378 -13.467 2.735   1.00 15.62 ? 98  VAL A N   1 
ATOM   752  C  CA  . VAL A 1 98  ? -13.344 -14.495 2.864   1.00 14.93 ? 98  VAL A CA  1 
ATOM   753  C  C   . VAL A 1 98  ? -13.003 -14.753 4.331   1.00 16.38 ? 98  VAL A C   1 
ATOM   754  O  O   . VAL A 1 98  ? -12.951 -13.826 5.137   1.00 18.31 ? 98  VAL A O   1 
ATOM   755  C  CB  . VAL A 1 98  ? -12.020 -14.092 2.161   1.00 13.95 ? 98  VAL A CB  1 
ATOM   756  C  CG1 . VAL A 1 98  ? -11.117 -15.326 2.033   1.00 14.20 ? 98  VAL A CG1 1 
ATOM   757  C  CG2 . VAL A 1 98  ? -12.291 -13.471 0.804   1.00 11.43 ? 98  VAL A CG2 1 
ATOM   758  N  N   . ASP A 1 99  ? -12.750 -16.014 4.661   1.00 16.96 ? 99  ASP A N   1 
ATOM   759  C  CA  . ASP A 1 99  ? -12.403 -16.413 6.016   1.00 16.35 ? 99  ASP A CA  1 
ATOM   760  C  C   . ASP A 1 99  ? -10.904 -16.628 6.168   1.00 17.98 ? 99  ASP A C   1 
ATOM   761  O  O   . ASP A 1 99  ? -10.204 -16.874 5.186   1.00 16.33 ? 99  ASP A O   1 
ATOM   762  C  CB  . ASP A 1 99  ? -13.116 -17.710 6.366   1.00 16.58 ? 99  ASP A CB  1 
ATOM   763  C  CG  . ASP A 1 99  ? -14.619 -17.592 6.248   1.00 19.73 ? 99  ASP A CG  1 
ATOM   764  O  OD1 . ASP A 1 99  ? -15.225 -18.412 5.519   1.00 19.14 ? 99  ASP A OD1 1 
ATOM   765  O  OD2 . ASP A 1 99  ? -15.187 -16.678 6.887   1.00 21.39 ? 99  ASP A OD2 1 
ATOM   766  N  N   . ASP A 1 100 ? -10.428 -16.523 7.408   1.00 17.04 ? 100 ASP A N   1 
ATOM   767  C  CA  . ASP A 1 100 ? -9.027  -16.728 7.726   1.00 18.69 ? 100 ASP A CA  1 
ATOM   768  C  C   . ASP A 1 100 ? -8.063  -15.837 6.950   1.00 20.24 ? 100 ASP A C   1 
ATOM   769  O  O   . ASP A 1 100 ? -7.067  -16.298 6.387   1.00 19.37 ? 100 ASP A O   1 
ATOM   770  C  CB  . ASP A 1 100 ? -8.693  -18.201 7.516   1.00 20.09 ? 100 ASP A CB  1 
ATOM   771  C  CG  . ASP A 1 100 ? -9.561  -19.109 8.372   1.00 20.65 ? 100 ASP A CG  1 
ATOM   772  O  OD1 . ASP A 1 100 ? -9.448  -19.016 9.609   1.00 21.16 ? 100 ASP A OD1 1 
ATOM   773  O  OD2 . ASP A 1 100 ? -10.357 -19.894 7.815   1.00 18.82 ? 100 ASP A OD2 1 
ATOM   774  N  N   . VAL A 1 101 ? -8.362  -14.547 6.939   1.00 20.14 ? 101 VAL A N   1 
ATOM   775  C  CA  . VAL A 1 101 ? -7.528  -13.593 6.243   1.00 20.33 ? 101 VAL A CA  1 
ATOM   776  C  C   . VAL A 1 101 ? -6.918  -12.620 7.239   1.00 20.34 ? 101 VAL A C   1 
ATOM   777  O  O   . VAL A 1 101 ? -7.621  -11.810 7.832   1.00 21.28 ? 101 VAL A O   1 
ATOM   778  C  CB  . VAL A 1 101 ? -8.349  -12.808 5.201   1.00 20.57 ? 101 VAL A CB  1 
ATOM   779  C  CG1 . VAL A 1 101 ? -7.480  -11.780 4.514   1.00 19.02 ? 101 VAL A CG1 1 
ATOM   780  C  CG2 . VAL A 1 101 ? -8.940  -13.774 4.187   1.00 21.53 ? 101 VAL A CG2 1 
ATOM   781  N  N   . GLU A 1 102 ? -5.610  -12.722 7.437   1.00 20.21 ? 102 GLU A N   1 
ATOM   782  C  CA  . GLU A 1 102 ? -4.908  -11.822 8.340   1.00 18.77 ? 102 GLU A CA  1 
ATOM   783  C  C   . GLU A 1 102 ? -4.476  -10.646 7.481   1.00 17.18 ? 102 GLU A C   1 
ATOM   784  O  O   . GLU A 1 102 ? -3.665  -10.803 6.571   1.00 15.84 ? 102 GLU A O   1 
ATOM   785  C  CB  . GLU A 1 102 ? -3.675  -12.506 8.936   1.00 19.84 ? 102 GLU A CB  1 
ATOM   786  C  CG  . GLU A 1 102 ? -2.869  -11.639 9.905   1.00 22.26 ? 102 GLU A CG  1 
ATOM   787  C  CD  . GLU A 1 102 ? -1.659  -12.381 10.465  1.00 27.18 ? 102 GLU A CD  1 
ATOM   788  O  OE1 . GLU A 1 102 ? -0.586  -12.354 9.821   1.00 27.76 ? 102 GLU A OE1 1 
ATOM   789  O  OE2 . GLU A 1 102 ? -1.789  -13.004 11.547  1.00 30.55 ? 102 GLU A OE2 1 
ATOM   790  N  N   . ILE A 1 103 ? -5.037  -9.479  7.759   1.00 16.44 ? 103 ILE A N   1 
ATOM   791  C  CA  . ILE A 1 103 ? -4.718  -8.281  7.005   1.00 17.16 ? 103 ILE A CA  1 
ATOM   792  C  C   . ILE A 1 103 ? -3.648  -7.474  7.723   1.00 17.65 ? 103 ILE A C   1 
ATOM   793  O  O   . ILE A 1 103 ? -3.688  -7.349  8.954   1.00 19.35 ? 103 ILE A O   1 
ATOM   794  C  CB  . ILE A 1 103 ? -5.966  -7.394  6.836   1.00 17.54 ? 103 ILE A CB  1 
ATOM   795  C  CG1 . ILE A 1 103 ? -7.078  -8.188  6.142   1.00 18.56 ? 103 ILE A CG1 1 
ATOM   796  C  CG2 . ILE A 1 103 ? -5.612  -6.146  6.045   1.00 17.88 ? 103 ILE A CG2 1 
ATOM   797  C  CD1 . ILE A 1 103 ? -8.388  -7.440  6.027   1.00 20.34 ? 103 ILE A CD1 1 
ATOM   798  N  N   . ARG A 1 104 ? -2.690  -6.941  6.965   1.00 16.08 ? 104 ARG A N   1 
ATOM   799  C  CA  . ARG A 1 104 ? -1.621  -6.120  7.542   1.00 16.29 ? 104 ARG A CA  1 
ATOM   800  C  C   . ARG A 1 104 ? -1.614  -4.735  6.921   1.00 16.39 ? 104 ARG A C   1 
ATOM   801  O  O   . ARG A 1 104 ? -1.694  -4.582  5.705   1.00 14.33 ? 104 ARG A O   1 
ATOM   802  C  CB  . ARG A 1 104 ? -0.238  -6.768  7.344   1.00 18.21 ? 104 ARG A CB  1 
ATOM   803  C  CG  . ARG A 1 104 ? 0.070   -7.929  8.292   1.00 19.28 ? 104 ARG A CG  1 
ATOM   804  C  CD  . ARG A 1 104 ? 1.347   -8.669  7.881   1.00 22.77 ? 104 ARG A CD  1 
ATOM   805  N  NE  . ARG A 1 104 ? 1.514   -9.935  8.592   1.00 25.69 ? 104 ARG A NE  1 
ATOM   806  C  CZ  . ARG A 1 104 ? 1.586   -10.048 9.914   1.00 28.53 ? 104 ARG A CZ  1 
ATOM   807  N  NH1 . ARG A 1 104 ? 1.733   -11.238 10.480  1.00 29.95 ? 104 ARG A NH1 1 
ATOM   808  N  NH2 . ARG A 1 104 ? 1.508   -8.970  10.681  1.00 32.16 ? 104 ARG A NH2 1 
ATOM   809  N  N   . PHE A 1 105 ? -1.530  -3.727  7.778   1.00 17.89 ? 105 PHE A N   1 
ATOM   810  C  CA  . PHE A 1 105 ? -1.498  -2.341  7.343   1.00 17.11 ? 105 PHE A CA  1 
ATOM   811  C  C   . PHE A 1 105 ? -0.085  -1.858  7.608   1.00 17.67 ? 105 PHE A C   1 
ATOM   812  O  O   . PHE A 1 105 ? 0.391   -1.898  8.743   1.00 17.91 ? 105 PHE A O   1 
ATOM   813  C  CB  . PHE A 1 105 ? -2.492  -1.508  8.146   1.00 18.38 ? 105 PHE A CB  1 
ATOM   814  C  CG  . PHE A 1 105 ? -2.636  -0.100  7.654   1.00 19.13 ? 105 PHE A CG  1 
ATOM   815  C  CD1 . PHE A 1 105 ? -2.609  0.966   8.546   1.00 18.39 ? 105 PHE A CD1 1 
ATOM   816  C  CD2 . PHE A 1 105 ? -2.825  0.163   6.304   1.00 16.28 ? 105 PHE A CD2 1 
ATOM   817  C  CE1 . PHE A 1 105 ? -2.775  2.267   8.100   1.00 18.19 ? 105 PHE A CE1 1 
ATOM   818  C  CE2 . PHE A 1 105 ? -2.994  1.464   5.851   1.00 17.79 ? 105 PHE A CE2 1 
ATOM   819  C  CZ  . PHE A 1 105 ? -2.967  2.519   6.752   1.00 17.17 ? 105 PHE A CZ  1 
ATOM   820  N  N   . ILE A 1 106 ? 0.584   -1.395  6.558   1.00 18.64 ? 106 ILE A N   1 
ATOM   821  C  CA  . ILE A 1 106 ? 1.963   -0.946  6.669   1.00 17.80 ? 106 ILE A CA  1 
ATOM   822  C  C   . ILE A 1 106 ? 2.201   0.368   5.936   1.00 18.65 ? 106 ILE A C   1 
ATOM   823  O  O   . ILE A 1 106 ? 1.991   0.471   4.726   1.00 19.38 ? 106 ILE A O   1 
ATOM   824  C  CB  . ILE A 1 106 ? 2.905   -2.020  6.104   1.00 18.70 ? 106 ILE A CB  1 
ATOM   825  C  CG1 . ILE A 1 106 ? 2.735   -3.311  6.907   1.00 15.57 ? 106 ILE A CG1 1 
ATOM   826  C  CG2 . ILE A 1 106 ? 4.349   -1.537  6.155   1.00 20.28 ? 106 ILE A CG2 1 
ATOM   827  C  CD1 . ILE A 1 106 ? 3.152   -4.536  6.162   1.00 19.64 ? 106 ILE A CD1 1 
ATOM   828  N  N   . ILE A 1 107 ? 2.643   1.368   6.687   1.00 18.48 ? 107 ILE A N   1 
ATOM   829  C  CA  . ILE A 1 107 ? 2.921   2.692   6.146   1.00 19.81 ? 107 ILE A CA  1 
ATOM   830  C  C   . ILE A 1 107 ? 4.431   2.897   6.109   1.00 20.22 ? 107 ILE A C   1 
ATOM   831  O  O   . ILE A 1 107 ? 5.062   3.107   7.146   1.00 19.56 ? 107 ILE A O   1 
ATOM   832  C  CB  . ILE A 1 107 ? 2.299   3.789   7.038   1.00 20.97 ? 107 ILE A CB  1 
ATOM   833  C  CG1 . ILE A 1 107 ? 0.798   3.528   7.210   1.00 22.60 ? 107 ILE A CG1 1 
ATOM   834  C  CG2 . ILE A 1 107 ? 2.526   5.151   6.418   1.00 20.29 ? 107 ILE A CG2 1 
ATOM   835  C  CD1 . ILE A 1 107 ? 0.142   4.391   8.260   1.00 23.73 ? 107 ILE A CD1 1 
ATOM   836  N  N   . LEU A 1 108 ? 5.017   2.819   4.921   1.00 21.02 ? 108 LEU A N   1 
ATOM   837  C  CA  . LEU A 1 108 ? 6.452   3.010   4.792   1.00 22.48 ? 108 LEU A CA  1 
ATOM   838  C  C   . LEU A 1 108 ? 6.776   4.501   4.906   1.00 25.97 ? 108 LEU A C   1 
ATOM   839  O  O   . LEU A 1 108 ? 6.161   5.331   4.234   1.00 25.31 ? 108 LEU A O   1 
ATOM   840  C  CB  . LEU A 1 108 ? 6.936   2.458   3.450   1.00 18.71 ? 108 LEU A CB  1 
ATOM   841  C  CG  . LEU A 1 108 ? 6.719   0.952   3.251   1.00 16.94 ? 108 LEU A CG  1 
ATOM   842  C  CD1 . LEU A 1 108 ? 7.112   0.558   1.835   1.00 16.42 ? 108 LEU A CD1 1 
ATOM   843  C  CD2 . LEU A 1 108 ? 7.541   0.180   4.263   1.00 13.87 ? 108 LEU A CD2 1 
ATOM   844  N  N   . TRP A 1 109 ? 7.724   4.829   5.783   1.00 29.22 ? 109 TRP A N   1 
ATOM   845  C  CA  . TRP A 1 109 ? 8.157   6.205   6.015   1.00 33.23 ? 109 TRP A CA  1 
ATOM   846  C  C   . TRP A 1 109 ? 9.677   6.278   6.061   1.00 34.91 ? 109 TRP A C   1 
ATOM   847  O  O   . TRP A 1 109 ? 10.340  5.306   6.416   1.00 35.78 ? 109 TRP A O   1 
ATOM   848  C  CB  . TRP A 1 109 ? 7.588   6.725   7.338   1.00 34.28 ? 109 TRP A CB  1 
ATOM   849  C  CG  . TRP A 1 109 ? 6.407   7.624   7.157   1.00 37.90 ? 109 TRP A CG  1 
ATOM   850  C  CD1 . TRP A 1 109 ? 5.247   7.327   6.505   1.00 38.00 ? 109 TRP A CD1 1 
ATOM   851  C  CD2 . TRP A 1 109 ? 6.284   8.985   7.598   1.00 39.74 ? 109 TRP A CD2 1 
ATOM   852  N  NE1 . TRP A 1 109 ? 4.408   8.417   6.504   1.00 39.28 ? 109 TRP A NE1 1 
ATOM   853  C  CE2 . TRP A 1 109 ? 5.013   9.447   7.167   1.00 39.76 ? 109 TRP A CE2 1 
ATOM   854  C  CE3 . TRP A 1 109 ? 7.118   9.856   8.312   1.00 39.05 ? 109 TRP A CE3 1 
ATOM   855  C  CZ2 . TRP A 1 109 ? 4.560   10.746  7.424   1.00 39.04 ? 109 TRP A CZ2 1 
ATOM   856  C  CZ3 . TRP A 1 109 ? 6.664   11.151  8.566   1.00 40.03 ? 109 TRP A CZ3 1 
ATOM   857  C  CH2 . TRP A 1 109 ? 5.393   11.579  8.122   1.00 39.73 ? 109 TRP A CH2 1 
ATOM   858  N  N   . THR A 1 110 ? 10.235  7.430   5.710   1.00 36.98 ? 110 THR A N   1 
ATOM   859  C  CA  . THR A 1 110 ? 11.683  7.589   5.737   1.00 38.99 ? 110 THR A CA  1 
ATOM   860  C  C   . THR A 1 110 ? 12.116  8.892   6.384   1.00 39.96 ? 110 THR A C   1 
ATOM   861  O  O   . THR A 1 110 ? 12.501  8.918   7.552   1.00 41.61 ? 110 THR A O   1 
ATOM   862  C  CB  . THR A 1 110 ? 12.289  7.519   4.327   1.00 37.70 ? 110 THR A CB  1 
ATOM   863  O  OG1 . THR A 1 110 ? 11.594  8.422   3.462   1.00 36.75 ? 110 THR A OG1 1 
ATOM   864  C  CG2 . THR A 1 110 ? 12.192  6.100   3.777   1.00 39.28 ? 110 THR A CG2 1 
ATOM   865  N  N   . ASN A 1 111 ? 12.049  9.975   5.625   1.00 41.05 ? 111 ASN A N   1 
ATOM   866  C  CA  . ASN A 1 111 ? 12.459  11.279  6.124   1.00 41.24 ? 111 ASN A CA  1 
ATOM   867  C  C   . ASN A 1 111 ? 12.071  12.355  5.123   1.00 41.54 ? 111 ASN A C   1 
ATOM   868  O  O   . ASN A 1 111 ? 12.112  12.136  3.911   1.00 41.54 ? 111 ASN A O   1 
ATOM   869  C  CB  . ASN A 1 111 ? 13.974  11.291  6.350   1.00 41.35 ? 111 ASN A CB  1 
ATOM   870  C  CG  . ASN A 1 111 ? 14.542  12.687  6.428   1.00 40.31 ? 111 ASN A CG  1 
ATOM   871  O  OD1 . ASN A 1 111 ? 15.500  13.011  5.723   1.00 40.11 ? 111 ASN A OD1 1 
ATOM   872  N  ND2 . ASN A 1 111 ? 13.961  13.525  7.284   1.00 41.70 ? 111 ASN A ND2 1 
ATOM   873  N  N   . ARG A 1 112 ? 11.694  13.520  5.636   1.00 41.98 ? 112 ARG A N   1 
ATOM   874  C  CA  . ARG A 1 112 ? 11.287  14.628  4.782   1.00 43.07 ? 112 ARG A CA  1 
ATOM   875  C  C   . ARG A 1 112 ? 12.378  14.969  3.770   1.00 43.39 ? 112 ARG A C   1 
ATOM   876  O  O   . ARG A 1 112 ? 12.092  15.177  2.591   1.00 43.96 ? 112 ARG A O   1 
ATOM   877  C  CB  . ARG A 1 112 ? 10.974  15.851  5.640   1.00 44.68 ? 112 ARG A CB  1 
ATOM   878  C  CG  . ARG A 1 112 ? 10.505  15.509  7.043   1.00 44.65 ? 112 ARG A CG  1 
ATOM   879  C  CD  . ARG A 1 112 ? 10.018  16.745  7.768   1.00 45.76 ? 112 ARG A CD  1 
ATOM   880  N  NE  . ARG A 1 112 ? 8.661   17.123  7.372   1.00 46.52 ? 112 ARG A NE  1 
ATOM   881  C  CZ  . ARG A 1 112 ? 7.583   16.381  7.609   1.00 46.69 ? 112 ARG A CZ  1 
ATOM   882  N  NH1 . ARG A 1 112 ? 6.384   16.805  7.222   1.00 46.82 ? 112 ARG A NH1 1 
ATOM   883  N  NH2 . ARG A 1 112 ? 7.705   15.216  8.235   1.00 46.39 ? 112 ARG A NH2 1 
ATOM   884  N  N   . GLU A 1 113 ? 13.625  15.030  4.227   1.00 43.70 ? 113 GLU A N   1 
ATOM   885  C  CA  . GLU A 1 113 ? 14.730  15.341  3.325   1.00 44.67 ? 113 GLU A CA  1 
ATOM   886  C  C   . GLU A 1 113 ? 15.061  14.196  2.364   1.00 44.49 ? 113 GLU A C   1 
ATOM   887  O  O   . GLU A 1 113 ? 15.519  14.429  1.245   1.00 44.19 ? 113 GLU A O   1 
ATOM   888  C  CB  . GLU A 1 113 ? 15.985  15.714  4.111   1.00 45.12 ? 113 GLU A CB  1 
ATOM   889  C  CG  . GLU A 1 113 ? 16.004  17.140  4.612   1.00 45.81 ? 113 GLU A CG  1 
ATOM   890  C  CD  . GLU A 1 113 ? 17.412  17.611  4.895   1.00 46.45 ? 113 GLU A CD  1 
ATOM   891  O  OE1 . GLU A 1 113 ? 18.227  17.652  3.944   1.00 46.00 ? 113 GLU A OE1 1 
ATOM   892  O  OE2 . GLU A 1 113 ? 17.712  17.930  6.067   1.00 47.42 ? 113 GLU A OE2 1 
ATOM   893  N  N   . GLU A 1 114 ? 14.837  12.963  2.802   1.00 44.34 ? 114 GLU A N   1 
ATOM   894  C  CA  . GLU A 1 114 ? 15.104  11.811  1.958   1.00 44.34 ? 114 GLU A CA  1 
ATOM   895  C  C   . GLU A 1 114 ? 14.216  11.846  0.723   1.00 44.84 ? 114 GLU A C   1 
ATOM   896  O  O   . GLU A 1 114 ? 14.697  11.716  -0.403  1.00 46.02 ? 114 GLU A O   1 
ATOM   897  C  CB  . GLU A 1 114 ? 14.866  10.513  2.732   1.00 44.90 ? 114 GLU A CB  1 
ATOM   898  C  CG  . GLU A 1 114 ? 15.916  10.238  3.795   1.00 44.21 ? 114 GLU A CG  1 
ATOM   899  C  CD  . GLU A 1 114 ? 17.320  10.333  3.230   1.00 44.95 ? 114 GLU A CD  1 
ATOM   900  O  OE1 . GLU A 1 114 ? 17.609  9.631   2.236   1.00 44.07 ? 114 GLU A OE1 1 
ATOM   901  O  OE2 . GLU A 1 114 ? 18.128  11.115  3.775   1.00 45.50 ? 114 GLU A OE2 1 
ATOM   902  N  N   . LEU A 1 115 ? 12.918  12.029  0.937   1.00 44.45 ? 115 LEU A N   1 
ATOM   903  C  CA  . LEU A 1 115 ? 11.968  12.077  -0.164  1.00 45.46 ? 115 LEU A CA  1 
ATOM   904  C  C   . LEU A 1 115 ? 12.311  13.250  -1.072  1.00 46.53 ? 115 LEU A C   1 
ATOM   905  O  O   . LEU A 1 115 ? 11.903  13.294  -2.233  1.00 46.63 ? 115 LEU A O   1 
ATOM   906  C  CB  . LEU A 1 115 ? 10.540  12.219  0.378   1.00 44.20 ? 115 LEU A CB  1 
ATOM   907  C  CG  . LEU A 1 115 ? 10.104  11.168  1.405   1.00 44.10 ? 115 LEU A CG  1 
ATOM   908  C  CD1 . LEU A 1 115 ? 8.637   11.364  1.736   1.00 42.74 ? 115 LEU A CD1 1 
ATOM   909  C  CD2 . LEU A 1 115 ? 10.346  9.761   0.860   1.00 42.54 ? 115 LEU A CD2 1 
ATOM   910  N  N   . LEU A 1 116 ? 13.065  14.200  -0.523  1.00 48.32 ? 116 LEU A N   1 
ATOM   911  C  CA  . LEU A 1 116 ? 13.501  15.387  -1.254  1.00 50.00 ? 116 LEU A CA  1 
ATOM   912  C  C   . LEU A 1 116 ? 14.465  15.012  -2.379  1.00 50.56 ? 116 LEU A C   1 
ATOM   913  O  O   . LEU A 1 116 ? 14.420  15.587  -3.465  1.00 51.08 ? 116 LEU A O   1 
ATOM   914  C  CB  . LEU A 1 116 ? 14.187  16.362  -0.288  1.00 50.84 ? 116 LEU A CB  1 
ATOM   915  C  CG  . LEU A 1 116 ? 15.229  17.351  -0.831  1.00 52.34 ? 116 LEU A CG  1 
ATOM   916  C  CD1 . LEU A 1 116 ? 14.571  18.376  -1.755  1.00 51.35 ? 116 LEU A CD1 1 
ATOM   917  C  CD2 . LEU A 1 116 ? 15.911  18.046  0.345   1.00 50.28 ? 116 LEU A CD2 1 
ATOM   918  N  N   . ARG A 1 117 ? 15.337  14.043  -2.120  1.00 51.50 ? 117 ARG A N   1 
ATOM   919  C  CA  . ARG A 1 117 ? 16.304  13.616  -3.124  1.00 52.39 ? 117 ARG A CA  1 
ATOM   920  C  C   . ARG A 1 117 ? 15.815  12.406  -3.923  1.00 52.23 ? 117 ARG A C   1 
ATOM   921  O  O   . ARG A 1 117 ? 16.079  12.294  -5.124  1.00 51.12 ? 117 ARG A O   1 
ATOM   922  C  CB  . ARG A 1 117 ? 17.651  13.306  -2.458  1.00 53.24 ? 117 ARG A CB  1 
ATOM   923  C  CG  . ARG A 1 117 ? 18.225  14.494  -1.697  1.00 55.77 ? 117 ARG A CG  1 
ATOM   924  C  CD  . ARG A 1 117 ? 18.270  15.740  -2.589  1.00 57.06 ? 117 ARG A CD  1 
ATOM   925  N  NE  . ARG A 1 117 ? 18.239  16.981  -1.817  1.00 58.37 ? 117 ARG A NE  1 
ATOM   926  C  CZ  . ARG A 1 117 ? 18.001  18.185  -2.335  1.00 58.53 ? 117 ARG A CZ  1 
ATOM   927  N  NH1 . ARG A 1 117 ? 17.770  18.315  -3.636  1.00 58.34 ? 117 ARG A NH1 1 
ATOM   928  N  NH2 . ARG A 1 117 ? 17.989  19.255  -1.550  1.00 57.83 ? 117 ARG A NH2 1 
ATOM   929  N  N   . ARG A 1 118 ? 15.094  11.512  -3.250  1.00 51.83 ? 118 ARG A N   1 
ATOM   930  C  CA  . ARG A 1 118 ? 14.562  10.312  -3.887  1.00 51.92 ? 118 ARG A CA  1 
ATOM   931  C  C   . ARG A 1 118 ? 13.797  10.604  -5.181  1.00 52.99 ? 118 ARG A C   1 
ATOM   932  O  O   . ARG A 1 118 ? 13.743  9.758   -6.076  1.00 53.71 ? 118 ARG A O   1 
ATOM   933  C  CB  . ARG A 1 118 ? 13.643  9.549   -2.918  1.00 50.35 ? 118 ARG A CB  1 
ATOM   934  C  CG  . ARG A 1 118 ? 14.310  8.407   -2.129  1.00 48.72 ? 118 ARG A CG  1 
ATOM   935  C  CD  . ARG A 1 118 ? 14.943  8.877   -0.824  1.00 47.26 ? 118 ARG A CD  1 
ATOM   936  N  NE  . ARG A 1 118 ? 15.509  7.777   -0.034  1.00 46.90 ? 118 ARG A NE  1 
ATOM   937  C  CZ  . ARG A 1 118 ? 14.804  6.772   0.486   1.00 46.66 ? 118 ARG A CZ  1 
ATOM   938  N  NH1 . ARG A 1 118 ? 15.410  5.832   1.194   1.00 45.37 ? 118 ARG A NH1 1 
ATOM   939  N  NH2 . ARG A 1 118 ? 13.493  6.701   0.298   1.00 48.38 ? 118 ARG A NH2 1 
ATOM   940  N  N   . ASP A 1 119 ? 13.210  11.791  -5.293  1.00 53.86 ? 119 ASP A N   1 
ATOM   941  C  CA  . ASP A 1 119 ? 12.456  12.118  -6.500  1.00 54.76 ? 119 ASP A CA  1 
ATOM   942  C  C   . ASP A 1 119 ? 13.205  13.054  -7.443  1.00 54.96 ? 119 ASP A C   1 
ATOM   943  O  O   . ASP A 1 119 ? 12.748  13.322  -8.557  1.00 55.46 ? 119 ASP A O   1 
ATOM   944  C  CB  . ASP A 1 119 ? 11.116  12.750  -6.139  1.00 54.67 ? 119 ASP A CB  1 
ATOM   945  C  CG  . ASP A 1 119 ? 11.263  14.159  -5.635  1.00 54.86 ? 119 ASP A CG  1 
ATOM   946  O  OD1 . ASP A 1 119 ? 11.836  14.336  -4.542  1.00 55.08 ? 119 ASP A OD1 1 
ATOM   947  O  OD2 . ASP A 1 119 ? 10.811  15.092  -6.337  1.00 55.46 ? 119 ASP A OD2 1 
ATOM   948  N  N   . ALA A 1 120 ? 14.350  13.556  -7.002  1.00 55.35 ? 120 ALA A N   1 
ATOM   949  C  CA  . ALA A 1 120 ? 15.139  14.455  -7.835  1.00 55.40 ? 120 ALA A CA  1 
ATOM   950  C  C   . ALA A 1 120 ? 15.656  13.732  -9.081  1.00 55.11 ? 120 ALA A C   1 
ATOM   951  O  O   . ALA A 1 120 ? 16.435  14.295  -9.854  1.00 54.75 ? 120 ALA A O   1 
ATOM   952  C  CB  . ALA A 1 120 ? 16.314  15.024  -7.032  1.00 55.28 ? 120 ALA A CB  1 
ATOM   953  N  N   . LEU A 1 121 ? 15.228  12.484  -9.269  1.00 54.18 ? 121 LEU A N   1 
ATOM   954  C  CA  . LEU A 1 121 ? 15.649  11.696  -10.423 1.00 54.05 ? 121 LEU A CA  1 
ATOM   955  C  C   . LEU A 1 121 ? 14.470  11.018  -11.115 1.00 55.11 ? 121 LEU A C   1 
ATOM   956  O  O   . LEU A 1 121 ? 14.602  9.909   -11.644 1.00 55.71 ? 121 LEU A O   1 
ATOM   957  C  CB  . LEU A 1 121 ? 16.666  10.631  -10.008 1.00 52.32 ? 121 LEU A CB  1 
ATOM   958  C  CG  . LEU A 1 121 ? 17.947  11.121  -9.327  1.00 50.86 ? 121 LEU A CG  1 
ATOM   959  C  CD1 . LEU A 1 121 ? 17.642  11.515  -7.892  1.00 49.47 ? 121 LEU A CD1 1 
ATOM   960  C  CD2 . LEU A 1 121 ? 18.999  10.017  -9.357  1.00 49.61 ? 121 LEU A CD2 1 
ATOM   961  N  N   . ARG A 1 122 ? 13.320  11.688  -11.111 1.00 55.87 ? 122 ARG A N   1 
ATOM   962  C  CA  . ARG A 1 122 ? 12.116  11.148  -11.741 1.00 56.48 ? 122 ARG A CA  1 
ATOM   963  C  C   . ARG A 1 122 ? 12.056  11.499  -13.230 1.00 55.65 ? 122 ARG A C   1 
ATOM   964  O  O   . ARG A 1 122 ? 11.883  10.624  -14.081 1.00 55.68 ? 122 ARG A O   1 
ATOM   965  C  CB  . ARG A 1 122 ? 10.860  11.673  -11.024 1.00 57.04 ? 122 ARG A CB  1 
ATOM   966  C  CG  . ARG A 1 122 ? 10.629  13.174  -11.158 1.00 57.73 ? 122 ARG A CG  1 
ATOM   967  C  CD  . ARG A 1 122 ? 9.457   13.649  -10.300 1.00 58.08 ? 122 ARG A CD  1 
ATOM   968  N  NE  . ARG A 1 122 ? 9.141   15.054  -10.551 1.00 57.17 ? 122 ARG A NE  1 
ATOM   969  C  CZ  . ARG A 1 122 ? 8.396   15.817  -9.752  1.00 57.26 ? 122 ARG A CZ  1 
ATOM   970  N  NH1 . ARG A 1 122 ? 8.169   17.081  -10.074 1.00 57.25 ? 122 ARG A NH1 1 
ATOM   971  N  NH2 . ARG A 1 122 ? 7.884   15.325  -8.629  1.00 56.46 ? 122 ARG A NH2 1 
ATOM   972  N  N   . LYS A 1 123 ? 12.200  12.783  -13.541 1.00 54.33 ? 123 LYS A N   1 
ATOM   973  C  CA  . LYS A 1 123 ? 12.167  13.236  -14.924 1.00 52.85 ? 123 LYS A CA  1 
ATOM   974  C  C   . LYS A 1 123 ? 12.481  14.722  -14.964 1.00 52.30 ? 123 LYS A C   1 
ATOM   975  O  O   . LYS A 1 123 ? 11.623  15.540  -15.295 1.00 52.13 ? 123 LYS A O   1 
ATOM   976  C  CB  . LYS A 1 123 ? 10.785  12.988  -15.535 1.00 52.03 ? 123 LYS A CB  1 
ATOM   977  C  CG  . LYS A 1 123 ? 10.701  13.293  -17.028 1.00 49.39 ? 123 LYS A CG  1 
ATOM   978  C  CD  . LYS A 1 123 ? 9.287   13.691  -17.455 1.00 46.31 ? 123 LYS A CD  1 
ATOM   979  C  CE  . LYS A 1 123 ? 8.871   15.004  -16.805 1.00 45.19 ? 123 LYS A CE  1 
ATOM   980  N  NZ  . LYS A 1 123 ? 9.827   16.104  -17.111 1.00 43.13 ? 123 LYS A NZ  1 
ATOM   981  N  N   . LYS A 1 124 ? 13.714  15.067  -14.616 1.00 52.61 ? 124 LYS A N   1 
ATOM   982  C  CA  . LYS A 1 124 ? 14.136  16.461  -14.614 1.00 53.32 ? 124 LYS A CA  1 
ATOM   983  C  C   . LYS A 1 124 ? 15.638  16.570  -14.362 1.00 53.30 ? 124 LYS A C   1 
ATOM   984  O  O   . LYS A 1 124 ? 16.159  16.010  -13.398 1.00 53.40 ? 124 LYS A O   1 
ATOM   985  C  CB  . LYS A 1 124 ? 13.374  17.235  -13.536 1.00 53.28 ? 124 LYS A CB  1 
ATOM   986  C  CG  . LYS A 1 124 ? 13.574  18.736  -13.589 1.00 53.31 ? 124 LYS A CG  1 
ATOM   987  C  CD  . LYS A 1 124 ? 12.860  19.354  -14.783 1.00 52.94 ? 124 LYS A CD  1 
ATOM   988  C  CE  . LYS A 1 124 ? 13.047  20.857  -14.787 1.00 52.28 ? 124 LYS A CE  1 
ATOM   989  N  NZ  . LYS A 1 124 ? 12.275  21.510  -15.862 1.00 53.85 ? 124 LYS A NZ  1 
ATOM   990  N  N   . GLY A 1 129 ? 8.324   17.371  -6.799  1.00 51.83 ? 129 GLY A N   1 
ATOM   991  C  CA  . GLY A 1 129 ? 9.144   18.168  -5.907  1.00 51.46 ? 129 GLY A CA  1 
ATOM   992  C  C   . GLY A 1 129 ? 8.489   18.426  -4.563  1.00 51.46 ? 129 GLY A C   1 
ATOM   993  O  O   . GLY A 1 129 ? 8.311   17.506  -3.767  1.00 50.94 ? 129 GLY A O   1 
ATOM   994  N  N   . GLU A 1 130 ? 8.135   19.681  -4.308  1.00 52.06 ? 130 GLU A N   1 
ATOM   995  C  CA  . GLU A 1 130 ? 7.493   20.071  -3.051  1.00 52.60 ? 130 GLU A CA  1 
ATOM   996  C  C   . GLU A 1 130 ? 6.281   19.187  -2.765  1.00 51.01 ? 130 GLU A C   1 
ATOM   997  O  O   . GLU A 1 130 ? 5.995   18.867  -1.612  1.00 50.04 ? 130 GLU A O   1 
ATOM   998  C  CB  . GLU A 1 130 ? 7.038   21.532  -3.124  1.00 54.40 ? 130 GLU A CB  1 
ATOM   999  C  CG  . GLU A 1 130 ? 8.105   22.503  -3.604  1.00 57.57 ? 130 GLU A CG  1 
ATOM   1000 C  CD  . GLU A 1 130 ? 9.282   22.597  -2.652  1.00 59.38 ? 130 GLU A CD  1 
ATOM   1001 O  OE1 . GLU A 1 130 ? 9.070   23.002  -1.485  1.00 59.76 ? 130 GLU A OE1 1 
ATOM   1002 O  OE2 . GLU A 1 130 ? 10.417  22.266  -3.072  1.00 59.07 ? 130 GLU A OE2 1 
ATOM   1003 N  N   . ARG A 1 131 ? 5.581   18.810  -3.834  1.00 50.27 ? 131 ARG A N   1 
ATOM   1004 C  CA  . ARG A 1 131 ? 4.384   17.972  -3.771  1.00 49.73 ? 131 ARG A CA  1 
ATOM   1005 C  C   . ARG A 1 131 ? 4.622   16.658  -3.027  1.00 48.74 ? 131 ARG A C   1 
ATOM   1006 O  O   . ARG A 1 131 ? 3.685   16.061  -2.495  1.00 47.68 ? 131 ARG A O   1 
ATOM   1007 C  CB  . ARG A 1 131 ? 3.881   17.698  -5.199  1.00 50.44 ? 131 ARG A CB  1 
ATOM   1008 C  CG  . ARG A 1 131 ? 2.608   16.841  -5.315  1.00 51.94 ? 131 ARG A CG  1 
ATOM   1009 C  CD  . ARG A 1 131 ? 2.897   15.335  -5.189  1.00 51.09 ? 131 ARG A CD  1 
ATOM   1010 N  NE  . ARG A 1 131 ? 3.898   14.894  -6.160  1.00 49.89 ? 131 ARG A NE  1 
ATOM   1011 C  CZ  . ARG A 1 131 ? 4.437   13.680  -6.195  1.00 47.73 ? 131 ARG A CZ  1 
ATOM   1012 N  NH1 . ARG A 1 131 ? 4.076   12.761  -5.311  1.00 47.57 ? 131 ARG A NH1 1 
ATOM   1013 N  NH2 . ARG A 1 131 ? 5.343   13.388  -7.112  1.00 45.86 ? 131 ARG A NH2 1 
ATOM   1014 N  N   . CYS A 1 132 ? 5.871   16.206  -2.987  1.00 48.33 ? 132 CYS A N   1 
ATOM   1015 C  CA  . CYS A 1 132 ? 6.188   14.966  -2.290  1.00 49.99 ? 132 CYS A CA  1 
ATOM   1016 C  C   . CYS A 1 132 ? 5.917   15.095  -0.794  1.00 49.26 ? 132 CYS A C   1 
ATOM   1017 O  O   . CYS A 1 132 ? 5.969   14.107  -0.058  1.00 50.03 ? 132 CYS A O   1 
ATOM   1018 C  CB  . CYS A 1 132 ? 7.650   14.569  -2.518  1.00 51.88 ? 132 CYS A CB  1 
ATOM   1019 S  SG  . CYS A 1 132 ? 7.983   13.802  -4.139  1.00 57.86 ? 132 CYS A SG  1 
ATOM   1020 N  N   . LEU A 1 133 ? 5.626   16.315  -0.351  1.00 47.48 ? 133 LEU A N   1 
ATOM   1021 C  CA  . LEU A 1 133 ? 5.342   16.572  1.056   1.00 45.62 ? 133 LEU A CA  1 
ATOM   1022 C  C   . LEU A 1 133 ? 3.844   16.607  1.331   1.00 44.01 ? 133 LEU A C   1 
ATOM   1023 O  O   . LEU A 1 133 ? 3.411   16.426  2.469   1.00 43.70 ? 133 LEU A O   1 
ATOM   1024 C  CB  . LEU A 1 133 ? 5.968   17.901  1.492   1.00 45.42 ? 133 LEU A CB  1 
ATOM   1025 C  CG  . LEU A 1 133 ? 7.487   17.931  1.671   1.00 45.22 ? 133 LEU A CG  1 
ATOM   1026 C  CD1 . LEU A 1 133 ? 7.960   19.368  1.868   1.00 45.25 ? 133 LEU A CD1 1 
ATOM   1027 C  CD2 . LEU A 1 133 ? 7.871   17.069  2.859   1.00 46.05 ? 133 LEU A CD2 1 
ATOM   1028 N  N   . GLU A 1 134 ? 3.057   16.838  0.289   1.00 42.90 ? 134 GLU A N   1 
ATOM   1029 C  CA  . GLU A 1 134 ? 1.609   16.911  0.435   1.00 42.78 ? 134 GLU A CA  1 
ATOM   1030 C  C   . GLU A 1 134 ? 1.057   15.631  1.043   1.00 40.14 ? 134 GLU A C   1 
ATOM   1031 O  O   . GLU A 1 134 ? 0.240   15.680  1.960   1.00 40.07 ? 134 GLU A O   1 
ATOM   1032 C  CB  . GLU A 1 134 ? 0.954   17.181  -0.921  1.00 46.36 ? 134 GLU A CB  1 
ATOM   1033 C  CG  . GLU A 1 134 ? 1.540   18.389  -1.650  1.00 53.16 ? 134 GLU A CG  1 
ATOM   1034 C  CD  . GLU A 1 134 ? 0.826   18.704  -2.958  1.00 57.14 ? 134 GLU A CD  1 
ATOM   1035 O  OE1 . GLU A 1 134 ? 1.392   19.465  -3.776  1.00 59.11 ? 134 GLU A OE1 1 
ATOM   1036 O  OE2 . GLU A 1 134 ? -0.302  18.197  -3.161  1.00 60.05 ? 134 GLU A OE2 1 
ATOM   1037 N  N   . LEU A 1 135 ? 1.504   14.489  0.533   1.00 37.42 ? 135 LEU A N   1 
ATOM   1038 C  CA  . LEU A 1 135 ? 1.057   13.207  1.053   1.00 35.49 ? 135 LEU A CA  1 
ATOM   1039 C  C   . LEU A 1 135 ? 1.653   12.945  2.435   1.00 34.95 ? 135 LEU A C   1 
ATOM   1040 O  O   . LEU A 1 135 ? 1.054   12.250  3.253   1.00 36.42 ? 135 LEU A O   1 
ATOM   1041 C  CB  . LEU A 1 135 ? 1.439   12.075  0.088   1.00 34.08 ? 135 LEU A CB  1 
ATOM   1042 C  CG  . LEU A 1 135 ? 0.436   11.747  -1.030  1.00 33.47 ? 135 LEU A CG  1 
ATOM   1043 C  CD1 . LEU A 1 135 ? 1.078   10.856  -2.074  1.00 32.53 ? 135 LEU A CD1 1 
ATOM   1044 C  CD2 . LEU A 1 135 ? -0.788  11.075  -0.438  1.00 31.82 ? 135 LEU A CD2 1 
ATOM   1045 N  N   . VAL A 1 136 ? 2.827   13.507  2.700   1.00 34.18 ? 136 VAL A N   1 
ATOM   1046 C  CA  . VAL A 1 136 ? 3.477   13.318  3.991   1.00 34.37 ? 136 VAL A CA  1 
ATOM   1047 C  C   . VAL A 1 136 ? 2.632   13.856  5.141   1.00 35.20 ? 136 VAL A C   1 
ATOM   1048 O  O   . VAL A 1 136 ? 2.323   13.132  6.083   1.00 34.41 ? 136 VAL A O   1 
ATOM   1049 C  CB  . VAL A 1 136 ? 4.857   14.010  4.034   1.00 34.56 ? 136 VAL A CB  1 
ATOM   1050 C  CG1 . VAL A 1 136 ? 5.413   13.984  5.461   1.00 31.57 ? 136 VAL A CG1 1 
ATOM   1051 C  CG2 . VAL A 1 136 ? 5.817   13.307  3.088   1.00 32.64 ? 136 VAL A CG2 1 
ATOM   1052 N  N   . GLU A 1 137 ? 2.269   15.132  5.060   1.00 36.66 ? 137 GLU A N   1 
ATOM   1053 C  CA  . GLU A 1 137 ? 1.460   15.756  6.095   1.00 38.66 ? 137 GLU A CA  1 
ATOM   1054 C  C   . GLU A 1 137 ? 0.057   15.161  6.188   1.00 38.81 ? 137 GLU A C   1 
ATOM   1055 O  O   . GLU A 1 137 ? -0.614  15.318  7.206   1.00 40.33 ? 137 GLU A O   1 
ATOM   1056 C  CB  . GLU A 1 137 ? 1.370   17.263  5.855   1.00 41.62 ? 137 GLU A CB  1 
ATOM   1057 C  CG  . GLU A 1 137 ? 0.965   17.641  4.445   1.00 46.38 ? 137 GLU A CG  1 
ATOM   1058 C  CD  . GLU A 1 137 ? 0.811   19.138  4.274   1.00 50.10 ? 137 GLU A CD  1 
ATOM   1059 O  OE1 . GLU A 1 137 ? 0.662   19.596  3.116   1.00 52.63 ? 137 GLU A OE1 1 
ATOM   1060 O  OE2 . GLU A 1 137 ? 0.833   19.858  5.299   1.00 51.70 ? 137 GLU A OE2 1 
ATOM   1061 N  N   . GLU A 1 138 ? -0.397  14.487  5.135   1.00 38.49 ? 138 GLU A N   1 
ATOM   1062 C  CA  . GLU A 1 138 ? -1.722  13.872  5.166   1.00 39.47 ? 138 GLU A CA  1 
ATOM   1063 C  C   . GLU A 1 138 ? -1.736  12.687  6.131   1.00 39.41 ? 138 GLU A C   1 
ATOM   1064 O  O   . GLU A 1 138 ? -2.628  12.572  6.973   1.00 38.04 ? 138 GLU A O   1 
ATOM   1065 C  CB  . GLU A 1 138 ? -2.147  13.407  3.768   1.00 40.32 ? 138 GLU A CB  1 
ATOM   1066 C  CG  . GLU A 1 138 ? -2.868  14.471  2.958   1.00 40.55 ? 138 GLU A CG  1 
ATOM   1067 C  CD  . GLU A 1 138 ? -3.318  13.968  1.593   1.00 42.78 ? 138 GLU A CD  1 
ATOM   1068 O  OE1 . GLU A 1 138 ? -4.128  13.014  1.540   1.00 42.30 ? 138 GLU A OE1 1 
ATOM   1069 O  OE2 . GLU A 1 138 ? -2.861  14.532  0.570   1.00 42.56 ? 138 GLU A OE2 1 
ATOM   1070 N  N   . PHE A 1 139 ? -0.738  11.817  6.013   1.00 39.17 ? 139 PHE A N   1 
ATOM   1071 C  CA  . PHE A 1 139 ? -0.629  10.654  6.887   1.00 39.35 ? 139 PHE A CA  1 
ATOM   1072 C  C   . PHE A 1 139 ? -0.495  11.063  8.347   1.00 40.93 ? 139 PHE A C   1 
ATOM   1073 O  O   . PHE A 1 139 ? -1.075  10.435  9.235   1.00 41.31 ? 139 PHE A O   1 
ATOM   1074 C  CB  . PHE A 1 139 ? 0.574   9.798   6.476   1.00 36.01 ? 139 PHE A CB  1 
ATOM   1075 C  CG  . PHE A 1 139 ? 0.296   8.884   5.315   1.00 34.07 ? 139 PHE A CG  1 
ATOM   1076 C  CD1 . PHE A 1 139 ? -0.552  7.792   5.466   1.00 32.37 ? 139 PHE A CD1 1 
ATOM   1077 C  CD2 . PHE A 1 139 ? 0.871   9.121   4.069   1.00 32.60 ? 139 PHE A CD2 1 
ATOM   1078 C  CE1 . PHE A 1 139 ? -0.823  6.947   4.400   1.00 32.63 ? 139 PHE A CE1 1 
ATOM   1079 C  CE2 . PHE A 1 139 ? 0.606   8.281   2.993   1.00 32.12 ? 139 PHE A CE2 1 
ATOM   1080 C  CZ  . PHE A 1 139 ? -0.245  7.190   3.161   1.00 32.01 ? 139 PHE A CZ  1 
ATOM   1081 N  N   . GLU A 1 140 ? 0.272   12.120  8.592   1.00 42.78 ? 140 GLU A N   1 
ATOM   1082 C  CA  . GLU A 1 140 ? 0.477   12.613  9.946   1.00 45.39 ? 140 GLU A CA  1 
ATOM   1083 C  C   . GLU A 1 140 ? -0.816  13.135  10.564  1.00 45.38 ? 140 GLU A C   1 
ATOM   1084 O  O   . GLU A 1 140 ? -1.209  12.702  11.644  1.00 46.86 ? 140 GLU A O   1 
ATOM   1085 C  CB  . GLU A 1 140 ? 1.523   13.732  9.953   1.00 47.54 ? 140 GLU A CB  1 
ATOM   1086 C  CG  . GLU A 1 140 ? 2.859   13.341  9.351   1.00 50.73 ? 140 GLU A CG  1 
ATOM   1087 C  CD  . GLU A 1 140 ? 3.965   14.334  9.683   1.00 52.82 ? 140 GLU A CD  1 
ATOM   1088 O  OE1 . GLU A 1 140 ? 4.305   14.464  10.882  1.00 54.43 ? 140 GLU A OE1 1 
ATOM   1089 O  OE2 . GLU A 1 140 ? 4.492   14.981  8.750   1.00 52.67 ? 140 GLU A OE2 1 
ATOM   1090 N  N   . SER A 1 141 ? -1.474  14.063  9.872   1.00 45.19 ? 141 SER A N   1 
ATOM   1091 C  CA  . SER A 1 141 ? -2.714  14.657  10.360  1.00 44.79 ? 141 SER A CA  1 
ATOM   1092 C  C   . SER A 1 141 ? -3.822  13.635  10.566  1.00 44.93 ? 141 SER A C   1 
ATOM   1093 O  O   . SER A 1 141 ? -4.738  13.860  11.357  1.00 44.76 ? 141 SER A O   1 
ATOM   1094 C  CB  . SER A 1 141 ? -3.202  15.737  9.391   1.00 44.11 ? 141 SER A CB  1 
ATOM   1095 O  OG  . SER A 1 141 ? -3.529  15.190  8.126   1.00 43.07 ? 141 SER A OG  1 
ATOM   1096 N  N   . LYS A 1 142 ? -3.744  12.514  9.858   1.00 44.94 ? 142 LYS A N   1 
ATOM   1097 C  CA  . LYS A 1 142 ? -4.765  11.486  9.992   1.00 45.63 ? 142 LYS A CA  1 
ATOM   1098 C  C   . LYS A 1 142 ? -4.722  10.791  11.348  1.00 45.14 ? 142 LYS A C   1 
ATOM   1099 O  O   . LYS A 1 142 ? -5.547  9.923   11.629  1.00 46.43 ? 142 LYS A O   1 
ATOM   1100 C  CB  . LYS A 1 142 ? -4.634  10.448  8.874   1.00 46.81 ? 142 LYS A CB  1 
ATOM   1101 C  CG  . LYS A 1 142 ? -5.135  10.931  7.514   1.00 48.48 ? 142 LYS A CG  1 
ATOM   1102 C  CD  . LYS A 1 142 ? -6.612  11.300  7.563   1.00 49.24 ? 142 LYS A CD  1 
ATOM   1103 C  CE  . LYS A 1 142 ? -7.150  11.696  6.190   1.00 49.69 ? 142 LYS A CE  1 
ATOM   1104 N  NZ  . LYS A 1 142 ? -7.147  10.564  5.213   1.00 50.71 ? 142 LYS A NZ  1 
ATOM   1105 N  N   . GLY A 1 143 ? -3.766  11.179  12.186  1.00 44.05 ? 143 GLY A N   1 
ATOM   1106 C  CA  . GLY A 1 143 ? -3.644  10.577  13.503  1.00 42.37 ? 143 GLY A CA  1 
ATOM   1107 C  C   . GLY A 1 143 ? -3.660  9.059   13.475  1.00 41.38 ? 143 GLY A C   1 
ATOM   1108 O  O   . GLY A 1 143 ? -4.468  8.425   14.153  1.00 41.94 ? 143 GLY A O   1 
ATOM   1109 N  N   . ILE A 1 144 ? -2.760  8.478   12.689  1.00 39.72 ? 144 ILE A N   1 
ATOM   1110 C  CA  . ILE A 1 144 ? -2.655  7.030   12.554  1.00 37.59 ? 144 ILE A CA  1 
ATOM   1111 C  C   . ILE A 1 144 ? -1.792  6.441   13.670  1.00 36.92 ? 144 ILE A C   1 
ATOM   1112 O  O   . ILE A 1 144 ? -0.825  7.062   14.112  1.00 37.83 ? 144 ILE A O   1 
ATOM   1113 C  CB  . ILE A 1 144 ? -2.043  6.672   11.185  1.00 37.58 ? 144 ILE A CB  1 
ATOM   1114 C  CG1 . ILE A 1 144 ? -2.857  7.347   10.078  1.00 37.23 ? 144 ILE A CG1 1 
ATOM   1115 C  CG2 . ILE A 1 144 ? -2.018  5.164   10.989  1.00 37.03 ? 144 ILE A CG2 1 
ATOM   1116 C  CD1 . ILE A 1 144 ? -2.294  7.139   8.690   1.00 38.12 ? 144 ILE A CD1 1 
ATOM   1117 N  N   . ASP A 1 145 ? -2.147  5.249   14.134  1.00 36.51 ? 145 ASP A N   1 
ATOM   1118 C  CA  . ASP A 1 145 ? -1.386  4.591   15.192  1.00 37.91 ? 145 ASP A CA  1 
ATOM   1119 C  C   . ASP A 1 145 ? 0.075   4.464   14.750  1.00 38.16 ? 145 ASP A C   1 
ATOM   1120 O  O   . ASP A 1 145 ? 0.356   4.296   13.564  1.00 37.51 ? 145 ASP A O   1 
ATOM   1121 C  CB  . ASP A 1 145 ? -1.966  3.203   15.470  1.00 38.82 ? 145 ASP A CB  1 
ATOM   1122 C  CG  . ASP A 1 145 ? -1.602  2.684   16.845  1.00 40.98 ? 145 ASP A CG  1 
ATOM   1123 O  OD1 . ASP A 1 145 ? -0.394  2.561   17.146  1.00 41.94 ? 145 ASP A OD1 1 
ATOM   1124 O  OD2 . ASP A 1 145 ? -2.533  2.398   17.629  1.00 42.52 ? 145 ASP A OD2 1 
ATOM   1125 N  N   . GLU A 1 146 ? 1.000   4.530   15.702  1.00 38.31 ? 146 GLU A N   1 
ATOM   1126 C  CA  . GLU A 1 146 ? 2.426   4.446   15.387  1.00 38.02 ? 146 GLU A CA  1 
ATOM   1127 C  C   . GLU A 1 146 ? 2.953   3.039   15.092  1.00 35.93 ? 146 GLU A C   1 
ATOM   1128 O  O   . GLU A 1 146 ? 4.086   2.892   14.640  1.00 36.34 ? 146 GLU A O   1 
ATOM   1129 C  CB  . GLU A 1 146 ? 3.243   5.060   16.526  1.00 38.62 ? 146 GLU A CB  1 
ATOM   1130 C  CG  . GLU A 1 146 ? 4.366   5.972   16.059  1.00 42.37 ? 146 GLU A CG  1 
ATOM   1131 C  CD  . GLU A 1 146 ? 3.853   7.206   15.346  1.00 43.81 ? 146 GLU A CD  1 
ATOM   1132 O  OE1 . GLU A 1 146 ? 3.081   7.969   15.965  1.00 45.50 ? 146 GLU A OE1 1 
ATOM   1133 O  OE2 . GLU A 1 146 ? 4.220   7.418   14.168  1.00 45.67 ? 146 GLU A OE2 1 
ATOM   1134 N  N   . ARG A 1 147 ? 2.137   2.016   15.335  1.00 33.86 ? 147 ARG A N   1 
ATOM   1135 C  CA  . ARG A 1 147 ? 2.542   0.623   15.107  1.00 31.29 ? 147 ARG A CA  1 
ATOM   1136 C  C   . ARG A 1 147 ? 2.491   0.230   13.630  1.00 28.88 ? 147 ARG A C   1 
ATOM   1137 O  O   . ARG A 1 147 ? 3.083   -0.773  13.222  1.00 28.39 ? 147 ARG A O   1 
ATOM   1138 C  CB  . ARG A 1 147 ? 1.635   -0.331  15.900  1.00 33.22 ? 147 ARG A CB  1 
ATOM   1139 C  CG  . ARG A 1 147 ? 0.327   -0.675  15.185  1.00 36.11 ? 147 ARG A CG  1 
ATOM   1140 C  CD  . ARG A 1 147 ? -0.883  -0.553  16.088  1.00 39.99 ? 147 ARG A CD  1 
ATOM   1141 N  NE  . ARG A 1 147 ? -0.849  -1.464  17.224  1.00 43.00 ? 147 ARG A NE  1 
ATOM   1142 C  CZ  . ARG A 1 147 ? -1.682  -1.388  18.261  1.00 46.27 ? 147 ARG A CZ  1 
ATOM   1143 N  NH1 . ARG A 1 147 ? -2.612  -0.438  18.296  1.00 46.52 ? 147 ARG A NH1 1 
ATOM   1144 N  NH2 . ARG A 1 147 ? -1.581  -2.250  19.269  1.00 45.65 ? 147 ARG A NH2 1 
ATOM   1145 N  N   . TYR A 1 148 ? 1.763   1.014   12.840  1.00 26.05 ? 148 TYR A N   1 
ATOM   1146 C  CA  . TYR A 1 148 ? 1.615   0.735   11.422  1.00 25.39 ? 148 TYR A CA  1 
ATOM   1147 C  C   . TYR A 1 148 ? 2.721   1.374   10.600  1.00 24.92 ? 148 TYR A C   1 
ATOM   1148 O  O   . TYR A 1 148 ? 2.958   0.986   9.460   1.00 26.40 ? 148 TYR A O   1 
ATOM   1149 C  CB  . TYR A 1 148 ? 0.249   1.219   10.924  1.00 22.44 ? 148 TYR A CB  1 
ATOM   1150 C  CG  . TYR A 1 148 ? -0.924  0.582   11.637  1.00 21.29 ? 148 TYR A CG  1 
ATOM   1151 C  CD1 . TYR A 1 148 ? -0.976  -0.802  11.833  1.00 22.47 ? 148 TYR A CD1 1 
ATOM   1152 C  CD2 . TYR A 1 148 ? -1.983  1.356   12.112  1.00 21.21 ? 148 TYR A CD2 1 
ATOM   1153 C  CE1 . TYR A 1 148 ? -2.051  -1.399  12.484  1.00 23.35 ? 148 TYR A CE1 1 
ATOM   1154 C  CE2 . TYR A 1 148 ? -3.067  0.773   12.765  1.00 22.27 ? 148 TYR A CE2 1 
ATOM   1155 C  CZ  . TYR A 1 148 ? -3.095  -0.604  12.948  1.00 24.31 ? 148 TYR A CZ  1 
ATOM   1156 O  OH  . TYR A 1 148 ? -4.157  -1.194  13.592  1.00 26.11 ? 148 TYR A OH  1 
ATOM   1157 N  N   . PHE A 1 149 ? 3.399   2.357   11.175  1.00 24.16 ? 149 PHE A N   1 
ATOM   1158 C  CA  . PHE A 1 149 ? 4.478   3.016   10.464  1.00 24.43 ? 149 PHE A CA  1 
ATOM   1159 C  C   . PHE A 1 149 ? 5.733   2.160   10.518  1.00 24.50 ? 149 PHE A C   1 
ATOM   1160 O  O   . PHE A 1 149 ? 6.008   1.498   11.521  1.00 24.31 ? 149 PHE A O   1 
ATOM   1161 C  CB  . PHE A 1 149 ? 4.771   4.396   11.064  1.00 24.92 ? 149 PHE A CB  1 
ATOM   1162 C  CG  . PHE A 1 149 ? 3.719   5.437   10.763  1.00 23.70 ? 149 PHE A CG  1 
ATOM   1163 C  CD1 . PHE A 1 149 ? 2.448   5.358   11.331  1.00 22.59 ? 149 PHE A CD1 1 
ATOM   1164 C  CD2 . PHE A 1 149 ? 4.010   6.508   9.924   1.00 23.49 ? 149 PHE A CD2 1 
ATOM   1165 C  CE1 . PHE A 1 149 ? 1.490   6.330   11.071  1.00 22.70 ? 149 PHE A CE1 1 
ATOM   1166 C  CE2 . PHE A 1 149 ? 3.058   7.485   9.656   1.00 22.20 ? 149 PHE A CE2 1 
ATOM   1167 C  CZ  . PHE A 1 149 ? 1.795   7.397   10.231  1.00 22.92 ? 149 PHE A CZ  1 
ATOM   1168 N  N   . TYR A 1 150 ? 6.479   2.166   9.418   1.00 25.08 ? 150 TYR A N   1 
ATOM   1169 C  CA  . TYR A 1 150 ? 7.722   1.416   9.304   1.00 26.15 ? 150 TYR A CA  1 
ATOM   1170 C  C   . TYR A 1 150 ? 8.755   2.349   8.691   1.00 27.31 ? 150 TYR A C   1 
ATOM   1171 O  O   . TYR A 1 150 ? 8.868   2.445   7.465   1.00 27.64 ? 150 TYR A O   1 
ATOM   1172 C  CB  . TYR A 1 150 ? 7.536   0.198   8.400   1.00 25.73 ? 150 TYR A CB  1 
ATOM   1173 C  CG  . TYR A 1 150 ? 8.731   -0.728  8.380   1.00 26.88 ? 150 TYR A CG  1 
ATOM   1174 C  CD1 . TYR A 1 150 ? 8.830   -1.756  7.446   1.00 26.33 ? 150 TYR A CD1 1 
ATOM   1175 C  CD2 . TYR A 1 150 ? 9.755   -0.592  9.316   1.00 28.29 ? 150 TYR A CD2 1 
ATOM   1176 C  CE1 . TYR A 1 150 ? 9.920   -2.625  7.448   1.00 27.47 ? 150 TYR A CE1 1 
ATOM   1177 C  CE2 . TYR A 1 150 ? 10.845  -1.448  9.327   1.00 28.63 ? 150 TYR A CE2 1 
ATOM   1178 C  CZ  . TYR A 1 150 ? 10.922  -2.462  8.394   1.00 28.73 ? 150 TYR A CZ  1 
ATOM   1179 O  OH  . TYR A 1 150 ? 12.004  -3.309  8.414   1.00 30.33 ? 150 TYR A OH  1 
ATOM   1180 N  N   . ASN A 1 151 ? 9.503   3.040   9.547   1.00 28.61 ? 151 ASN A N   1 
ATOM   1181 C  CA  . ASN A 1 151 ? 10.525  3.985   9.093   1.00 29.42 ? 151 ASN A CA  1 
ATOM   1182 C  C   . ASN A 1 151 ? 11.775  3.265   8.593   1.00 28.95 ? 151 ASN A C   1 
ATOM   1183 O  O   . ASN A 1 151 ? 12.445  2.560   9.349   1.00 27.97 ? 151 ASN A O   1 
ATOM   1184 C  CB  . ASN A 1 151 ? 10.903  4.927   10.238  1.00 30.24 ? 151 ASN A CB  1 
ATOM   1185 C  CG  . ASN A 1 151 ? 11.693  6.130   9.767   1.00 32.60 ? 151 ASN A CG  1 
ATOM   1186 O  OD1 . ASN A 1 151 ? 12.739  5.995   9.124   1.00 32.64 ? 151 ASN A OD1 1 
ATOM   1187 N  ND2 . ASN A 1 151 ? 11.193  7.323   10.085  1.00 34.07 ? 151 ASN A ND2 1 
ATOM   1188 N  N   . THR A 1 152 ? 12.092  3.448   7.320   1.00 28.45 ? 152 THR A N   1 
ATOM   1189 C  CA  . THR A 1 152 ? 13.263  2.798   6.755   1.00 31.07 ? 152 THR A CA  1 
ATOM   1190 C  C   . THR A 1 152 ? 14.312  3.812   6.322   1.00 32.03 ? 152 THR A C   1 
ATOM   1191 O  O   . THR A 1 152 ? 15.082  3.562   5.394   1.00 31.87 ? 152 THR A O   1 
ATOM   1192 C  CB  . THR A 1 152 ? 12.885  1.916   5.548   1.00 31.62 ? 152 THR A CB  1 
ATOM   1193 O  OG1 . THR A 1 152 ? 12.234  2.715   4.555   1.00 32.21 ? 152 THR A OG1 1 
ATOM   1194 C  CG2 . THR A 1 152 ? 11.956  0.796   5.981   1.00 31.36 ? 152 THR A CG2 1 
ATOM   1195 N  N   . SER A 1 153 ? 14.344  4.953   7.005   1.00 32.88 ? 153 SER A N   1 
ATOM   1196 C  CA  . SER A 1 153 ? 15.306  5.996   6.678   1.00 35.39 ? 153 SER A CA  1 
ATOM   1197 C  C   . SER A 1 153 ? 16.711  5.608   7.136   1.00 36.88 ? 153 SER A C   1 
ATOM   1198 O  O   . SER A 1 153 ? 17.708  6.107   6.609   1.00 38.14 ? 153 SER A O   1 
ATOM   1199 C  CB  . SER A 1 153 ? 14.896  7.333   7.313   1.00 35.68 ? 153 SER A CB  1 
ATOM   1200 O  OG  . SER A 1 153 ? 15.005  7.310   8.725   1.00 36.30 ? 153 SER A OG  1 
ATOM   1201 N  N   . HIS A 1 154 ? 16.792  4.714   8.117   1.00 37.54 ? 154 HIS A N   1 
ATOM   1202 C  CA  . HIS A 1 154 ? 18.085  4.264   8.613   1.00 38.24 ? 154 HIS A CA  1 
ATOM   1203 C  C   . HIS A 1 154 ? 18.496  2.901   8.054   1.00 36.67 ? 154 HIS A C   1 
ATOM   1204 O  O   . HIS A 1 154 ? 19.586  2.415   8.347   1.00 36.97 ? 154 HIS A O   1 
ATOM   1205 C  CB  . HIS A 1 154 ? 18.092  4.213   10.147  1.00 41.58 ? 154 HIS A CB  1 
ATOM   1206 C  CG  . HIS A 1 154 ? 18.261  5.552   10.796  1.00 45.35 ? 154 HIS A CG  1 
ATOM   1207 N  ND1 . HIS A 1 154 ? 19.235  6.450   10.412  1.00 46.30 ? 154 HIS A ND1 1 
ATOM   1208 C  CD2 . HIS A 1 154 ? 17.600  6.137   11.826  1.00 46.69 ? 154 HIS A CD2 1 
ATOM   1209 C  CE1 . HIS A 1 154 ? 19.168  7.525   11.174  1.00 47.38 ? 154 HIS A CE1 1 
ATOM   1210 N  NE2 . HIS A 1 154 ? 18.184  7.361   12.040  1.00 47.46 ? 154 HIS A NE2 1 
ATOM   1211 N  N   . LEU A 1 155 ? 17.631  2.277   7.259   1.00 34.50 ? 155 LEU A N   1 
ATOM   1212 C  CA  . LEU A 1 155 ? 17.969  0.981   6.679   1.00 31.70 ? 155 LEU A CA  1 
ATOM   1213 C  C   . LEU A 1 155 ? 18.685  1.132   5.336   1.00 30.04 ? 155 LEU A C   1 
ATOM   1214 O  O   . LEU A 1 155 ? 18.736  2.218   4.755   1.00 28.24 ? 155 LEU A O   1 
ATOM   1215 C  CB  . LEU A 1 155 ? 16.715  0.115   6.505   1.00 32.70 ? 155 LEU A CB  1 
ATOM   1216 C  CG  . LEU A 1 155 ? 16.078  -0.523  7.748   1.00 34.06 ? 155 LEU A CG  1 
ATOM   1217 C  CD1 . LEU A 1 155 ? 17.171  -1.177  8.589   1.00 35.81 ? 155 LEU A CD1 1 
ATOM   1218 C  CD2 . LEU A 1 155 ? 15.340  0.516   8.569   1.00 34.80 ? 155 LEU A CD2 1 
ATOM   1219 N  N   . GLN A 1 156 ? 19.253  0.027   4.866   1.00 29.17 ? 156 GLN A N   1 
ATOM   1220 C  CA  . GLN A 1 156 ? 19.978  -0.014  3.602   1.00 27.33 ? 156 GLN A CA  1 
ATOM   1221 C  C   . GLN A 1 156 ? 19.176  -0.831  2.597   1.00 25.16 ? 156 GLN A C   1 
ATOM   1222 O  O   . GLN A 1 156 ? 18.560  -1.828  2.958   1.00 23.32 ? 156 GLN A O   1 
ATOM   1223 C  CB  . GLN A 1 156 ? 21.356  -0.656  3.811   1.00 27.45 ? 156 GLN A CB  1 
ATOM   1224 C  CG  . GLN A 1 156 ? 22.317  0.200   4.619   1.00 28.04 ? 156 GLN A CG  1 
ATOM   1225 C  CD  . GLN A 1 156 ? 22.766  1.422   3.845   1.00 28.34 ? 156 GLN A CD  1 
ATOM   1226 O  OE1 . GLN A 1 156 ? 23.522  1.310   2.881   1.00 31.97 ? 156 GLN A OE1 1 
ATOM   1227 N  NE2 . GLN A 1 156 ? 22.289  2.592   4.248   1.00 27.95 ? 156 GLN A NE2 1 
ATOM   1228 N  N   . PRO A 1 157 ? 19.163  -0.408  1.323   1.00 23.92 ? 157 PRO A N   1 
ATOM   1229 C  CA  . PRO A 1 157 ? 18.424  -1.126  0.277   1.00 23.20 ? 157 PRO A CA  1 
ATOM   1230 C  C   . PRO A 1 157 ? 18.974  -2.542  0.080   1.00 22.87 ? 157 PRO A C   1 
ATOM   1231 O  O   . PRO A 1 157 ? 18.290  -3.434  -0.427  1.00 20.69 ? 157 PRO A O   1 
ATOM   1232 C  CB  . PRO A 1 157 ? 18.624  -0.246  -0.956  1.00 22.59 ? 157 PRO A CB  1 
ATOM   1233 C  CG  . PRO A 1 157 ? 19.963  0.382   -0.705  1.00 25.60 ? 157 PRO A CG  1 
ATOM   1234 C  CD  . PRO A 1 157 ? 19.887  0.746   0.761   1.00 23.98 ? 157 PRO A CD  1 
ATOM   1235 N  N   . THR A 1 158 ? 20.216  -2.738  0.502   1.00 22.37 ? 158 THR A N   1 
ATOM   1236 C  CA  . THR A 1 158 ? 20.869  -4.027  0.387   1.00 22.27 ? 158 THR A CA  1 
ATOM   1237 C  C   . THR A 1 158 ? 20.323  -4.990  1.452   1.00 22.40 ? 158 THR A C   1 
ATOM   1238 O  O   . THR A 1 158 ? 20.769  -6.128  1.565   1.00 22.35 ? 158 THR A O   1 
ATOM   1239 C  CB  . THR A 1 158 ? 22.391  -3.859  0.555   1.00 21.76 ? 158 THR A CB  1 
ATOM   1240 O  OG1 . THR A 1 158 ? 23.057  -5.029  0.072   1.00 22.79 ? 158 THR A OG1 1 
ATOM   1241 C  CG2 . THR A 1 158 ? 22.743  -3.634  2.019   1.00 21.13 ? 158 THR A CG2 1 
ATOM   1242 N  N   . ASN A 1 159 ? 19.349  -4.518  2.228   1.00 22.83 ? 159 ASN A N   1 
ATOM   1243 C  CA  . ASN A 1 159 ? 18.725  -5.321  3.273   1.00 23.35 ? 159 ASN A CA  1 
ATOM   1244 C  C   . ASN A 1 159 ? 17.239  -5.486  2.961   1.00 22.93 ? 159 ASN A C   1 
ATOM   1245 O  O   . ASN A 1 159 ? 16.441  -5.879  3.822   1.00 21.70 ? 159 ASN A O   1 
ATOM   1246 C  CB  . ASN A 1 159 ? 18.896  -4.645  4.635   1.00 26.25 ? 159 ASN A CB  1 
ATOM   1247 C  CG  . ASN A 1 159 ? 20.365  -4.489  5.032   1.00 30.27 ? 159 ASN A CG  1 
ATOM   1248 O  OD1 . ASN A 1 159 ? 20.687  -3.795  6.000   1.00 32.14 ? 159 ASN A OD1 1 
ATOM   1249 N  ND2 . ASN A 1 159 ? 21.259  -5.141  4.285   1.00 29.69 ? 159 ASN A ND2 1 
ATOM   1250 N  N   . LEU A 1 160 ? 16.883  -5.195  1.713   1.00 20.21 ? 160 LEU A N   1 
ATOM   1251 C  CA  . LEU A 1 160 ? 15.507  -5.299  1.251   1.00 19.59 ? 160 LEU A CA  1 
ATOM   1252 C  C   . LEU A 1 160 ? 14.828  -6.613  1.637   1.00 19.21 ? 160 LEU A C   1 
ATOM   1253 O  O   . LEU A 1 160 ? 13.677  -6.603  2.071   1.00 19.01 ? 160 LEU A O   1 
ATOM   1254 C  CB  . LEU A 1 160 ? 15.449  -5.105  -0.271  1.00 18.14 ? 160 LEU A CB  1 
ATOM   1255 C  CG  . LEU A 1 160 ? 14.082  -5.269  -0.936  1.00 16.70 ? 160 LEU A CG  1 
ATOM   1256 C  CD1 . LEU A 1 160 ? 13.088  -4.291  -0.329  1.00 17.75 ? 160 LEU A CD1 1 
ATOM   1257 C  CD2 . LEU A 1 160 ? 14.209  -5.031  -2.430  1.00 16.72 ? 160 LEU A CD2 1 
ATOM   1258 N  N   . ASN A 1 161 ? 15.523  -7.741  1.489   1.00 18.76 ? 161 ASN A N   1 
ATOM   1259 C  CA  . ASN A 1 161 ? 14.924  -9.030  1.848   1.00 19.81 ? 161 ASN A CA  1 
ATOM   1260 C  C   . ASN A 1 161 ? 14.633  -9.174  3.342   1.00 20.69 ? 161 ASN A C   1 
ATOM   1261 O  O   . ASN A 1 161 ? 13.707  -9.885  3.728   1.00 20.55 ? 161 ASN A O   1 
ATOM   1262 C  CB  . ASN A 1 161 ? 15.802  -10.192 1.379   1.00 19.63 ? 161 ASN A CB  1 
ATOM   1263 C  CG  . ASN A 1 161 ? 15.736  -10.398 -0.124  1.00 21.42 ? 161 ASN A CG  1 
ATOM   1264 O  OD1 . ASN A 1 161 ? 16.760  -10.380 -0.808  1.00 22.91 ? 161 ASN A OD1 1 
ATOM   1265 N  ND2 . ASN A 1 161 ? 14.524  -10.596 -0.648  1.00 20.08 ? 161 ASN A ND2 1 
ATOM   1266 N  N   . ASP A 1 162 ? 15.409  -8.500  4.187   1.00 22.08 ? 162 ASP A N   1 
ATOM   1267 C  CA  . ASP A 1 162 ? 15.165  -8.577  5.623   1.00 23.27 ? 162 ASP A CA  1 
ATOM   1268 C  C   . ASP A 1 162 ? 13.918  -7.772  5.960   1.00 23.44 ? 162 ASP A C   1 
ATOM   1269 O  O   . ASP A 1 162 ? 13.078  -8.213  6.745   1.00 23.63 ? 162 ASP A O   1 
ATOM   1270 C  CB  . ASP A 1 162 ? 16.360  -8.034  6.413   1.00 25.48 ? 162 ASP A CB  1 
ATOM   1271 C  CG  . ASP A 1 162 ? 17.577  -8.928  6.308   1.00 28.38 ? 162 ASP A CG  1 
ATOM   1272 O  OD1 . ASP A 1 162 ? 17.451  -10.136 6.621   1.00 31.82 ? 162 ASP A OD1 1 
ATOM   1273 O  OD2 . ASP A 1 162 ? 18.657  -8.432  5.921   1.00 29.15 ? 162 ASP A OD2 1 
ATOM   1274 N  N   . ILE A 1 163 ? 13.813  -6.586  5.364   1.00 23.59 ? 163 ILE A N   1 
ATOM   1275 C  CA  . ILE A 1 163 ? 12.668  -5.703  5.567   1.00 24.08 ? 163 ILE A CA  1 
ATOM   1276 C  C   . ILE A 1 163 ? 11.359  -6.416  5.230   1.00 24.38 ? 163 ILE A C   1 
ATOM   1277 O  O   . ILE A 1 163 ? 10.431  -6.438  6.035   1.00 23.93 ? 163 ILE A O   1 
ATOM   1278 C  CB  . ILE A 1 163 ? 12.774  -4.439  4.679   1.00 23.68 ? 163 ILE A CB  1 
ATOM   1279 C  CG1 . ILE A 1 163 ? 13.851  -3.504  5.219   1.00 24.09 ? 163 ILE A CG1 1 
ATOM   1280 C  CG2 . ILE A 1 163 ? 11.431  -3.725  4.619   1.00 24.45 ? 163 ILE A CG2 1 
ATOM   1281 C  CD1 . ILE A 1 163 ? 14.106  -2.306  4.326   1.00 23.38 ? 163 ILE A CD1 1 
ATOM   1282 N  N   . VAL A 1 164 ? 11.287  -6.998  4.037   1.00 25.76 ? 164 VAL A N   1 
ATOM   1283 C  CA  . VAL A 1 164 ? 10.081  -7.698  3.619   1.00 28.57 ? 164 VAL A CA  1 
ATOM   1284 C  C   . VAL A 1 164 ? 9.858   -8.950  4.468   1.00 30.07 ? 164 VAL A C   1 
ATOM   1285 O  O   . VAL A 1 164 ? 8.738   -9.440  4.588   1.00 31.62 ? 164 VAL A O   1 
ATOM   1286 C  CB  . VAL A 1 164 ? 10.158  -8.098  2.131   1.00 28.48 ? 164 VAL A CB  1 
ATOM   1287 C  CG1 . VAL A 1 164 ? 10.347  -6.861  1.274   1.00 26.42 ? 164 VAL A CG1 1 
ATOM   1288 C  CG2 . VAL A 1 164 ? 11.296  -9.078  1.912   1.00 30.88 ? 164 VAL A CG2 1 
ATOM   1289 N  N   . LYS A 1 165 ? 10.935  -9.462  5.051   1.00 31.88 ? 165 LYS A N   1 
ATOM   1290 C  CA  . LYS A 1 165 ? 10.868  -10.646 5.894   1.00 32.04 ? 165 LYS A CA  1 
ATOM   1291 C  C   . LYS A 1 165 ? 10.235  -10.238 7.218   1.00 32.34 ? 165 LYS A C   1 
ATOM   1292 O  O   . LYS A 1 165 ? 9.482   -10.996 7.824   1.00 31.96 ? 165 LYS A O   1 
ATOM   1293 C  CB  . LYS A 1 165 ? 12.277  -11.189 6.151   1.00 32.51 ? 165 LYS A CB  1 
ATOM   1294 C  CG  . LYS A 1 165 ? 12.435  -12.704 6.024   1.00 34.78 ? 165 LYS A CG  1 
ATOM   1295 C  CD  . LYS A 1 165 ? 12.524  -13.144 4.562   1.00 34.87 ? 165 LYS A CD  1 
ATOM   1296 C  CE  . LYS A 1 165 ? 12.921  -14.621 4.427   1.00 36.54 ? 165 LYS A CE  1 
ATOM   1297 N  NZ  . LYS A 1 165 ? 11.950  -15.585 5.051   1.00 35.90 ? 165 LYS A NZ  1 
ATOM   1298 N  N   . ASN A 1 166 ? 10.542  -9.025  7.658   1.00 32.26 ? 166 ASN A N   1 
ATOM   1299 C  CA  . ASN A 1 166 ? 10.009  -8.529  8.909   1.00 33.85 ? 166 ASN A CA  1 
ATOM   1300 C  C   . ASN A 1 166 ? 8.523   -8.224  8.840   1.00 35.11 ? 166 ASN A C   1 
ATOM   1301 O  O   . ASN A 1 166 ? 7.726   -8.805  9.577   1.00 35.87 ? 166 ASN A O   1 
ATOM   1302 C  CB  . ASN A 1 166 ? 10.759  -7.274  9.347   1.00 35.00 ? 166 ASN A CB  1 
ATOM   1303 C  CG  . ASN A 1 166 ? 10.109  -6.604  10.541  1.00 36.84 ? 166 ASN A CG  1 
ATOM   1304 O  OD1 . ASN A 1 166 ? 9.823   -7.256  11.556  1.00 36.23 ? 166 ASN A OD1 1 
ATOM   1305 N  ND2 . ASN A 1 166 ? 9.872   -5.298  10.434  1.00 35.90 ? 166 ASN A ND2 1 
ATOM   1306 N  N   . LEU A 1 167 ? 8.153   -7.309  7.949   1.00 36.18 ? 167 LEU A N   1 
ATOM   1307 C  CA  . LEU A 1 167 ? 6.758   -6.914  7.793   1.00 35.72 ? 167 LEU A CA  1 
ATOM   1308 C  C   . LEU A 1 167 ? 5.866   -8.071  7.368   1.00 34.84 ? 167 LEU A C   1 
ATOM   1309 O  O   . LEU A 1 167 ? 4.643   -7.950  7.370   1.00 34.91 ? 167 LEU A O   1 
ATOM   1310 C  CB  . LEU A 1 167 ? 6.652   -5.749  6.801   1.00 35.91 ? 167 LEU A CB  1 
ATOM   1311 C  CG  . LEU A 1 167 ? 7.220   -5.930  5.397   1.00 36.32 ? 167 LEU A CG  1 
ATOM   1312 C  CD1 . LEU A 1 167 ? 6.181   -6.595  4.523   1.00 36.20 ? 167 LEU A CD1 1 
ATOM   1313 C  CD2 . LEU A 1 167 ? 7.592   -4.566  4.811   1.00 36.21 ? 167 LEU A CD2 1 
ATOM   1314 N  N   . LYS A 1 168 ? 6.471   -9.201  7.024   1.00 34.37 ? 168 LYS A N   1 
ATOM   1315 C  CA  . LYS A 1 168 ? 5.688   -10.360 6.615   1.00 34.37 ? 168 LYS A CA  1 
ATOM   1316 C  C   . LYS A 1 168 ? 5.204   -11.143 7.827   1.00 34.33 ? 168 LYS A C   1 
ATOM   1317 O  O   . LYS A 1 168 ? 4.145   -11.764 7.793   1.00 34.55 ? 168 LYS A O   1 
ATOM   1318 C  CB  . LYS A 1 168 ? 6.515   -11.290 5.726   1.00 33.81 ? 168 LYS A CB  1 
ATOM   1319 C  CG  . LYS A 1 168 ? 5.701   -12.442 5.159   1.00 32.98 ? 168 LYS A CG  1 
ATOM   1320 C  CD  . LYS A 1 168 ? 6.571   -13.595 4.689   1.00 33.78 ? 168 LYS A CD  1 
ATOM   1321 C  CE  . LYS A 1 168 ? 7.402   -13.249 3.478   1.00 33.33 ? 168 LYS A CE  1 
ATOM   1322 N  NZ  . LYS A 1 168 ? 8.356   -14.355 3.189   1.00 34.35 ? 168 LYS A NZ  1 
ATOM   1323 N  N   . THR A 1 169 ? 5.978   -11.098 8.904   1.00 34.70 ? 169 THR A N   1 
ATOM   1324 C  CA  . THR A 1 169 ? 5.635   -11.835 10.110  1.00 35.70 ? 169 THR A CA  1 
ATOM   1325 C  C   . THR A 1 169 ? 5.450   -10.956 11.341  1.00 36.26 ? 169 THR A C   1 
ATOM   1326 O  O   . THR A 1 169 ? 4.785   -11.354 12.301  1.00 37.22 ? 169 THR A O   1 
ATOM   1327 C  CB  . THR A 1 169 ? 6.714   -12.883 10.409  1.00 34.94 ? 169 THR A CB  1 
ATOM   1328 O  OG1 . THR A 1 169 ? 8.006   -12.272 10.308  1.00 36.17 ? 169 THR A OG1 1 
ATOM   1329 C  CG2 . THR A 1 169 ? 6.627   -14.029 9.415   1.00 34.96 ? 169 THR A CG2 1 
ATOM   1330 N  N   . ASN A 1 170 ? 6.036   -9.763  11.315  1.00 35.66 ? 170 ASN A N   1 
ATOM   1331 C  CA  . ASN A 1 170 ? 5.921   -8.856  12.448  1.00 35.55 ? 170 ASN A CA  1 
ATOM   1332 C  C   . ASN A 1 170 ? 4.440   -8.645  12.766  1.00 36.03 ? 170 ASN A C   1 
ATOM   1333 O  O   . ASN A 1 170 ? 3.660   -8.252  11.904  1.00 36.19 ? 170 ASN A O   1 
ATOM   1334 C  CB  . ASN A 1 170 ? 6.585   -7.517  12.140  1.00 33.48 ? 170 ASN A CB  1 
ATOM   1335 C  CG  . ASN A 1 170 ? 6.898   -6.739  13.391  1.00 33.13 ? 170 ASN A CG  1 
ATOM   1336 O  OD1 . ASN A 1 170 ? 6.125   -6.759  14.354  1.00 31.38 ? 170 ASN A OD1 1 
ATOM   1337 N  ND2 . ASN A 1 170 ? 8.034   -6.042  13.391  1.00 32.51 ? 170 ASN A ND2 1 
ATOM   1338 N  N   . PRO A 1 171 ? 4.035   -8.909  14.016  1.00 36.19 ? 171 PRO A N   1 
ATOM   1339 C  CA  . PRO A 1 171 ? 2.640   -8.753  14.439  1.00 35.57 ? 171 PRO A CA  1 
ATOM   1340 C  C   . PRO A 1 171 ? 2.155   -7.322  14.634  1.00 34.97 ? 171 PRO A C   1 
ATOM   1341 O  O   . PRO A 1 171 ? 0.951   -7.075  14.656  1.00 34.59 ? 171 PRO A O   1 
ATOM   1342 C  CB  . PRO A 1 171 ? 2.586   -9.568  15.727  1.00 36.21 ? 171 PRO A CB  1 
ATOM   1343 C  CG  . PRO A 1 171 ? 3.942   -9.328  16.313  1.00 36.39 ? 171 PRO A CG  1 
ATOM   1344 C  CD  . PRO A 1 171 ? 4.858   -9.462  15.109  1.00 36.53 ? 171 PRO A CD  1 
ATOM   1345 N  N   . ARG A 1 172 ? 3.082   -6.382  14.766  1.00 34.60 ? 172 ARG A N   1 
ATOM   1346 C  CA  . ARG A 1 172 ? 2.715   -4.984  14.970  1.00 34.99 ? 172 ARG A CA  1 
ATOM   1347 C  C   . ARG A 1 172 ? 1.836   -4.447  13.837  1.00 34.57 ? 172 ARG A C   1 
ATOM   1348 O  O   . ARG A 1 172 ? 1.010   -3.563  14.054  1.00 33.59 ? 172 ARG A O   1 
ATOM   1349 C  CB  . ARG A 1 172 ? 3.979   -4.118  15.110  1.00 35.82 ? 172 ARG A CB  1 
ATOM   1350 C  CG  . ARG A 1 172 ? 4.744   -3.889  13.811  1.00 38.86 ? 172 ARG A CG  1 
ATOM   1351 C  CD  . ARG A 1 172 ? 6.181   -3.481  14.090  1.00 41.63 ? 172 ARG A CD  1 
ATOM   1352 N  NE  . ARG A 1 172 ? 6.251   -2.262  14.880  1.00 43.82 ? 172 ARG A NE  1 
ATOM   1353 C  CZ  . ARG A 1 172 ? 6.388   -1.042  14.374  1.00 44.26 ? 172 ARG A CZ  1 
ATOM   1354 N  NH1 . ARG A 1 172 ? 6.435   0.010   15.187  1.00 47.07 ? 172 ARG A NH1 1 
ATOM   1355 N  NH2 . ARG A 1 172 ? 6.500   -0.869  13.065  1.00 42.05 ? 172 ARG A NH2 1 
ATOM   1356 N  N   . PHE A 1 173 ? 2.014   -4.980  12.633  1.00 34.31 ? 173 PHE A N   1 
ATOM   1357 C  CA  . PHE A 1 173 ? 1.230   -4.525  11.488  1.00 35.71 ? 173 PHE A CA  1 
ATOM   1358 C  C   . PHE A 1 173 ? -0.042  -5.346  11.311  1.00 37.52 ? 173 PHE A C   1 
ATOM   1359 O  O   . PHE A 1 173 ? -0.868  -5.041  10.450  1.00 37.22 ? 173 PHE A O   1 
ATOM   1360 C  CB  . PHE A 1 173 ? 2.058   -4.609  10.202  1.00 33.72 ? 173 PHE A CB  1 
ATOM   1361 C  CG  . PHE A 1 173 ? 3.426   -3.996  10.312  1.00 31.78 ? 173 PHE A CG  1 
ATOM   1362 C  CD1 . PHE A 1 173 ? 4.561   -4.801  10.308  1.00 30.99 ? 173 PHE A CD1 1 
ATOM   1363 C  CD2 . PHE A 1 173 ? 3.581   -2.617  10.418  1.00 30.84 ? 173 PHE A CD2 1 
ATOM   1364 C  CE1 . PHE A 1 173 ? 5.829   -4.242  10.404  1.00 29.99 ? 173 PHE A CE1 1 
ATOM   1365 C  CE2 . PHE A 1 173 ? 4.843   -2.048  10.515  1.00 28.79 ? 173 PHE A CE2 1 
ATOM   1366 C  CZ  . PHE A 1 173 ? 5.972   -2.863  10.508  1.00 29.07 ? 173 PHE A CZ  1 
ATOM   1367 N  N   . ILE A 1 174 ? -0.203  -6.376  12.136  1.00 39.84 ? 174 ILE A N   1 
ATOM   1368 C  CA  . ILE A 1 174 ? -1.355  -7.267  12.046  1.00 43.15 ? 174 ILE A CA  1 
ATOM   1369 C  C   . ILE A 1 174 ? -2.701  -6.547  12.079  1.00 44.77 ? 174 ILE A C   1 
ATOM   1370 O  O   . ILE A 1 174 ? -3.751  -7.186  12.169  1.00 45.71 ? 174 ILE A O   1 
ATOM   1371 C  CB  . ILE A 1 174 ? -1.315  -8.331  13.168  1.00 43.80 ? 174 ILE A CB  1 
ATOM   1372 C  CG1 . ILE A 1 174 ? -2.130  -9.552  12.751  1.00 44.97 ? 174 ILE A CG1 1 
ATOM   1373 C  CG2 . ILE A 1 174 ? -1.878  -7.750  14.467  1.00 46.15 ? 174 ILE A CG2 1 
ATOM   1374 C  CD1 . ILE A 1 174 ? -2.036  -10.726 13.709  1.00 46.29 ? 174 ILE A CD1 1 
ATOM   1375 N  N   . PHE A 1 175 ? -2.665  -5.220  12.006  1.00 46.13 ? 175 PHE A N   1 
ATOM   1376 C  CA  . PHE A 1 175 ? -3.875  -4.401  12.008  1.00 47.80 ? 175 PHE A CA  1 
ATOM   1377 C  C   . PHE A 1 175 ? -4.694  -4.651  13.266  1.00 51.01 ? 175 PHE A C   1 
ATOM   1378 O  O   . PHE A 1 175 ? -5.836  -5.134  13.201  1.00 50.42 ? 175 PHE A O   1 
ATOM   1379 C  CB  . PHE A 1 175 ? -4.730  -4.711  10.778  1.00 45.36 ? 175 PHE A CB  1 
ATOM   1380 C  CG  . PHE A 1 175 ? -5.645  -3.587  10.371  1.00 44.05 ? 175 PHE A CG  1 
ATOM   1381 C  CD1 . PHE A 1 175 ? -6.876  -3.857  9.784   1.00 43.54 ? 175 PHE A CD1 1 
ATOM   1382 C  CD2 . PHE A 1 175 ? -5.267  -2.261  10.544  1.00 43.35 ? 175 PHE A CD2 1 
ATOM   1383 C  CE1 . PHE A 1 175 ? -7.714  -2.823  9.377   1.00 43.04 ? 175 PHE A CE1 1 
ATOM   1384 C  CE2 . PHE A 1 175 ? -6.100  -1.222  10.138  1.00 42.26 ? 175 PHE A CE2 1 
ATOM   1385 C  CZ  . PHE A 1 175 ? -7.324  -1.503  9.554   1.00 41.63 ? 175 PHE A CZ  1 
ATOM   1386 N  N   . CYS A 1 176 ? -4.095  -4.322  14.408  1.00 53.41 ? 176 CYS A N   1 
ATOM   1387 C  CA  . CYS A 1 176 ? -4.730  -4.491  15.711  1.00 55.66 ? 176 CYS A CA  1 
ATOM   1388 C  C   . CYS A 1 176 ? -6.178  -3.996  15.689  1.00 56.10 ? 176 CYS A C   1 
ATOM   1389 O  O   . CYS A 1 176 ? -7.114  -4.793  15.758  1.00 56.24 ? 176 CYS A O   1 
ATOM   1390 C  CB  . CYS A 1 176 ? -3.926  -3.730  16.778  1.00 58.34 ? 176 CYS A CB  1 
ATOM   1391 S  SG  . CYS A 1 176 ? -2.153  -4.207  16.904  1.00 62.69 ? 176 CYS A SG  1 
HETATM 1392 S  S   . SO4 B 2 .   ? 7.147   4.509   -4.196  1.00 22.35 ? 190 SO4 A S   1 
HETATM 1393 O  O1  . SO4 B 2 .   ? 6.555   5.704   -4.818  1.00 21.39 ? 190 SO4 A O1  1 
HETATM 1394 O  O2  . SO4 B 2 .   ? 6.713   3.313   -4.944  1.00 22.42 ? 190 SO4 A O2  1 
HETATM 1395 O  O3  . SO4 B 2 .   ? 6.702   4.404   -2.793  1.00 21.88 ? 190 SO4 A O3  1 
HETATM 1396 O  O4  . SO4 B 2 .   ? 8.617   4.605   -4.229  1.00 21.42 ? 190 SO4 A O4  1 
HETATM 1397 O  O   . HOH C 3 .   ? -3.737  1.288   -16.453 1.00 21.29 ? 191 HOH A O   1 
HETATM 1398 O  O   . HOH C 3 .   ? 0.139   2.293   -6.936  1.00 12.87 ? 192 HOH A O   1 
HETATM 1399 O  O   . HOH C 3 .   ? -11.408 4.882   -11.216 1.00 23.58 ? 193 HOH A O   1 
HETATM 1400 O  O   . HOH C 3 .   ? -6.268  -9.012  10.538  1.00 21.96 ? 194 HOH A O   1 
HETATM 1401 O  O   . HOH C 3 .   ? 19.309  -10.564 -0.106  1.00 13.74 ? 195 HOH A O   1 
HETATM 1402 O  O   . HOH C 3 .   ? -13.883 -20.348 4.391   1.00 16.23 ? 196 HOH A O   1 
HETATM 1403 O  O   . HOH C 3 .   ? 18.313  -8.440  1.380   1.00 12.96 ? 197 HOH A O   1 
HETATM 1404 O  O   . HOH C 3 .   ? 11.515  17.820  -0.766  1.00 33.30 ? 198 HOH A O   1 
HETATM 1405 O  O   . HOH C 3 .   ? -11.380 -19.492 1.045   1.00 19.55 ? 199 HOH A O   1 
HETATM 1406 O  O   . HOH C 3 .   ? 24.778  -2.047  3.624   1.00 22.63 ? 200 HOH A O   1 
HETATM 1407 O  O   . HOH C 3 .   ? -13.238 -1.184  -0.324  1.00 15.76 ? 201 HOH A O   1 
HETATM 1408 O  O   . HOH C 3 .   ? 15.159  3.511   10.040  1.00 16.71 ? 202 HOH A O   1 
HETATM 1409 O  O   . HOH C 3 .   ? -15.480 2.041   -3.152  1.00 15.76 ? 203 HOH A O   1 
HETATM 1410 O  O   . HOH C 3 .   ? -12.064 -20.692 -1.819  1.00 22.45 ? 204 HOH A O   1 
HETATM 1411 O  O   . HOH C 3 .   ? 9.410   7.228   12.600  1.00 27.95 ? 205 HOH A O   1 
HETATM 1412 O  O   . HOH C 3 .   ? -15.264 8.414   -17.532 1.00 26.63 ? 206 HOH A O   1 
HETATM 1413 O  O   . HOH C 3 .   ? 12.647  16.837  -5.011  1.00 24.59 ? 207 HOH A O   1 
HETATM 1414 O  O   . HOH C 3 .   ? 4.932   -1.040  18.219  1.00 29.43 ? 208 HOH A O   1 
HETATM 1415 O  O   . HOH C 3 .   ? -8.617  17.269  -14.475 1.00 25.46 ? 209 HOH A O   1 
HETATM 1416 O  O   . HOH C 3 .   ? -16.531 -1.840  2.964   1.00 10.83 ? 210 HOH A O   1 
HETATM 1417 O  O   . HOH C 3 .   ? -12.339 -1.651  13.298  1.00 38.98 ? 211 HOH A O   1 
HETATM 1418 O  O   . HOH C 3 .   ? 2.527   -23.699 -3.179  1.00 32.28 ? 212 HOH A O   1 
HETATM 1419 O  O   . HOH C 3 .   ? -17.152 -7.284  7.693   1.00 27.07 ? 213 HOH A O   1 
HETATM 1420 O  O   . HOH C 3 .   ? 9.799   17.350  -14.569 1.00 27.11 ? 214 HOH A O   1 
HETATM 1421 O  O   . HOH C 3 .   ? 4.419   -21.862 -6.717  1.00 26.07 ? 215 HOH A O   1 
HETATM 1422 O  O   . HOH C 3 .   ? -5.356  17.320  7.949   1.00 24.08 ? 216 HOH A O   1 
HETATM 1423 O  O   . HOH C 3 .   ? -17.146 -10.343 -4.580  1.00 33.85 ? 217 HOH A O   1 
HETATM 1424 O  O   . HOH C 3 .   ? -11.084 -13.497 6.836   1.00 29.08 ? 218 HOH A O   1 
HETATM 1425 O  O   . HOH C 3 .   ? -3.174  -17.976 0.662   1.00 36.86 ? 219 HOH A O   1 
HETATM 1426 O  O   . HOH C 3 .   ? 4.388   -16.013 7.074   1.00 38.70 ? 220 HOH A O   1 
HETATM 1427 O  O   . HOH C 3 .   ? -11.881 -4.304  14.521  1.00 38.13 ? 221 HOH A O   1 
HETATM 1428 O  O   . HOH C 3 .   ? -4.217  -19.558 -7.376  1.00 22.44 ? 222 HOH A O   1 
HETATM 1429 O  O   . HOH C 3 .   ? -14.748 -14.143 7.801   1.00 28.88 ? 223 HOH A O   1 
HETATM 1430 O  O   . HOH C 3 .   ? -2.250  9.360   -10.329 1.00 32.33 ? 224 HOH A O   1 
HETATM 1431 O  O   . HOH C 3 .   ? -15.178 12.159  -15.787 1.00 24.63 ? 225 HOH A O   1 
HETATM 1432 O  O   . HOH C 3 .   ? 9.456   1.787   -5.092  1.00 30.24 ? 226 HOH A O   1 
# 
